data_5X5A
#
_entry.id   5X5A
#
_cell.length_a   109.533
_cell.length_b   109.533
_cell.length_c   317.467
_cell.angle_alpha   90.000
_cell.angle_beta   90.000
_cell.angle_gamma   90.000
#
_symmetry.space_group_name_H-M   'P 43 21 2'
#
loop_
_entity.id
_entity.type
_entity.pdbx_description
1 polymer 'Thymidylate synthase'
2 non-polymer 'PHOSPHATE ION'
3 water water
#
_entity_poly.entity_id   1
_entity_poly.type   'polypeptide(L)'
_entity_poly.pdbx_seq_one_letter_code
;SMPPHGELQYLGQIQHILRCGVRKDDRTGTGTLSVFGMQARYSLRDEFPLLTTKRVFWKGVLEELLWFIKGSTNAKELSS
KGVKIWDANGSRDFLDSLGFSTREEGDLGPVYGFQWRHFGAEYRDMESDYSGQGVDQLQRVIDTIKTNPDDRRIIMCAWN
PRDLPLMALPPCHALCQFYVVNSELSCQLYQRSGDMGLGVPFNIASYALLTYMIAHITGLKPGDFIHTLGDAHIYLNHIE
PLKIQLQREPRPFPKLRILRKVEKIDDFKAEDFQIEGYNPHPTIKMEMAV
;
_entity_poly.pdbx_strand_id   A,B,C,D,E,F
#
loop_
_chem_comp.id
_chem_comp.type
_chem_comp.name
_chem_comp.formula
PO4 non-polymer 'PHOSPHATE ION' 'O4 P -3'
#
# COMPACT_ATOMS: atom_id res chain seq x y z
N PRO A 3 -0.80 -34.04 9.72
CA PRO A 3 -1.73 -32.87 9.92
C PRO A 3 -1.21 -31.65 9.17
N PRO A 4 -1.78 -31.32 7.98
CA PRO A 4 -1.10 -30.31 7.15
C PRO A 4 -1.02 -28.84 7.75
N HIS A 5 0.01 -28.12 7.30
CA HIS A 5 0.24 -26.71 7.65
C HIS A 5 -0.96 -25.82 7.25
N GLY A 6 -1.54 -25.17 8.27
CA GLY A 6 -2.53 -24.11 8.13
C GLY A 6 -2.34 -23.15 6.95
N GLU A 7 -1.12 -22.76 6.65
CA GLU A 7 -0.87 -21.82 5.60
C GLU A 7 -1.28 -22.37 4.20
N LEU A 8 -1.34 -23.69 4.08
CA LEU A 8 -1.75 -24.30 2.83
C LEU A 8 -3.17 -23.92 2.40
N GLN A 9 -4.07 -23.65 3.35
CA GLN A 9 -5.40 -23.13 2.96
C GLN A 9 -5.30 -21.80 2.22
N TYR A 10 -4.50 -20.89 2.78
CA TYR A 10 -4.32 -19.58 2.18
C TYR A 10 -3.77 -19.79 0.79
N LEU A 11 -2.71 -20.61 0.69
CA LEU A 11 -2.14 -20.89 -0.62
C LEU A 11 -3.10 -21.62 -1.57
N GLY A 12 -3.91 -22.54 -1.03
CA GLY A 12 -4.96 -23.22 -1.81
C GLY A 12 -5.96 -22.21 -2.38
N GLN A 13 -6.39 -21.25 -1.55
CA GLN A 13 -7.31 -20.21 -2.01
C GLN A 13 -6.72 -19.37 -3.17
N ILE A 14 -5.45 -19.03 -3.05
CA ILE A 14 -4.75 -18.31 -4.14
C ILE A 14 -4.78 -19.15 -5.43
N GLN A 15 -4.44 -20.44 -5.28
CA GLN A 15 -4.43 -21.43 -6.40
C GLN A 15 -5.83 -21.46 -7.05
N HIS A 16 -6.88 -21.61 -6.23
CA HIS A 16 -8.26 -21.66 -6.75
C HIS A 16 -8.68 -20.38 -7.52
N ILE A 17 -8.23 -19.21 -7.06
CA ILE A 17 -8.57 -17.96 -7.74
C ILE A 17 -7.85 -17.85 -9.09
N LEU A 18 -6.59 -18.34 -9.10
CA LEU A 18 -5.79 -18.31 -10.32
C LEU A 18 -6.39 -19.18 -11.40
N ARG A 19 -6.80 -20.39 -11.02
CA ARG A 19 -7.43 -21.32 -11.97
C ARG A 19 -8.86 -20.92 -12.31
N CYS A 20 -9.69 -20.61 -11.30
CA CYS A 20 -11.15 -20.51 -11.50
C CYS A 20 -11.75 -19.10 -11.42
N GLY A 21 -11.01 -18.13 -10.85
CA GLY A 21 -11.52 -16.79 -10.70
C GLY A 21 -11.85 -16.17 -12.05
N VAL A 22 -12.77 -15.19 -12.06
CA VAL A 22 -13.18 -14.56 -13.29
C VAL A 22 -12.66 -13.13 -13.29
N ARG A 23 -12.43 -12.57 -14.49
CA ARG A 23 -12.09 -11.15 -14.65
C ARG A 23 -13.21 -10.24 -14.18
N LYS A 24 -12.86 -9.28 -13.31
CA LYS A 24 -13.81 -8.33 -12.68
C LYS A 24 -13.01 -7.07 -12.37
N ASP A 25 -13.54 -5.94 -12.81
CA ASP A 25 -12.86 -4.64 -12.61
C ASP A 25 -13.25 -4.05 -11.26
N ASP A 26 -12.42 -3.15 -10.72
CA ASP A 26 -12.74 -2.46 -9.45
C ASP A 26 -12.96 -0.95 -9.64
N ARG A 27 -13.07 -0.20 -8.54
CA ARG A 27 -13.22 1.29 -8.59
C ARG A 27 -12.10 1.96 -9.39
N THR A 28 -10.89 1.43 -9.27
CA THR A 28 -9.75 1.95 -10.00
C THR A 28 -9.72 1.47 -11.47
N GLY A 29 -10.46 0.39 -11.79
CA GLY A 29 -10.46 -0.23 -13.13
C GLY A 29 -9.24 -1.11 -13.47
N THR A 30 -8.38 -1.40 -12.44
CA THR A 30 -7.16 -2.20 -12.61
C THR A 30 -7.41 -3.68 -12.84
N GLY A 31 -8.55 -4.20 -12.34
CA GLY A 31 -8.95 -5.53 -12.69
C GLY A 31 -8.37 -6.57 -11.78
N THR A 32 -9.13 -7.65 -11.62
CA THR A 32 -8.85 -8.67 -10.64
C THR A 32 -9.29 -9.99 -11.25
N LEU A 33 -8.73 -11.08 -10.72
CA LEU A 33 -9.38 -12.36 -10.78
C LEU A 33 -10.13 -12.52 -9.46
N SER A 34 -11.34 -13.08 -9.52
CA SER A 34 -12.28 -12.98 -8.42
C SER A 34 -13.17 -14.21 -8.23
N VAL A 35 -13.28 -14.67 -6.98
CA VAL A 35 -14.25 -15.69 -6.57
C VAL A 35 -15.11 -15.08 -5.45
N PHE A 36 -16.41 -15.37 -5.46
CA PHE A 36 -17.29 -14.93 -4.41
C PHE A 36 -17.63 -16.07 -3.48
N GLY A 37 -17.36 -15.89 -2.19
CA GLY A 37 -17.62 -16.91 -1.16
C GLY A 37 -16.46 -17.88 -1.00
N MET A 38 -15.64 -17.70 0.03
CA MET A 38 -14.64 -18.72 0.39
C MET A 38 -14.53 -18.76 1.91
N GLN A 39 -13.97 -19.85 2.44
CA GLN A 39 -13.82 -20.07 3.86
C GLN A 39 -12.56 -20.88 4.14
N ALA A 40 -11.71 -20.38 5.04
CA ALA A 40 -10.59 -21.16 5.54
C ALA A 40 -10.67 -21.27 7.08
N ARG A 41 -10.07 -22.31 7.64
CA ARG A 41 -10.05 -22.50 9.10
C ARG A 41 -8.59 -22.51 9.59
N TYR A 42 -8.22 -21.59 10.45
CA TYR A 42 -6.84 -21.57 10.99
C TYR A 42 -6.88 -21.88 12.45
N SER A 43 -6.28 -22.99 12.83
CA SER A 43 -6.15 -23.37 14.26
C SER A 43 -5.31 -22.34 15.01
N LEU A 44 -5.72 -22.07 16.24
CA LEU A 44 -4.99 -21.14 17.12
C LEU A 44 -4.37 -21.86 18.34
N ARG A 45 -4.49 -23.20 18.38
CA ARG A 45 -4.08 -24.03 19.54
C ARG A 45 -2.56 -24.22 19.43
N ASP A 46 -1.80 -23.55 20.34
CA ASP A 46 -0.31 -23.59 20.40
C ASP A 46 0.42 -23.19 19.13
N GLU A 47 -0.19 -22.32 18.35
CA GLU A 47 0.38 -21.86 17.10
C GLU A 47 -0.36 -20.53 16.84
N PHE A 48 0.29 -19.60 16.13
CA PHE A 48 -0.31 -18.36 15.69
C PHE A 48 -0.15 -18.20 14.16
N PRO A 49 -1.25 -18.00 13.42
CA PRO A 49 -1.20 -18.02 11.94
C PRO A 49 -0.67 -16.75 11.27
N LEU A 50 0.58 -16.43 11.59
CA LEU A 50 1.30 -15.36 10.91
C LEU A 50 1.99 -15.98 9.70
N LEU A 51 1.54 -15.59 8.49
CA LEU A 51 1.95 -16.29 7.28
C LEU A 51 3.46 -16.26 7.07
N THR A 52 4.03 -17.38 6.62
CA THR A 52 5.48 -17.52 6.49
C THR A 52 5.98 -17.42 5.05
N THR A 53 5.14 -17.68 4.05
CA THR A 53 5.66 -17.64 2.67
C THR A 53 5.93 -16.23 2.15
N LYS A 54 5.57 -15.26 2.95
CA LYS A 54 5.78 -13.84 2.73
C LYS A 54 5.73 -13.19 4.10
N ARG A 55 6.66 -12.34 4.46
CA ARG A 55 6.61 -11.71 5.78
C ARG A 55 5.44 -10.73 5.92
N VAL A 56 4.65 -10.89 6.97
CA VAL A 56 3.50 -10.05 7.29
C VAL A 56 3.97 -8.91 8.23
N PHE A 57 3.40 -7.72 8.03
CA PHE A 57 3.76 -6.54 8.79
C PHE A 57 3.12 -6.59 10.19
N TRP A 58 3.75 -7.41 11.04
CA TRP A 58 3.28 -7.72 12.41
C TRP A 58 3.07 -6.49 13.25
N LYS A 59 4.05 -5.56 13.22
CA LYS A 59 3.96 -4.32 13.99
C LYS A 59 2.65 -3.58 13.62
N GLY A 60 2.42 -3.39 12.31
CA GLY A 60 1.18 -2.89 11.75
C GLY A 60 -0.05 -3.57 12.32
N VAL A 61 -0.07 -4.92 12.29
CA VAL A 61 -1.20 -5.69 12.81
C VAL A 61 -1.51 -5.29 14.25
N LEU A 62 -0.49 -5.30 15.10
CA LEU A 62 -0.66 -5.09 16.54
C LEU A 62 -1.01 -3.65 16.88
N GLU A 63 -0.30 -2.69 16.30
CA GLU A 63 -0.62 -1.29 16.56
C GLU A 63 -2.03 -0.92 16.10
N GLU A 64 -2.40 -1.38 14.90
CA GLU A 64 -3.74 -1.13 14.37
C GLU A 64 -4.80 -1.66 15.31
N LEU A 65 -4.60 -2.86 15.82
CA LEU A 65 -5.59 -3.41 16.72
C LEU A 65 -5.67 -2.60 18.01
N LEU A 66 -4.53 -2.19 18.59
CA LEU A 66 -4.59 -1.40 19.85
C LEU A 66 -5.27 -0.06 19.60
N TRP A 67 -5.05 0.47 18.40
CA TRP A 67 -5.65 1.70 17.94
C TRP A 67 -7.18 1.55 17.90
N PHE A 68 -7.68 0.44 17.31
CA PHE A 68 -9.12 0.11 17.30
C PHE A 68 -9.68 0.07 18.71
N ILE A 69 -9.03 -0.69 19.59
CA ILE A 69 -9.47 -0.89 20.97
C ILE A 69 -9.62 0.44 21.74
N LYS A 70 -8.68 1.39 21.55
CA LYS A 70 -8.79 2.73 22.17
C LYS A 70 -10.01 3.49 21.61
N GLY A 71 -10.61 3.02 20.51
CA GLY A 71 -11.76 3.72 19.91
C GLY A 71 -11.34 4.84 18.99
N SER A 72 -10.05 4.97 18.69
CA SER A 72 -9.58 6.09 17.90
C SER A 72 -10.05 5.97 16.44
N THR A 73 -10.32 7.08 15.80
CA THR A 73 -10.66 7.14 14.41
C THR A 73 -9.76 8.17 13.76
N ASN A 74 -8.59 8.33 14.33
CA ASN A 74 -7.61 9.35 13.95
C ASN A 74 -6.35 8.71 13.37
N ALA A 75 -6.23 8.79 12.04
CA ALA A 75 -5.10 8.16 11.34
C ALA A 75 -3.74 8.60 11.90
N LYS A 76 -3.66 9.87 12.32
CA LYS A 76 -2.46 10.46 12.89
C LYS A 76 -1.99 9.77 14.15
N GLU A 77 -2.95 9.29 14.96
CA GLU A 77 -2.69 8.58 16.20
C GLU A 77 -2.02 7.22 15.95
N LEU A 78 -2.40 6.55 14.84
CA LEU A 78 -1.73 5.31 14.44
C LEU A 78 -0.39 5.59 13.73
N SER A 79 -0.35 6.67 12.96
CA SER A 79 0.87 7.07 12.24
C SER A 79 2.02 7.38 13.18
N SER A 80 1.67 7.90 14.35
CA SER A 80 2.66 8.26 15.35
C SER A 80 3.35 7.00 15.89
N LYS A 81 2.68 5.85 15.81
CA LYS A 81 3.24 4.57 16.23
C LYS A 81 4.11 3.90 15.16
N GLY A 82 4.35 4.59 14.06
CA GLY A 82 5.17 4.08 12.94
C GLY A 82 4.42 3.30 11.84
N VAL A 83 3.06 3.33 11.91
CA VAL A 83 2.21 2.52 11.07
C VAL A 83 1.38 3.46 10.17
N LYS A 84 1.73 3.44 8.89
CA LYS A 84 1.24 4.44 7.96
C LYS A 84 0.01 3.95 7.16
N ILE A 85 -0.48 2.75 7.48
CA ILE A 85 -1.44 2.04 6.57
C ILE A 85 -2.78 2.79 6.35
N TRP A 86 -3.20 3.59 7.33
CA TRP A 86 -4.42 4.37 7.18
C TRP A 86 -4.19 5.82 6.77
N ASP A 87 -2.94 6.24 6.55
CA ASP A 87 -2.64 7.70 6.38
C ASP A 87 -3.28 8.31 5.14
N ALA A 88 -3.19 7.61 4.02
CA ALA A 88 -3.65 8.07 2.72
C ALA A 88 -5.16 8.33 2.73
N ASN A 89 -5.89 7.55 3.51
CA ASN A 89 -7.32 7.69 3.68
C ASN A 89 -7.72 8.85 4.58
N GLY A 90 -6.72 9.44 5.26
CA GLY A 90 -6.94 10.57 6.17
C GLY A 90 -6.34 11.87 5.69
N SER A 91 -5.65 11.83 4.53
CA SER A 91 -4.97 13.01 3.98
C SER A 91 -5.96 14.06 3.50
N ARG A 92 -5.53 15.33 3.56
CA ARG A 92 -6.35 16.46 3.10
C ARG A 92 -6.89 16.19 1.70
N ASP A 93 -6.04 15.75 0.80
CA ASP A 93 -6.46 15.43 -0.54
C ASP A 93 -7.55 14.33 -0.64
N PHE A 94 -7.36 13.23 0.10
CA PHE A 94 -8.30 12.13 0.04
C PHE A 94 -9.64 12.52 0.67
N LEU A 95 -9.59 13.18 1.84
CA LEU A 95 -10.79 13.65 2.48
C LEU A 95 -11.58 14.65 1.61
N ASP A 96 -10.86 15.54 0.90
CA ASP A 96 -11.49 16.52 0.00
C ASP A 96 -12.19 15.80 -1.14
N SER A 97 -11.55 14.78 -1.71
CA SER A 97 -12.16 14.02 -2.82
C SER A 97 -13.49 13.36 -2.42
N LEU A 98 -13.70 13.13 -1.12
CA LEU A 98 -14.96 12.59 -0.63
C LEU A 98 -15.98 13.65 -0.23
N GLY A 99 -15.61 14.92 -0.38
CA GLY A 99 -16.50 16.06 -0.10
C GLY A 99 -16.45 16.48 1.35
N PHE A 100 -15.44 16.00 2.10
CA PHE A 100 -15.24 16.31 3.53
C PHE A 100 -14.25 17.46 3.70
N SER A 101 -14.54 18.61 3.09
CA SER A 101 -13.58 19.74 3.14
C SER A 101 -13.39 20.36 4.52
N THR A 102 -14.40 20.25 5.37
CA THR A 102 -14.35 20.90 6.68
C THR A 102 -13.67 20.00 7.71
N ARG A 103 -13.39 18.73 7.33
CA ARG A 103 -12.83 17.76 8.27
C ARG A 103 -11.33 17.94 8.49
N GLU A 104 -10.86 17.82 9.73
CA GLU A 104 -9.42 17.84 10.05
C GLU A 104 -8.71 16.66 9.35
N GLU A 105 -7.45 16.89 8.96
CA GLU A 105 -6.59 15.85 8.39
C GLU A 105 -6.37 14.70 9.41
N GLY A 106 -6.51 13.45 8.97
CA GLY A 106 -6.47 12.28 9.88
C GLY A 106 -7.83 11.72 10.34
N ASP A 107 -8.90 12.51 10.18
CA ASP A 107 -10.23 12.13 10.67
C ASP A 107 -10.93 11.23 9.66
N LEU A 108 -10.96 9.94 9.96
CA LEU A 108 -11.48 8.94 9.09
C LEU A 108 -12.93 8.71 9.17
N GLY A 109 -13.59 9.45 10.01
CA GLY A 109 -15.00 9.27 10.19
C GLY A 109 -15.28 8.15 11.15
N PRO A 110 -16.51 7.71 11.20
CA PRO A 110 -16.89 6.64 12.12
C PRO A 110 -16.47 5.25 11.67
N VAL A 111 -15.19 4.96 11.77
CA VAL A 111 -14.65 3.69 11.38
C VAL A 111 -14.58 2.68 12.54
N TYR A 112 -13.79 1.63 12.41
CA TYR A 112 -13.72 0.56 13.39
C TYR A 112 -13.75 0.89 14.86
N GLY A 113 -12.90 1.76 15.32
CA GLY A 113 -12.85 2.15 16.69
C GLY A 113 -14.11 2.68 17.25
N PHE A 114 -14.79 3.50 16.49
CA PHE A 114 -16.01 4.09 16.90
C PHE A 114 -17.15 3.09 16.90
N GLN A 115 -17.22 2.23 15.92
CA GLN A 115 -18.25 1.24 15.81
C GLN A 115 -18.11 0.17 16.88
N TRP A 116 -16.90 -0.24 17.16
CA TRP A 116 -16.67 -1.24 18.19
C TRP A 116 -17.01 -0.73 19.59
N ARG A 117 -16.68 0.53 19.87
CA ARG A 117 -16.90 1.13 21.20
C ARG A 117 -18.13 1.99 21.39
N HIS A 118 -18.71 2.51 20.30
CA HIS A 118 -19.80 3.49 20.36
C HIS A 118 -20.82 3.31 19.23
N PHE A 119 -21.10 2.05 18.84
CA PHE A 119 -22.05 1.79 17.77
C PHE A 119 -23.36 2.53 18.01
N GLY A 120 -23.75 3.36 17.05
CA GLY A 120 -25.05 3.99 17.09
C GLY A 120 -25.06 5.37 17.70
N ALA A 121 -23.96 5.78 18.35
CA ALA A 121 -23.81 7.16 18.80
C ALA A 121 -23.70 8.10 17.61
N GLU A 122 -23.96 9.39 17.86
CA GLU A 122 -23.87 10.38 16.83
C GLU A 122 -22.39 10.78 16.64
N TYR A 123 -21.83 10.56 15.46
CA TYR A 123 -20.43 10.93 15.23
C TYR A 123 -20.26 12.42 14.98
N ARG A 124 -19.33 13.03 15.69
CA ARG A 124 -19.06 14.45 15.45
C ARG A 124 -17.70 14.58 14.78
N ASP A 125 -16.63 14.48 15.54
CA ASP A 125 -15.30 14.37 14.93
C ASP A 125 -14.42 13.40 15.71
N MET A 126 -13.18 13.26 15.26
CA MET A 126 -12.27 12.30 15.83
C MET A 126 -11.84 12.67 17.25
N GLU A 127 -11.96 13.95 17.60
CA GLU A 127 -11.46 14.39 18.90
C GLU A 127 -12.57 14.39 19.96
N SER A 128 -13.83 14.30 19.54
CA SER A 128 -14.99 14.35 20.46
C SER A 128 -14.97 13.25 21.52
N ASP A 129 -15.56 13.54 22.66
CA ASP A 129 -15.68 12.57 23.75
C ASP A 129 -16.98 11.81 23.52
N TYR A 130 -16.88 10.49 23.45
CA TYR A 130 -18.04 9.62 23.20
C TYR A 130 -18.35 8.74 24.40
N SER A 131 -17.76 9.06 25.56
CA SER A 131 -17.96 8.31 26.80
C SER A 131 -19.41 8.01 27.12
N GLY A 132 -19.70 6.72 27.30
CA GLY A 132 -21.03 6.24 27.60
C GLY A 132 -22.06 6.46 26.51
N GLN A 133 -21.64 6.87 25.31
CA GLN A 133 -22.56 6.96 24.16
C GLN A 133 -22.45 5.73 23.21
N GLY A 134 -23.58 5.25 22.70
CA GLY A 134 -23.67 4.12 21.79
C GLY A 134 -23.37 2.80 22.48
N VAL A 135 -23.26 1.73 21.70
CA VAL A 135 -23.06 0.38 22.25
C VAL A 135 -21.57 0.03 22.24
N ASP A 136 -21.07 -0.33 23.41
CA ASP A 136 -19.71 -0.81 23.51
C ASP A 136 -19.70 -2.29 23.16
N GLN A 137 -19.67 -2.59 21.85
CA GLN A 137 -19.71 -3.98 21.42
C GLN A 137 -18.55 -4.82 21.93
N LEU A 138 -17.36 -4.22 21.98
CA LEU A 138 -16.17 -4.94 22.42
C LEU A 138 -16.34 -5.45 23.86
N GLN A 139 -16.78 -4.58 24.78
CA GLN A 139 -16.94 -4.98 26.18
C GLN A 139 -18.13 -5.91 26.35
N ARG A 140 -19.25 -5.68 25.66
CA ARG A 140 -20.42 -6.61 25.73
C ARG A 140 -20.03 -8.00 25.29
N VAL A 141 -19.14 -8.09 24.28
CA VAL A 141 -18.64 -9.40 23.83
C VAL A 141 -17.81 -10.07 24.93
N ILE A 142 -16.87 -9.35 25.51
CA ILE A 142 -16.10 -9.86 26.65
C ILE A 142 -17.04 -10.32 27.78
N ASP A 143 -18.02 -9.49 28.11
CA ASP A 143 -18.95 -9.80 29.19
C ASP A 143 -19.80 -11.05 28.92
N THR A 144 -20.33 -11.17 27.71
CA THR A 144 -21.12 -12.30 27.32
C THR A 144 -20.27 -13.58 27.34
N ILE A 145 -19.03 -13.50 26.88
CA ILE A 145 -18.16 -14.65 26.91
C ILE A 145 -17.96 -15.17 28.34
N LYS A 146 -17.73 -14.25 29.28
CA LYS A 146 -17.57 -14.59 30.69
C LYS A 146 -18.85 -15.18 31.31
N THR A 147 -19.98 -14.51 31.17
CA THR A 147 -21.22 -14.91 31.89
C THR A 147 -22.11 -15.94 31.16
N ASN A 148 -22.07 -15.98 29.83
CA ASN A 148 -22.90 -16.92 29.13
C ASN A 148 -22.18 -17.44 27.86
N PRO A 149 -21.12 -18.27 28.04
CA PRO A 149 -20.35 -18.77 26.90
C PRO A 149 -21.15 -19.48 25.77
N ASP A 150 -22.30 -20.09 26.11
CA ASP A 150 -23.12 -20.82 25.12
C ASP A 150 -23.88 -19.93 24.13
N ASP A 151 -23.92 -18.64 24.41
CA ASP A 151 -24.69 -17.66 23.64
C ASP A 151 -24.27 -17.63 22.15
N ARG A 152 -25.28 -17.64 21.32
CA ARG A 152 -25.04 -17.63 19.88
C ARG A 152 -25.13 -16.24 19.20
N ARG A 153 -24.99 -15.19 20.01
CA ARG A 153 -25.18 -13.80 19.59
C ARG A 153 -23.92 -12.96 19.91
N ILE A 154 -22.77 -13.60 20.09
CA ILE A 154 -21.55 -12.87 20.46
C ILE A 154 -20.94 -12.25 19.21
N ILE A 155 -21.45 -11.07 18.83
CA ILE A 155 -21.16 -10.46 17.55
C ILE A 155 -20.69 -9.05 17.79
N MET A 156 -19.64 -8.66 17.06
CA MET A 156 -19.15 -7.28 17.06
C MET A 156 -19.22 -6.87 15.60
N CYS A 157 -20.01 -5.82 15.34
CA CYS A 157 -20.38 -5.44 13.97
C CYS A 157 -19.86 -4.04 13.63
N ALA A 158 -19.08 -3.94 12.55
CA ALA A 158 -18.47 -2.69 12.13
C ALA A 158 -19.30 -2.03 11.02
N TRP A 159 -20.15 -2.83 10.38
CA TRP A 159 -20.99 -2.39 9.29
C TRP A 159 -22.19 -1.63 9.83
N ASN A 160 -22.19 -0.32 9.60
CA ASN A 160 -23.24 0.57 10.12
C ASN A 160 -23.79 1.34 8.91
N PRO A 161 -24.89 0.84 8.32
CA PRO A 161 -25.49 1.54 7.18
C PRO A 161 -25.73 3.04 7.37
N ARG A 162 -26.17 3.48 8.53
CA ARG A 162 -26.38 4.92 8.77
C ARG A 162 -25.10 5.75 8.67
N ASP A 163 -23.99 5.19 9.15
CA ASP A 163 -22.69 5.88 9.19
C ASP A 163 -21.84 5.72 7.94
N LEU A 164 -22.13 4.74 7.05
CA LEU A 164 -21.33 4.56 5.82
C LEU A 164 -20.93 5.82 5.06
N PRO A 165 -21.90 6.78 4.80
CA PRO A 165 -21.48 7.96 4.01
C PRO A 165 -20.46 8.88 4.73
N LEU A 166 -20.31 8.76 6.05
CA LEU A 166 -19.31 9.55 6.77
C LEU A 166 -17.92 8.90 6.88
N MET A 167 -17.79 7.64 6.52
CA MET A 167 -16.50 6.99 6.64
C MET A 167 -15.58 7.26 5.49
N ALA A 168 -14.28 7.35 5.76
CA ALA A 168 -13.30 7.52 4.70
C ALA A 168 -13.26 6.29 3.80
N LEU A 169 -13.51 5.11 4.34
CA LEU A 169 -13.66 3.86 3.63
C LEU A 169 -14.66 2.98 4.32
N PRO A 170 -15.55 2.30 3.60
CA PRO A 170 -16.44 1.34 4.31
C PRO A 170 -15.62 0.10 4.73
N PRO A 171 -15.89 -0.46 5.93
CA PRO A 171 -15.02 -1.53 6.49
C PRO A 171 -15.02 -2.77 5.57
N CYS A 172 -13.83 -3.38 5.41
CA CYS A 172 -13.65 -4.67 4.75
C CYS A 172 -14.21 -5.75 5.72
N HIS A 173 -14.08 -5.54 7.01
CA HIS A 173 -14.51 -6.51 7.99
C HIS A 173 -15.79 -6.10 8.60
N ALA A 174 -16.82 -6.64 8.01
CA ALA A 174 -18.19 -6.27 8.31
C ALA A 174 -18.55 -6.64 9.72
N LEU A 175 -18.20 -7.85 10.13
CA LEU A 175 -18.50 -8.30 11.47
C LEU A 175 -17.63 -9.50 11.81
N CYS A 176 -17.54 -9.77 13.12
CA CYS A 176 -17.01 -11.02 13.56
C CYS A 176 -17.91 -11.62 14.65
N GLN A 177 -17.87 -12.94 14.74
CA GLN A 177 -18.64 -13.68 15.74
C GLN A 177 -17.72 -14.53 16.54
N PHE A 178 -17.97 -14.58 17.85
CA PHE A 178 -17.23 -15.46 18.75
C PHE A 178 -18.04 -16.64 19.22
N TYR A 179 -17.32 -17.70 19.63
CA TYR A 179 -17.92 -18.95 20.01
C TYR A 179 -17.11 -19.69 21.07
N VAL A 180 -17.81 -20.26 22.06
CA VAL A 180 -17.13 -20.96 23.12
C VAL A 180 -17.62 -22.40 23.27
N VAL A 181 -16.68 -23.34 23.27
CA VAL A 181 -16.93 -24.72 23.68
C VAL A 181 -15.65 -25.35 24.22
N ASN A 182 -15.77 -26.16 25.27
CA ASN A 182 -14.61 -26.88 25.89
C ASN A 182 -13.50 -25.93 26.31
N SER A 183 -13.88 -24.80 26.91
CA SER A 183 -12.96 -23.70 27.28
C SER A 183 -12.09 -23.14 26.13
N GLU A 184 -12.57 -23.31 24.90
CA GLU A 184 -11.90 -22.76 23.73
C GLU A 184 -12.74 -21.63 23.12
N LEU A 185 -12.07 -20.51 22.81
CA LEU A 185 -12.70 -19.40 22.12
C LEU A 185 -12.34 -19.41 20.66
N SER A 186 -13.38 -19.48 19.82
CA SER A 186 -13.21 -19.38 18.39
C SER A 186 -13.81 -18.04 17.90
N CYS A 187 -13.33 -17.63 16.72
CA CYS A 187 -13.78 -16.41 16.11
C CYS A 187 -13.98 -16.64 14.61
N GLN A 188 -15.08 -16.13 14.09
CA GLN A 188 -15.27 -16.12 12.63
C GLN A 188 -15.39 -14.69 12.12
N LEU A 189 -14.65 -14.37 11.06
CA LEU A 189 -14.71 -13.06 10.45
C LEU A 189 -15.51 -13.12 9.15
N TYR A 190 -16.48 -12.20 9.00
CA TYR A 190 -17.10 -11.96 7.71
C TYR A 190 -16.42 -10.78 7.04
N GLN A 191 -15.57 -11.07 6.06
CA GLN A 191 -14.82 -10.06 5.31
C GLN A 191 -15.38 -9.97 3.90
N ARG A 192 -15.99 -8.82 3.60
CA ARG A 192 -16.77 -8.63 2.38
C ARG A 192 -15.92 -8.58 1.13
N SER A 193 -14.65 -8.18 1.30
CA SER A 193 -13.73 -7.94 0.19
C SER A 193 -12.34 -8.28 0.65
N GLY A 194 -11.66 -9.09 -0.13
CA GLY A 194 -10.31 -9.51 0.22
C GLY A 194 -9.30 -9.31 -0.89
N ASP A 195 -8.32 -8.44 -0.63
CA ASP A 195 -7.15 -8.40 -1.49
C ASP A 195 -6.26 -9.56 -1.03
N MET A 196 -6.22 -10.63 -1.82
CA MET A 196 -5.56 -11.85 -1.40
C MET A 196 -4.06 -11.69 -1.27
N GLY A 197 -3.48 -10.93 -2.19
CA GLY A 197 -2.01 -10.66 -2.22
C GLY A 197 -1.50 -9.78 -1.08
N LEU A 198 -2.10 -8.59 -0.89
CA LEU A 198 -1.65 -7.62 0.13
C LEU A 198 -2.44 -7.59 1.45
N GLY A 199 -3.76 -7.65 1.40
CA GLY A 199 -4.58 -7.53 2.60
C GLY A 199 -4.68 -8.79 3.44
N VAL A 200 -5.12 -9.88 2.81
CA VAL A 200 -5.58 -11.08 3.53
C VAL A 200 -4.63 -11.61 4.64
N PRO A 201 -3.30 -11.72 4.37
CA PRO A 201 -2.41 -12.24 5.45
C PRO A 201 -2.45 -11.37 6.71
N PHE A 202 -2.44 -10.05 6.48
CA PHE A 202 -2.55 -9.04 7.52
C PHE A 202 -3.91 -9.21 8.21
N ASN A 203 -4.97 -9.32 7.40
CA ASN A 203 -6.31 -9.50 7.94
C ASN A 203 -6.41 -10.73 8.83
N ILE A 204 -5.90 -11.87 8.37
CA ILE A 204 -5.91 -13.12 9.17
C ILE A 204 -5.21 -12.89 10.52
N ALA A 205 -4.05 -12.25 10.48
CA ALA A 205 -3.31 -11.98 11.69
C ALA A 205 -4.06 -11.09 12.69
N SER A 206 -4.80 -10.08 12.22
CA SER A 206 -5.56 -9.15 13.12
C SER A 206 -6.54 -9.88 13.99
N TYR A 207 -7.38 -10.68 13.35
CA TYR A 207 -8.48 -11.33 14.05
C TYR A 207 -7.99 -12.53 14.86
N ALA A 208 -6.91 -13.16 14.41
CA ALA A 208 -6.26 -14.15 15.25
C ALA A 208 -5.76 -13.45 16.52
N LEU A 209 -5.13 -12.27 16.36
CA LEU A 209 -4.63 -11.52 17.53
C LEU A 209 -5.77 -11.09 18.44
N LEU A 210 -6.86 -10.63 17.85
CA LEU A 210 -8.02 -10.21 18.65
C LEU A 210 -8.51 -11.39 19.50
N THR A 211 -8.52 -12.58 18.88
CA THR A 211 -9.03 -13.75 19.59
C THR A 211 -8.12 -14.13 20.77
N TYR A 212 -6.80 -14.09 20.54
CA TYR A 212 -5.82 -14.27 21.60
C TYR A 212 -6.04 -13.25 22.74
N MET A 213 -6.31 -11.99 22.40
CA MET A 213 -6.57 -10.97 23.43
C MET A 213 -7.80 -11.31 24.26
N ILE A 214 -8.90 -11.61 23.61
CA ILE A 214 -10.15 -11.88 24.34
C ILE A 214 -10.05 -13.17 25.16
N ALA A 215 -9.45 -14.21 24.58
CA ALA A 215 -9.14 -15.47 25.31
C ALA A 215 -8.35 -15.24 26.58
N HIS A 216 -7.34 -14.37 26.51
CA HIS A 216 -6.53 -14.03 27.68
C HIS A 216 -7.40 -13.33 28.74
N ILE A 217 -8.18 -12.32 28.33
CA ILE A 217 -9.08 -11.58 29.25
C ILE A 217 -10.10 -12.48 29.92
N THR A 218 -10.53 -13.53 29.22
CA THR A 218 -11.71 -14.29 29.66
C THR A 218 -11.31 -15.64 30.30
N GLY A 219 -9.99 -15.92 30.35
CA GLY A 219 -9.46 -17.15 30.89
C GLY A 219 -9.73 -18.39 30.03
N LEU A 220 -9.80 -18.20 28.71
CA LEU A 220 -10.05 -19.28 27.82
C LEU A 220 -8.82 -19.51 26.95
N LYS A 221 -8.80 -20.66 26.27
CA LYS A 221 -7.75 -20.98 25.31
C LYS A 221 -8.22 -20.64 23.89
N PRO A 222 -7.32 -20.08 23.07
CA PRO A 222 -7.62 -19.89 21.64
C PRO A 222 -8.04 -21.20 20.95
N GLY A 223 -9.09 -21.14 20.12
CA GLY A 223 -9.58 -22.31 19.40
C GLY A 223 -9.30 -22.25 17.92
N ASP A 224 -10.31 -21.87 17.14
CA ASP A 224 -10.11 -21.62 15.70
C ASP A 224 -10.38 -20.18 15.32
N PHE A 225 -9.66 -19.74 14.30
CA PHE A 225 -10.08 -18.59 13.55
C PHE A 225 -10.65 -19.01 12.21
N ILE A 226 -11.90 -18.63 11.96
CA ILE A 226 -12.57 -18.97 10.69
C ILE A 226 -12.68 -17.73 9.84
N HIS A 227 -12.04 -17.78 8.69
CA HIS A 227 -11.95 -16.69 7.78
C HIS A 227 -12.89 -16.90 6.59
N THR A 228 -13.94 -16.08 6.55
CA THR A 228 -14.93 -16.12 5.50
C THR A 228 -14.78 -14.88 4.64
N LEU A 229 -14.72 -15.11 3.32
CA LEU A 229 -14.65 -14.03 2.35
C LEU A 229 -15.88 -13.88 1.44
N GLY A 230 -16.14 -12.62 1.08
CA GLY A 230 -17.11 -12.26 0.04
C GLY A 230 -16.39 -12.27 -1.29
N ASP A 231 -16.08 -11.06 -1.79
CA ASP A 231 -15.35 -10.92 -3.03
C ASP A 231 -13.88 -11.16 -2.76
N ALA A 232 -13.44 -12.40 -2.96
CA ALA A 232 -12.03 -12.78 -2.80
C ALA A 232 -11.29 -12.56 -4.11
N HIS A 233 -10.36 -11.64 -4.14
CA HIS A 233 -9.75 -11.27 -5.41
C HIS A 233 -8.25 -11.16 -5.37
N ILE A 234 -7.64 -11.34 -6.55
CA ILE A 234 -6.21 -11.11 -6.76
C ILE A 234 -6.10 -10.05 -7.85
N TYR A 235 -5.33 -9.01 -7.58
CA TYR A 235 -5.10 -7.95 -8.57
C TYR A 235 -4.18 -8.47 -9.69
N LEU A 236 -4.44 -8.06 -10.93
CA LEU A 236 -3.69 -8.61 -12.06
C LEU A 236 -2.16 -8.37 -11.97
N ASN A 237 -1.75 -7.19 -11.49
CA ASN A 237 -0.33 -6.90 -11.26
C ASN A 237 0.29 -7.70 -10.09
N HIS A 238 -0.53 -8.52 -9.42
CA HIS A 238 -0.03 -9.40 -8.36
C HIS A 238 0.10 -10.84 -8.80
N ILE A 239 -0.29 -11.18 -10.02
CA ILE A 239 -0.28 -12.57 -10.44
C ILE A 239 1.16 -13.11 -10.42
N GLU A 240 2.06 -12.39 -11.07
CA GLU A 240 3.45 -12.83 -11.23
C GLU A 240 4.18 -12.95 -9.85
N PRO A 241 4.02 -11.97 -8.97
CA PRO A 241 4.62 -12.08 -7.66
C PRO A 241 4.04 -13.23 -6.85
N LEU A 242 2.75 -13.49 -6.94
CA LEU A 242 2.08 -14.59 -6.19
C LEU A 242 2.47 -15.96 -6.73
N LYS A 243 2.73 -16.03 -8.03
CA LYS A 243 3.28 -17.24 -8.66
C LYS A 243 4.63 -17.59 -8.00
N ILE A 244 5.47 -16.58 -7.73
CA ILE A 244 6.74 -16.78 -7.01
C ILE A 244 6.43 -17.28 -5.59
N GLN A 245 5.45 -16.65 -4.93
CA GLN A 245 5.13 -17.03 -3.55
C GLN A 245 4.63 -18.48 -3.43
N LEU A 246 3.82 -18.91 -4.39
CA LEU A 246 3.23 -20.27 -4.36
C LEU A 246 4.29 -21.38 -4.37
N GLN A 247 5.47 -21.06 -4.88
CA GLN A 247 6.63 -21.94 -4.95
C GLN A 247 7.28 -22.23 -3.58
N ARG A 248 6.98 -21.42 -2.59
CA ARG A 248 7.61 -21.57 -1.32
C ARG A 248 6.92 -22.48 -0.39
N GLU A 249 7.71 -23.20 0.36
CA GLU A 249 7.15 -24.13 1.34
C GLU A 249 7.04 -23.40 2.68
N PRO A 250 5.83 -23.46 3.32
CA PRO A 250 5.64 -22.79 4.61
C PRO A 250 6.57 -23.34 5.65
N ARG A 251 7.07 -22.47 6.52
CA ARG A 251 7.76 -22.88 7.73
C ARG A 251 6.70 -23.01 8.80
N PRO A 252 6.99 -23.79 9.88
CA PRO A 252 6.02 -23.86 10.98
C PRO A 252 5.62 -22.48 11.50
N PHE A 253 4.37 -22.39 11.92
CA PHE A 253 3.82 -21.14 12.41
C PHE A 253 4.52 -20.77 13.71
N PRO A 254 4.75 -19.45 13.92
CA PRO A 254 5.28 -18.97 15.21
C PRO A 254 4.30 -19.21 16.33
N LYS A 255 4.72 -18.93 17.57
CA LYS A 255 3.80 -18.85 18.70
C LYS A 255 3.65 -17.38 19.13
N LEU A 256 2.51 -17.08 19.76
CA LEU A 256 2.31 -15.77 20.32
C LEU A 256 2.31 -15.87 21.83
N ARG A 257 3.25 -15.18 22.52
CA ARG A 257 3.30 -15.16 24.00
C ARG A 257 2.74 -13.86 24.48
N ILE A 258 1.91 -13.93 25.51
CA ILE A 258 1.38 -12.78 26.20
C ILE A 258 2.11 -12.69 27.53
N LEU A 259 2.90 -11.62 27.68
CA LEU A 259 4.00 -11.60 28.65
C LEU A 259 3.63 -11.28 30.10
N ARG A 260 2.42 -10.80 30.36
CA ARG A 260 1.95 -10.58 31.74
C ARG A 260 0.43 -10.86 31.81
N LYS A 261 -0.10 -11.02 33.03
CA LYS A 261 -1.53 -11.20 33.23
C LYS A 261 -2.23 -9.84 33.04
N VAL A 262 -3.21 -9.78 32.14
CA VAL A 262 -3.92 -8.52 31.82
C VAL A 262 -5.41 -8.63 32.11
N GLU A 263 -5.97 -7.63 32.80
CA GLU A 263 -7.33 -7.68 33.36
C GLU A 263 -8.44 -7.20 32.45
N LYS A 264 -8.19 -6.07 31.78
CA LYS A 264 -9.19 -5.43 30.90
C LYS A 264 -8.53 -5.21 29.54
N ILE A 265 -9.30 -5.44 28.49
CA ILE A 265 -8.83 -5.29 27.12
C ILE A 265 -8.13 -3.92 26.83
N ASP A 266 -8.56 -2.87 27.52
CA ASP A 266 -7.95 -1.54 27.34
C ASP A 266 -6.52 -1.46 27.85
N ASP A 267 -6.16 -2.34 28.81
CA ASP A 267 -4.81 -2.37 29.42
C ASP A 267 -3.68 -2.97 28.56
N PHE A 268 -4.01 -3.66 27.46
CA PHE A 268 -2.96 -4.25 26.63
C PHE A 268 -2.06 -3.19 26.04
N LYS A 269 -0.75 -3.42 26.11
CA LYS A 269 0.22 -2.58 25.44
C LYS A 269 0.99 -3.47 24.47
N ALA A 270 1.60 -2.86 23.46
CA ALA A 270 2.37 -3.58 22.46
C ALA A 270 3.44 -4.48 23.06
N GLU A 271 4.03 -4.04 24.16
CA GLU A 271 5.16 -4.74 24.79
C GLU A 271 4.69 -5.98 25.52
N ASP A 272 3.38 -6.10 25.74
CA ASP A 272 2.83 -7.33 26.30
C ASP A 272 2.92 -8.52 25.36
N PHE A 273 3.20 -8.30 24.08
CA PHE A 273 3.12 -9.38 23.07
C PHE A 273 4.45 -9.76 22.47
N GLN A 274 4.71 -11.06 22.34
CA GLN A 274 5.94 -11.51 21.71
C GLN A 274 5.69 -12.66 20.74
N ILE A 275 6.14 -12.44 19.52
CA ILE A 275 6.12 -13.41 18.47
C ILE A 275 7.37 -14.24 18.59
N GLU A 276 7.18 -15.56 18.73
CA GLU A 276 8.27 -16.45 19.03
C GLU A 276 8.45 -17.43 17.89
N GLY A 277 9.66 -17.47 17.32
CA GLY A 277 10.01 -18.44 16.30
C GLY A 277 9.41 -18.12 14.95
N TYR A 278 9.37 -16.84 14.58
CA TYR A 278 8.78 -16.48 13.30
C TYR A 278 9.85 -16.51 12.26
N ASN A 279 9.63 -17.26 11.18
CA ASN A 279 10.69 -17.52 10.23
C ASN A 279 10.31 -17.30 8.77
N PRO A 280 9.83 -16.13 8.47
CA PRO A 280 9.36 -15.86 7.13
C PRO A 280 10.37 -15.86 6.05
N HIS A 281 9.91 -16.18 4.85
CA HIS A 281 10.70 -16.04 3.66
C HIS A 281 10.76 -14.55 3.33
N PRO A 282 11.68 -14.15 2.48
CA PRO A 282 11.82 -12.75 2.10
C PRO A 282 10.60 -12.10 1.42
N THR A 283 10.16 -10.99 1.99
CA THR A 283 9.07 -10.10 1.55
C THR A 283 8.95 -9.97 0.05
N ILE A 284 7.75 -10.06 -0.47
CA ILE A 284 7.58 -9.98 -1.92
C ILE A 284 7.02 -8.66 -2.39
N LYS A 285 7.48 -8.23 -3.55
CA LYS A 285 7.09 -6.97 -4.09
C LYS A 285 5.76 -6.92 -4.81
N MET A 286 4.81 -6.21 -4.24
CA MET A 286 3.49 -6.00 -4.83
C MET A 286 3.15 -4.49 -4.78
N GLU A 287 2.23 -4.05 -5.62
CA GLU A 287 1.83 -2.61 -5.76
C GLU A 287 0.65 -2.19 -4.87
N MET A 288 -0.43 -1.60 -5.42
CA MET A 288 -1.65 -1.22 -4.66
C MET A 288 -2.76 -0.69 -5.60
N ALA A 289 -4.00 -0.61 -5.10
CA ALA A 289 -5.17 -0.01 -5.81
C ALA A 289 -4.87 1.36 -6.48
N PRO B 3 53.84 -37.24 3.82
CA PRO B 3 53.28 -36.22 4.76
C PRO B 3 51.96 -35.64 4.24
N PRO B 4 50.80 -36.15 4.73
CA PRO B 4 49.57 -35.94 3.93
C PRO B 4 49.06 -34.46 3.77
N HIS B 5 48.37 -34.21 2.66
CA HIS B 5 47.76 -32.91 2.35
C HIS B 5 46.75 -32.46 3.43
N GLY B 6 47.05 -31.33 4.06
CA GLY B 6 46.14 -30.56 4.89
C GLY B 6 44.66 -30.57 4.51
N GLU B 7 44.37 -30.47 3.22
CA GLU B 7 43.00 -30.42 2.77
C GLU B 7 42.21 -31.73 3.11
N LEU B 8 42.95 -32.83 3.28
CA LEU B 8 42.32 -34.10 3.61
C LEU B 8 41.56 -34.08 4.93
N GLN B 9 41.99 -33.25 5.90
CA GLN B 9 41.18 -33.09 7.12
C GLN B 9 39.78 -32.56 6.84
N TYR B 10 39.73 -31.50 6.02
CA TYR B 10 38.46 -30.88 5.67
C TYR B 10 37.62 -31.93 4.97
N LEU B 11 38.22 -32.63 4.00
CA LEU B 11 37.49 -33.68 3.31
C LEU B 11 37.08 -34.84 4.23
N GLY B 12 37.97 -35.21 5.16
CA GLY B 12 37.64 -36.23 6.19
C GLY B 12 36.43 -35.82 7.02
N GLN B 13 36.40 -34.55 7.45
CA GLN B 13 35.26 -34.03 8.23
C GLN B 13 33.93 -34.14 7.43
N ILE B 14 33.98 -33.81 6.14
CA ILE B 14 32.80 -33.93 5.27
C ILE B 14 32.34 -35.41 5.23
N GLN B 15 33.32 -36.30 5.03
CA GLN B 15 33.09 -37.76 5.00
C GLN B 15 32.43 -38.20 6.30
N HIS B 16 32.99 -37.80 7.45
CA HIS B 16 32.43 -38.16 8.76
C HIS B 16 30.98 -37.68 8.97
N ILE B 17 30.66 -36.49 8.48
CA ILE B 17 29.30 -35.95 8.63
C ILE B 17 28.31 -36.73 7.77
N LEU B 18 28.78 -37.10 6.57
CA LEU B 18 27.94 -37.86 5.63
C LEU B 18 27.58 -39.23 6.17
N ARG B 19 28.58 -39.92 6.72
CA ARG B 19 28.36 -41.24 7.32
C ARG B 19 27.64 -41.16 8.67
N CYS B 20 28.10 -40.28 9.57
CA CYS B 20 27.69 -40.34 11.00
C CYS B 20 26.80 -39.20 11.48
N GLY B 21 26.71 -38.09 10.74
CA GLY B 21 25.90 -36.95 11.15
C GLY B 21 24.45 -37.35 11.30
N VAL B 22 23.70 -36.61 12.09
CA VAL B 22 22.30 -36.91 12.35
C VAL B 22 21.46 -35.82 11.70
N ARG B 23 20.24 -36.18 11.28
CA ARG B 23 19.25 -35.22 10.79
C ARG B 23 18.84 -34.22 11.88
N LYS B 24 18.93 -32.93 11.56
CA LYS B 24 18.64 -31.80 12.47
C LYS B 24 18.18 -30.64 11.61
N ASP B 25 17.02 -30.07 11.97
CA ASP B 25 16.43 -28.97 11.19
C ASP B 25 17.00 -27.61 11.63
N ASP B 26 16.92 -26.60 10.75
CA ASP B 26 17.38 -25.25 11.13
C ASP B 26 16.24 -24.22 11.12
N ARG B 27 16.58 -22.95 11.31
CA ARG B 27 15.62 -21.80 11.24
C ARG B 27 14.82 -21.80 9.94
N THR B 28 15.46 -22.16 8.82
CA THR B 28 14.81 -22.22 7.54
C THR B 28 13.99 -23.50 7.37
N GLY B 29 14.26 -24.55 8.18
CA GLY B 29 13.62 -25.87 8.07
C GLY B 29 14.14 -26.77 6.94
N THR B 30 15.25 -26.35 6.28
CA THR B 30 15.87 -27.09 5.16
C THR B 30 16.57 -28.37 5.58
N GLY B 31 17.05 -28.43 6.84
CA GLY B 31 17.58 -29.63 7.38
C GLY B 31 19.04 -29.80 7.07
N THR B 32 19.73 -30.54 7.93
CA THR B 32 21.15 -30.70 7.86
C THR B 32 21.46 -32.09 8.34
N LEU B 33 22.64 -32.58 7.93
CA LEU B 33 23.33 -33.60 8.66
C LEU B 33 24.32 -32.88 9.57
N SER B 34 24.47 -33.35 10.81
CA SER B 34 25.09 -32.57 11.86
C SER B 34 25.91 -33.39 12.87
N VAL B 35 27.13 -32.96 13.13
CA VAL B 35 27.98 -33.48 14.21
C VAL B 35 28.34 -32.30 15.14
N PHE B 36 28.36 -32.53 16.44
CA PHE B 36 28.79 -31.52 17.38
C PHE B 36 30.18 -31.81 17.90
N GLY B 37 31.08 -30.85 17.72
CA GLY B 37 32.47 -30.98 18.18
C GLY B 37 33.38 -31.61 17.16
N MET B 38 34.17 -30.81 16.45
CA MET B 38 35.21 -31.34 15.56
C MET B 38 36.42 -30.41 15.62
N GLN B 39 37.59 -30.93 15.22
CA GLN B 39 38.82 -30.19 15.24
C GLN B 39 39.73 -30.62 14.10
N ALA B 40 40.20 -29.66 13.31
CA ALA B 40 41.23 -29.94 12.31
C ALA B 40 42.45 -29.03 12.55
N ARG B 41 43.63 -29.44 12.11
CA ARG B 41 44.85 -28.65 12.26
C ARG B 41 45.43 -28.36 10.86
N TYR B 42 45.54 -27.09 10.50
CA TYR B 42 46.13 -26.75 9.19
C TYR B 42 47.45 -26.04 9.41
N SER B 43 48.54 -26.66 8.95
CA SER B 43 49.87 -26.04 9.00
C SER B 43 49.87 -24.76 8.15
N LEU B 44 50.59 -23.75 8.64
CA LEU B 44 50.76 -22.49 7.91
C LEU B 44 52.23 -22.26 7.49
N ARG B 45 53.09 -23.25 7.73
CA ARG B 45 54.57 -23.13 7.52
C ARG B 45 54.83 -23.32 6.02
N ASP B 46 55.16 -22.23 5.30
CA ASP B 46 55.42 -22.23 3.81
C ASP B 46 54.31 -22.76 2.93
N GLU B 47 53.08 -22.62 3.39
CA GLU B 47 51.91 -23.06 2.66
C GLU B 47 50.78 -22.17 3.23
N PHE B 48 49.75 -21.93 2.40
CA PHE B 48 48.54 -21.28 2.85
C PHE B 48 47.29 -22.13 2.53
N PRO B 49 46.46 -22.44 3.54
CA PRO B 49 45.36 -23.43 3.36
C PRO B 49 44.11 -22.89 2.66
N LEU B 50 44.31 -22.44 1.43
CA LEU B 50 43.20 -22.06 0.56
C LEU B 50 42.77 -23.33 -0.20
N LEU B 51 41.56 -23.81 0.09
CA LEU B 51 41.14 -25.13 -0.37
C LEU B 51 41.17 -25.26 -1.89
N THR B 52 41.63 -26.42 -2.38
CA THR B 52 41.82 -26.62 -3.82
C THR B 52 40.73 -27.47 -4.49
N THR B 53 40.01 -28.29 -3.74
CA THR B 53 39.00 -29.14 -4.38
C THR B 53 37.75 -28.38 -4.82
N LYS B 54 37.64 -27.13 -4.42
CA LYS B 54 36.62 -26.16 -4.89
C LYS B 54 37.25 -24.80 -4.70
N ARG B 55 37.13 -23.92 -5.69
CA ARG B 55 37.71 -22.57 -5.58
C ARG B 55 37.03 -21.77 -4.46
N VAL B 56 37.86 -21.17 -3.60
CA VAL B 56 37.41 -20.32 -2.51
C VAL B 56 37.48 -18.84 -2.99
N PHE B 57 36.48 -18.05 -2.58
CA PHE B 57 36.38 -16.65 -2.98
C PHE B 57 37.38 -15.82 -2.16
N TRP B 58 38.65 -15.90 -2.60
CA TRP B 58 39.82 -15.28 -1.95
C TRP B 58 39.65 -13.78 -1.78
N LYS B 59 39.17 -13.09 -2.83
CA LYS B 59 38.98 -11.64 -2.75
C LYS B 59 38.03 -11.30 -1.58
N GLY B 60 36.90 -11.98 -1.52
CA GLY B 60 35.96 -11.97 -0.40
C GLY B 60 36.65 -12.14 0.95
N VAL B 61 37.47 -13.19 1.09
CA VAL B 61 38.19 -13.47 2.32
C VAL B 61 38.99 -12.24 2.75
N LEU B 62 39.80 -11.70 1.84
CA LEU B 62 40.73 -10.61 2.14
C LEU B 62 40.03 -9.29 2.40
N GLU B 63 39.09 -8.93 1.55
CA GLU B 63 38.35 -7.67 1.78
C GLU B 63 37.56 -7.70 3.08
N GLU B 64 36.89 -8.83 3.37
CA GLU B 64 36.13 -8.98 4.60
C GLU B 64 37.04 -8.77 5.82
N LEU B 65 38.22 -9.37 5.78
CA LEU B 65 39.11 -9.22 6.91
C LEU B 65 39.57 -7.76 7.05
N LEU B 66 39.92 -7.08 5.95
CA LEU B 66 40.35 -5.67 6.05
C LEU B 66 39.22 -4.79 6.57
N TRP B 67 38.00 -5.15 6.19
CA TRP B 67 36.79 -4.50 6.60
C TRP B 67 36.65 -4.64 8.14
N PHE B 68 36.83 -5.86 8.67
CA PHE B 68 36.84 -6.11 10.13
C PHE B 68 37.85 -5.22 10.83
N ILE B 69 39.10 -5.25 10.34
CA ILE B 69 40.22 -4.49 10.92
C ILE B 69 39.94 -2.97 11.02
N LYS B 70 39.32 -2.39 9.98
CA LYS B 70 38.92 -0.96 10.03
C LYS B 70 37.85 -0.72 11.11
N GLY B 71 37.23 -1.78 11.64
CA GLY B 71 36.17 -1.62 12.65
C GLY B 71 34.81 -1.35 12.05
N SER B 72 34.69 -1.47 10.73
CA SER B 72 33.43 -1.13 10.07
C SER B 72 32.35 -2.14 10.41
N THR B 73 31.12 -1.68 10.50
CA THR B 73 29.99 -2.53 10.70
C THR B 73 28.97 -2.13 9.67
N ASN B 74 29.45 -1.66 8.54
CA ASN B 74 28.65 -1.13 7.44
C ASN B 74 28.79 -2.01 6.18
N ALA B 75 27.75 -2.79 5.91
CA ALA B 75 27.76 -3.73 4.78
C ALA B 75 28.11 -3.04 3.44
N LYS B 76 27.64 -1.79 3.30
CA LYS B 76 27.87 -0.99 2.10
C LYS B 76 29.35 -0.71 1.84
N GLU B 77 30.12 -0.56 2.93
CA GLU B 77 31.54 -0.34 2.87
C GLU B 77 32.31 -1.55 2.33
N LEU B 78 31.83 -2.76 2.63
CA LEU B 78 32.39 -3.98 2.05
C LEU B 78 31.87 -4.21 0.61
N SER B 79 30.61 -3.87 0.37
CA SER B 79 30.00 -4.02 -0.94
C SER B 79 30.70 -3.17 -2.01
N SER B 80 31.22 -2.03 -1.57
CA SER B 80 31.93 -1.13 -2.45
C SER B 80 33.21 -1.75 -2.97
N LYS B 81 33.76 -2.69 -2.20
CA LYS B 81 34.98 -3.41 -2.59
C LYS B 81 34.70 -4.61 -3.52
N GLY B 82 33.46 -4.77 -3.95
CA GLY B 82 33.05 -5.88 -4.82
C GLY B 82 32.59 -7.18 -4.13
N VAL B 83 32.42 -7.11 -2.80
CA VAL B 83 32.16 -8.29 -1.96
C VAL B 83 30.76 -8.12 -1.34
N LYS B 84 29.84 -8.95 -1.83
CA LYS B 84 28.44 -8.79 -1.54
C LYS B 84 27.97 -9.67 -0.36
N ILE B 85 28.90 -10.39 0.28
CA ILE B 85 28.51 -11.49 1.19
C ILE B 85 27.69 -11.07 2.42
N TRP B 86 27.83 -9.84 2.88
CA TRP B 86 27.08 -9.37 4.00
C TRP B 86 25.94 -8.44 3.59
N ASP B 87 25.67 -8.25 2.31
CA ASP B 87 24.66 -7.24 1.86
C ASP B 87 23.23 -7.56 2.31
N ALA B 88 22.84 -8.84 2.16
CA ALA B 88 21.50 -9.31 2.42
C ALA B 88 21.12 -9.11 3.90
N ASN B 89 22.10 -9.20 4.77
CA ASN B 89 21.94 -9.00 6.20
C ASN B 89 21.84 -7.55 6.59
N GLY B 90 22.13 -6.64 5.64
CA GLY B 90 22.05 -5.20 5.86
C GLY B 90 20.95 -4.51 5.09
N SER B 91 20.19 -5.27 4.29
CA SER B 91 19.12 -4.73 3.44
C SER B 91 17.95 -4.23 4.27
N ARG B 92 17.26 -3.21 3.76
CA ARG B 92 16.07 -2.65 4.41
C ARG B 92 15.12 -3.74 4.83
N ASP B 93 14.83 -4.68 3.96
CA ASP B 93 13.96 -5.76 4.28
C ASP B 93 14.44 -6.69 5.39
N PHE B 94 15.70 -7.06 5.36
CA PHE B 94 16.22 -7.93 6.40
C PHE B 94 16.27 -7.23 7.76
N LEU B 95 16.74 -5.99 7.77
CA LEU B 95 16.77 -5.20 8.99
C LEU B 95 15.37 -5.01 9.59
N ASP B 96 14.36 -4.77 8.73
CA ASP B 96 12.97 -4.60 9.19
C ASP B 96 12.47 -5.89 9.83
N SER B 97 12.77 -7.04 9.20
CA SER B 97 12.33 -8.32 9.77
C SER B 97 12.87 -8.59 11.18
N LEU B 98 13.98 -7.93 11.53
CA LEU B 98 14.53 -8.04 12.88
C LEU B 98 14.02 -6.96 13.86
N GLY B 99 13.14 -6.08 13.36
CA GLY B 99 12.51 -5.03 14.16
C GLY B 99 13.34 -3.77 14.22
N PHE B 100 14.36 -3.67 13.35
CA PHE B 100 15.25 -2.50 13.27
C PHE B 100 14.79 -1.53 12.21
N SER B 101 13.56 -1.04 12.31
CA SER B 101 13.00 -0.13 11.27
C SER B 101 13.68 1.23 11.21
N THR B 102 14.25 1.68 12.33
CA THR B 102 14.85 3.01 12.37
C THR B 102 16.31 2.99 11.87
N ARG B 103 16.86 1.79 11.66
CA ARG B 103 18.26 1.66 11.28
C ARG B 103 18.53 1.94 9.80
N GLU B 104 19.61 2.63 9.48
CA GLU B 104 20.07 2.83 8.11
C GLU B 104 20.35 1.50 7.40
N GLU B 105 20.08 1.43 6.10
CA GLU B 105 20.44 0.28 5.26
C GLU B 105 21.97 0.06 5.27
N GLY B 106 22.42 -1.18 5.46
CA GLY B 106 23.86 -1.50 5.61
C GLY B 106 24.37 -1.63 7.06
N ASP B 107 23.61 -1.13 8.03
CA ASP B 107 24.03 -1.11 9.43
C ASP B 107 23.74 -2.45 10.10
N LEU B 108 24.78 -3.25 10.24
CA LEU B 108 24.72 -4.59 10.76
C LEU B 108 24.69 -4.74 12.23
N GLY B 109 24.74 -3.64 12.92
CA GLY B 109 24.81 -3.65 14.32
C GLY B 109 26.23 -3.84 14.76
N PRO B 110 26.39 -4.11 16.03
CA PRO B 110 27.70 -4.30 16.61
C PRO B 110 28.35 -5.66 16.30
N VAL B 111 28.74 -5.86 15.05
CA VAL B 111 29.36 -7.08 14.62
C VAL B 111 30.89 -7.07 14.77
N TYR B 112 31.56 -8.03 14.17
CA TYR B 112 33.00 -8.24 14.27
C TYR B 112 33.89 -7.04 14.39
N GLY B 113 33.77 -6.11 13.47
CA GLY B 113 34.57 -4.93 13.44
C GLY B 113 34.52 -4.12 14.68
N PHE B 114 33.34 -3.96 15.24
CA PHE B 114 33.10 -3.23 16.45
C PHE B 114 33.56 -4.00 17.68
N GLN B 115 33.32 -5.28 17.74
CA GLN B 115 33.72 -6.11 18.85
C GLN B 115 35.23 -6.25 18.95
N TRP B 116 35.89 -6.40 17.83
CA TRP B 116 37.34 -6.49 17.79
C TRP B 116 38.03 -5.20 18.22
N ARG B 117 37.47 -4.07 17.81
CA ARG B 117 38.09 -2.75 18.10
C ARG B 117 37.51 -1.97 19.26
N HIS B 118 36.28 -2.27 19.67
CA HIS B 118 35.52 -1.49 20.67
C HIS B 118 34.65 -2.33 21.59
N PHE B 119 35.11 -3.55 21.94
CA PHE B 119 34.33 -4.43 22.79
C PHE B 119 33.88 -3.70 24.05
N GLY B 120 32.56 -3.68 24.27
CA GLY B 120 32.02 -3.19 25.49
C GLY B 120 31.61 -1.73 25.44
N ALA B 121 31.98 -1.01 24.38
CA ALA B 121 31.47 0.35 24.15
C ALA B 121 29.99 0.30 23.82
N GLU B 122 29.32 1.44 24.00
CA GLU B 122 27.89 1.53 23.74
C GLU B 122 27.71 1.71 22.22
N TYR B 123 27.03 0.78 21.56
CA TYR B 123 26.81 0.91 20.11
C TYR B 123 25.70 1.89 19.79
N ARG B 124 25.97 2.82 18.89
CA ARG B 124 24.92 3.74 18.48
C ARG B 124 24.51 3.41 17.04
N ASP B 125 25.31 3.84 16.08
CA ASP B 125 25.09 3.36 14.71
C ASP B 125 26.43 3.12 14.00
N MET B 126 26.34 2.73 12.74
CA MET B 126 27.53 2.37 11.98
C MET B 126 28.41 3.57 11.68
N GLU B 127 27.85 4.77 11.73
CA GLU B 127 28.62 5.94 11.34
C GLU B 127 29.27 6.64 12.54
N SER B 128 28.84 6.28 13.77
CA SER B 128 29.35 6.90 15.00
C SER B 128 30.86 6.73 15.18
N ASP B 129 31.48 7.70 15.85
CA ASP B 129 32.90 7.65 16.14
C ASP B 129 33.04 6.92 17.47
N TYR B 130 33.84 5.85 17.47
CA TYR B 130 34.04 5.03 18.68
C TYR B 130 35.46 5.12 19.19
N SER B 131 36.23 6.09 18.67
CA SER B 131 37.64 6.30 19.06
C SER B 131 37.85 6.31 20.56
N GLY B 132 38.76 5.43 21.01
CA GLY B 132 39.10 5.30 22.40
C GLY B 132 37.98 4.77 23.29
N GLN B 133 36.88 4.30 22.70
CA GLN B 133 35.81 3.64 23.50
C GLN B 133 35.91 2.08 23.40
N GLY B 134 35.67 1.39 24.51
CA GLY B 134 35.69 -0.06 24.59
C GLY B 134 37.10 -0.61 24.48
N VAL B 135 37.20 -1.95 24.40
CA VAL B 135 38.51 -2.61 24.37
C VAL B 135 38.93 -2.89 22.94
N ASP B 136 40.10 -2.42 22.59
CA ASP B 136 40.68 -2.72 21.31
C ASP B 136 41.38 -4.07 21.38
N GLN B 137 40.58 -5.14 21.25
CA GLN B 137 41.13 -6.49 21.39
C GLN B 137 42.22 -6.80 20.38
N LEU B 138 42.03 -6.33 19.13
CA LEU B 138 42.98 -6.61 18.08
C LEU B 138 44.36 -6.07 18.41
N GLN B 139 44.45 -4.81 18.86
CA GLN B 139 45.74 -4.22 19.17
C GLN B 139 46.33 -4.81 20.46
N ARG B 140 45.50 -5.05 21.49
CA ARG B 140 45.99 -5.69 22.74
C ARG B 140 46.60 -7.05 22.46
N VAL B 141 46.00 -7.79 21.50
CA VAL B 141 46.55 -9.08 21.07
C VAL B 141 47.92 -8.91 20.43
N ILE B 142 48.03 -8.00 19.48
CA ILE B 142 49.32 -7.68 18.86
C ILE B 142 50.36 -7.29 19.94
N ASP B 143 49.96 -6.42 20.86
CA ASP B 143 50.85 -5.94 21.91
C ASP B 143 51.33 -7.05 22.85
N THR B 144 50.41 -7.93 23.27
CA THR B 144 50.73 -9.03 24.13
C THR B 144 51.67 -10.01 23.41
N ILE B 145 51.44 -10.26 22.13
CA ILE B 145 52.30 -11.14 21.36
C ILE B 145 53.75 -10.61 21.35
N LYS B 146 53.90 -9.31 21.13
CA LYS B 146 55.21 -8.66 21.13
C LYS B 146 55.89 -8.70 22.51
N THR B 147 55.21 -8.28 23.57
CA THR B 147 55.85 -8.13 24.90
C THR B 147 55.83 -9.37 25.81
N ASN B 148 54.86 -10.25 25.63
CA ASN B 148 54.80 -11.44 26.48
C ASN B 148 54.26 -12.63 25.68
N PRO B 149 55.06 -13.16 24.72
CA PRO B 149 54.62 -14.29 23.90
C PRO B 149 54.13 -15.56 24.65
N ASP B 150 54.62 -15.80 25.86
CA ASP B 150 54.21 -16.99 26.65
C ASP B 150 52.78 -16.95 27.21
N ASP B 151 52.16 -15.78 27.17
CA ASP B 151 50.85 -15.52 27.74
C ASP B 151 49.76 -16.46 27.21
N ARG B 152 48.99 -17.01 28.13
CA ARG B 152 47.93 -17.93 27.77
C ARG B 152 46.52 -17.30 27.66
N ARG B 153 46.48 -15.98 27.50
CA ARG B 153 45.26 -15.20 27.51
C ARG B 153 45.13 -14.37 26.22
N ILE B 154 45.83 -14.74 25.15
CA ILE B 154 45.81 -13.92 23.93
C ILE B 154 44.54 -14.26 23.13
N ILE B 155 43.44 -13.60 23.48
CA ILE B 155 42.12 -13.97 23.00
C ILE B 155 41.46 -12.73 22.43
N MET B 156 40.80 -12.90 21.29
CA MET B 156 39.99 -11.86 20.68
C MET B 156 38.60 -12.48 20.57
N CYS B 157 37.63 -11.85 21.23
CA CYS B 157 36.31 -12.42 21.43
C CYS B 157 35.22 -11.59 20.75
N ALA B 158 34.44 -12.23 19.88
CA ALA B 158 33.41 -11.52 19.10
C ALA B 158 32.04 -11.74 19.76
N TRP B 159 31.94 -12.76 20.61
CA TRP B 159 30.71 -13.12 21.27
C TRP B 159 30.48 -12.19 22.45
N ASN B 160 29.48 -11.32 22.31
CA ASN B 160 29.17 -10.31 23.31
C ASN B 160 27.69 -10.49 23.64
N PRO B 161 27.40 -11.25 24.73
CA PRO B 161 26.00 -11.46 25.13
C PRO B 161 25.15 -10.18 25.24
N ARG B 162 25.70 -9.09 25.76
CA ARG B 162 24.92 -7.83 25.87
C ARG B 162 24.50 -7.27 24.51
N ASP B 163 25.38 -7.39 23.51
CA ASP B 163 25.15 -6.84 22.17
C ASP B 163 24.42 -7.76 21.21
N LEU B 164 24.33 -9.09 21.49
CA LEU B 164 23.63 -10.03 20.59
C LEU B 164 22.29 -9.55 20.00
N PRO B 165 21.36 -9.00 20.84
CA PRO B 165 20.06 -8.60 20.23
C PRO B 165 20.16 -7.45 19.20
N LEU B 166 21.25 -6.68 19.22
CA LEU B 166 21.44 -5.62 18.25
C LEU B 166 22.13 -6.03 16.94
N MET B 167 22.70 -7.22 16.89
CA MET B 167 23.38 -7.66 15.68
C MET B 167 22.46 -8.18 14.61
N ALA B 168 22.80 -7.93 13.34
CA ALA B 168 22.04 -8.49 12.23
C ALA B 168 22.14 -10.01 12.22
N LEU B 169 23.25 -10.61 12.66
CA LEU B 169 23.46 -12.03 12.84
C LEU B 169 24.41 -12.23 13.98
N PRO B 170 24.18 -13.20 14.85
CA PRO B 170 25.21 -13.47 15.90
C PRO B 170 26.43 -14.16 15.26
N PRO B 171 27.64 -13.82 15.71
CA PRO B 171 28.87 -14.29 15.01
C PRO B 171 28.98 -15.82 15.01
N CYS B 172 29.41 -16.40 13.88
CA CYS B 172 29.77 -17.81 13.76
C CYS B 172 31.08 -18.02 14.51
N HIS B 173 31.93 -17.04 14.46
CA HIS B 173 33.22 -17.14 15.11
C HIS B 173 33.22 -16.43 16.41
N ALA B 174 33.01 -17.22 17.43
CA ALA B 174 32.83 -16.76 18.80
C ALA B 174 34.08 -16.12 19.33
N LEU B 175 35.21 -16.79 19.13
CA LEU B 175 36.48 -16.25 19.59
C LEU B 175 37.63 -16.95 18.90
N CYS B 176 38.78 -16.31 18.93
CA CYS B 176 40.00 -16.98 18.56
C CYS B 176 41.09 -16.72 19.62
N GLN B 177 42.03 -17.67 19.71
CA GLN B 177 43.13 -17.60 20.64
C GLN B 177 44.41 -17.75 19.89
N PHE B 178 45.41 -16.94 20.26
CA PHE B 178 46.75 -17.02 19.70
C PHE B 178 47.75 -17.63 20.68
N TYR B 179 48.83 -18.17 20.10
CA TYR B 179 49.84 -18.90 20.83
C TYR B 179 51.23 -18.78 20.20
N VAL B 180 52.23 -18.57 21.03
CA VAL B 180 53.58 -18.41 20.52
C VAL B 180 54.56 -19.40 21.16
N VAL B 181 55.29 -20.12 20.31
CA VAL B 181 56.44 -20.91 20.74
C VAL B 181 57.42 -21.05 19.58
N ASN B 182 58.74 -21.00 19.87
CA ASN B 182 59.81 -21.16 18.86
C ASN B 182 59.67 -20.18 17.69
N SER B 183 59.36 -18.93 18.03
CA SER B 183 59.08 -17.87 17.02
C SER B 183 57.94 -18.18 16.01
N GLU B 184 57.06 -19.09 16.39
CA GLU B 184 55.89 -19.42 15.57
C GLU B 184 54.60 -18.95 16.23
N LEU B 185 53.74 -18.28 15.45
CA LEU B 185 52.43 -17.88 15.90
C LEU B 185 51.37 -18.83 15.40
N SER B 186 50.64 -19.41 16.35
CA SER B 186 49.50 -20.25 16.04
C SER B 186 48.19 -19.57 16.48
N CYS B 187 47.09 -20.01 15.87
CA CYS B 187 45.79 -19.49 16.13
C CYS B 187 44.79 -20.62 16.19
N GLN B 188 43.87 -20.52 17.14
CA GLN B 188 42.79 -21.45 17.21
C GLN B 188 41.45 -20.72 17.16
N LEU B 189 40.57 -21.17 16.30
CA LEU B 189 39.26 -20.56 16.20
C LEU B 189 38.20 -21.43 16.84
N TYR B 190 37.36 -20.83 17.70
CA TYR B 190 36.15 -21.48 18.15
C TYR B 190 34.99 -21.02 17.32
N GLN B 191 34.55 -21.87 16.40
CA GLN B 191 33.44 -21.57 15.46
C GLN B 191 32.23 -22.41 15.89
N ARG B 192 31.19 -21.71 16.37
CA ARG B 192 30.04 -22.34 17.00
C ARG B 192 29.15 -23.09 16.03
N SER B 193 29.21 -22.70 14.75
CA SER B 193 28.34 -23.20 13.71
C SER B 193 29.09 -23.17 12.41
N GLY B 194 29.10 -24.31 11.75
CA GLY B 194 29.81 -24.45 10.48
C GLY B 194 28.93 -24.95 9.35
N ASP B 195 28.73 -24.10 8.35
CA ASP B 195 28.18 -24.61 7.10
C ASP B 195 29.39 -25.21 6.35
N MET B 196 29.45 -26.54 6.32
CA MET B 196 30.64 -27.21 5.83
C MET B 196 30.85 -27.01 4.33
N GLY B 197 29.73 -27.01 3.59
CA GLY B 197 29.74 -26.81 2.14
C GLY B 197 30.13 -25.42 1.65
N LEU B 198 29.43 -24.39 2.14
CA LEU B 198 29.66 -22.99 1.72
C LEU B 198 30.54 -22.11 2.63
N GLY B 199 30.36 -22.19 3.95
CA GLY B 199 31.11 -21.32 4.86
C GLY B 199 32.55 -21.79 5.12
N VAL B 200 32.69 -23.03 5.58
CA VAL B 200 33.93 -23.48 6.19
C VAL B 200 35.24 -23.20 5.40
N PRO B 201 35.28 -23.46 4.07
CA PRO B 201 36.56 -23.15 3.34
C PRO B 201 36.96 -21.70 3.43
N PHE B 202 35.96 -20.83 3.29
CA PHE B 202 36.10 -19.39 3.41
C PHE B 202 36.55 -19.07 4.85
N ASN B 203 35.86 -19.67 5.83
CA ASN B 203 36.21 -19.46 7.22
C ASN B 203 37.65 -19.85 7.53
N ILE B 204 38.10 -21.03 7.07
CA ILE B 204 39.50 -21.46 7.28
C ILE B 204 40.46 -20.42 6.72
N ALA B 205 40.19 -19.96 5.49
CA ALA B 205 41.03 -18.99 4.85
C ALA B 205 41.14 -17.66 5.63
N SER B 206 40.03 -17.18 6.22
CA SER B 206 40.03 -15.90 6.99
C SER B 206 41.03 -15.91 8.12
N TYR B 207 40.93 -16.92 8.96
CA TYR B 207 41.73 -16.97 10.17
C TYR B 207 43.17 -17.37 9.88
N ALA B 208 43.38 -18.14 8.82
CA ALA B 208 44.74 -18.36 8.35
C ALA B 208 45.32 -17.01 7.94
N LEU B 209 44.54 -16.21 7.18
CA LEU B 209 45.02 -14.90 6.73
C LEU B 209 45.28 -13.97 7.93
N LEU B 210 44.38 -14.00 8.91
CA LEU B 210 44.56 -13.18 10.11
C LEU B 210 45.89 -13.51 10.78
N THR B 211 46.18 -14.82 10.84
CA THR B 211 47.40 -15.26 11.51
C THR B 211 48.67 -14.78 10.76
N TYR B 212 48.64 -14.90 9.44
CA TYR B 212 49.68 -14.35 8.58
C TYR B 212 49.88 -12.84 8.82
N MET B 213 48.77 -12.10 8.94
CA MET B 213 48.86 -10.65 9.21
C MET B 213 49.54 -10.36 10.54
N ILE B 214 49.09 -11.02 11.61
CA ILE B 214 49.65 -10.73 12.93
C ILE B 214 51.11 -11.18 13.03
N ALA B 215 51.41 -12.36 12.48
CA ALA B 215 52.81 -12.85 12.36
C ALA B 215 53.73 -11.84 11.68
N HIS B 216 53.26 -11.25 10.59
CA HIS B 216 54.04 -10.23 9.88
C HIS B 216 54.29 -9.00 10.77
N ILE B 217 53.25 -8.49 11.42
CA ILE B 217 53.33 -7.34 12.33
C ILE B 217 54.28 -7.58 13.52
N THR B 218 54.35 -8.82 13.96
CA THR B 218 55.02 -9.11 15.23
C THR B 218 56.42 -9.75 15.02
N GLY B 219 56.80 -9.94 13.75
CA GLY B 219 58.08 -10.54 13.37
C GLY B 219 58.17 -12.04 13.68
N LEU B 220 57.05 -12.73 13.59
CA LEU B 220 57.03 -14.14 13.85
C LEU B 220 56.70 -14.87 12.55
N LYS B 221 56.91 -16.19 12.55
CA LYS B 221 56.52 -17.05 11.45
C LYS B 221 55.17 -17.71 11.74
N PRO B 222 54.30 -17.82 10.73
CA PRO B 222 53.04 -18.59 10.88
C PRO B 222 53.31 -20.04 11.35
N GLY B 223 52.50 -20.52 12.30
CA GLY B 223 52.62 -21.88 12.82
C GLY B 223 51.48 -22.77 12.37
N ASP B 224 50.53 -22.99 13.26
CA ASP B 224 49.31 -23.71 12.92
C ASP B 224 48.07 -22.88 13.01
N PHE B 225 47.10 -23.21 12.15
CA PHE B 225 45.74 -22.79 12.40
C PHE B 225 44.92 -23.99 12.86
N ILE B 226 44.31 -23.86 14.04
CA ILE B 226 43.49 -24.94 14.60
C ILE B 226 42.04 -24.54 14.51
N HIS B 227 41.28 -25.33 13.77
CA HIS B 227 39.91 -25.07 13.48
C HIS B 227 39.01 -25.99 14.30
N THR B 228 38.32 -25.39 15.27
CA THR B 228 37.40 -26.09 16.15
C THR B 228 35.98 -25.70 15.81
N LEU B 229 35.13 -26.71 15.65
CA LEU B 229 33.72 -26.51 15.39
C LEU B 229 32.77 -26.97 16.51
N GLY B 230 31.66 -26.23 16.62
CA GLY B 230 30.51 -26.62 17.42
C GLY B 230 29.59 -27.47 16.57
N ASP B 231 28.49 -26.86 16.13
CA ASP B 231 27.53 -27.53 15.27
C ASP B 231 28.06 -27.56 13.86
N ALA B 232 28.74 -28.64 13.51
CA ALA B 232 29.29 -28.83 12.15
C ALA B 232 28.25 -29.50 11.27
N HIS B 233 27.76 -28.80 10.27
CA HIS B 233 26.64 -29.33 9.51
C HIS B 233 26.80 -29.21 8.01
N ILE B 234 26.12 -30.11 7.31
CA ILE B 234 26.01 -30.09 5.85
C ILE B 234 24.52 -29.95 5.55
N TYR B 235 24.18 -28.96 4.71
CA TYR B 235 22.80 -28.77 4.27
C TYR B 235 22.39 -29.89 3.30
N LEU B 236 21.15 -30.36 3.40
CA LEU B 236 20.74 -31.51 2.57
C LEU B 236 20.86 -31.25 1.06
N ASN B 237 20.52 -30.05 0.61
CA ASN B 237 20.70 -29.66 -0.80
C ASN B 237 22.18 -29.51 -1.21
N HIS B 238 23.09 -29.71 -0.27
CA HIS B 238 24.53 -29.71 -0.57
C HIS B 238 25.14 -31.10 -0.63
N ILE B 239 24.36 -32.14 -0.37
CA ILE B 239 24.93 -33.49 -0.32
C ILE B 239 25.47 -33.86 -1.71
N GLU B 240 24.63 -33.70 -2.73
CA GLU B 240 25.01 -34.08 -4.11
C GLU B 240 26.23 -33.28 -4.63
N PRO B 241 26.22 -31.94 -4.51
CA PRO B 241 27.47 -31.22 -4.88
C PRO B 241 28.72 -31.67 -4.13
N LEU B 242 28.61 -31.92 -2.83
CA LEU B 242 29.77 -32.32 -1.98
C LEU B 242 30.26 -33.73 -2.34
N LYS B 243 29.33 -34.59 -2.76
CA LYS B 243 29.69 -35.90 -3.30
C LYS B 243 30.60 -35.74 -4.53
N ILE B 244 30.31 -34.77 -5.40
CA ILE B 244 31.16 -34.43 -6.55
C ILE B 244 32.52 -33.95 -6.03
N GLN B 245 32.50 -33.07 -5.02
CA GLN B 245 33.76 -32.52 -4.52
C GLN B 245 34.69 -33.58 -3.89
N LEU B 246 34.09 -34.53 -3.17
CA LEU B 246 34.89 -35.57 -2.50
C LEU B 246 35.71 -36.44 -3.45
N GLN B 247 35.27 -36.49 -4.71
CA GLN B 247 35.93 -37.21 -5.78
C GLN B 247 37.28 -36.60 -6.24
N ARG B 248 37.49 -35.32 -5.93
CA ARG B 248 38.65 -34.64 -6.46
C ARG B 248 39.83 -34.77 -5.56
N GLU B 249 41.00 -34.88 -6.16
CA GLU B 249 42.24 -34.98 -5.42
C GLU B 249 42.81 -33.56 -5.21
N PRO B 250 43.18 -33.22 -3.97
CA PRO B 250 43.73 -31.88 -3.70
C PRO B 250 45.01 -31.65 -4.47
N ARG B 251 45.19 -30.43 -4.97
CA ARG B 251 46.47 -29.95 -5.48
C ARG B 251 47.22 -29.36 -4.31
N PRO B 252 48.56 -29.24 -4.42
CA PRO B 252 49.31 -28.58 -3.35
C PRO B 252 48.74 -27.18 -3.04
N PHE B 253 48.85 -26.81 -1.77
CA PHE B 253 48.35 -25.53 -1.29
C PHE B 253 49.19 -24.42 -1.89
N PRO B 254 48.57 -23.28 -2.23
CA PRO B 254 49.31 -22.08 -2.69
C PRO B 254 50.19 -21.53 -1.58
N LYS B 255 51.01 -20.53 -1.90
CA LYS B 255 51.70 -19.74 -0.88
C LYS B 255 51.09 -18.34 -0.80
N LEU B 256 51.21 -17.71 0.37
CA LEU B 256 50.79 -16.35 0.52
C LEU B 256 52.02 -15.44 0.67
N ARG B 257 52.20 -14.47 -0.22
CA ARG B 257 53.31 -13.49 -0.12
C ARG B 257 52.74 -12.17 0.39
N ILE B 258 53.47 -11.58 1.33
CA ILE B 258 53.21 -10.23 1.80
C ILE B 258 54.26 -9.31 1.19
N LEU B 259 53.80 -8.41 0.32
CA LEU B 259 54.65 -7.75 -0.67
C LEU B 259 55.51 -6.59 -0.17
N ARG B 260 55.25 -6.06 1.02
CA ARG B 260 56.11 -5.00 1.61
C ARG B 260 56.14 -5.16 3.13
N LYS B 261 57.10 -4.51 3.81
CA LYS B 261 57.17 -4.50 5.27
C LYS B 261 56.04 -3.59 5.78
N VAL B 262 55.19 -4.12 6.66
CA VAL B 262 54.04 -3.35 7.22
C VAL B 262 54.14 -3.25 8.73
N GLU B 263 53.95 -2.03 9.27
CA GLU B 263 54.26 -1.70 10.68
C GLU B 263 53.08 -1.93 11.63
N LYS B 264 51.88 -1.50 11.22
CA LYS B 264 50.68 -1.56 12.06
C LYS B 264 49.60 -2.28 11.26
N ILE B 265 48.83 -3.12 11.94
CA ILE B 265 47.76 -3.90 11.32
C ILE B 265 46.76 -3.04 10.49
N ASP B 266 46.55 -1.80 10.88
CA ASP B 266 45.65 -0.88 10.16
C ASP B 266 46.18 -0.49 8.79
N ASP B 267 47.51 -0.55 8.59
CA ASP B 267 48.17 -0.18 7.33
C ASP B 267 48.07 -1.20 6.17
N PHE B 268 47.63 -2.43 6.44
CA PHE B 268 47.52 -3.42 5.38
C PHE B 268 46.51 -2.98 4.33
N LYS B 269 46.88 -3.12 3.07
CA LYS B 269 45.96 -2.89 1.95
C LYS B 269 45.90 -4.22 1.18
N ALA B 270 44.84 -4.39 0.40
CA ALA B 270 44.64 -5.58 -0.41
C ALA B 270 45.83 -5.89 -1.31
N GLU B 271 46.47 -4.84 -1.83
CA GLU B 271 47.54 -4.98 -2.81
C GLU B 271 48.81 -5.46 -2.17
N ASP B 272 48.89 -5.40 -0.84
CA ASP B 272 50.02 -5.99 -0.11
C ASP B 272 50.07 -7.50 -0.18
N PHE B 273 49.00 -8.16 -0.62
CA PHE B 273 48.89 -9.63 -0.55
C PHE B 273 48.88 -10.31 -1.90
N GLN B 274 49.61 -11.42 -2.03
CA GLN B 274 49.59 -12.17 -3.27
C GLN B 274 49.54 -13.67 -3.03
N ILE B 275 48.53 -14.28 -3.61
CA ILE B 275 48.36 -15.70 -3.61
C ILE B 275 49.14 -16.26 -4.79
N GLU B 276 50.05 -17.17 -4.49
CA GLU B 276 50.99 -17.67 -5.47
C GLU B 276 50.76 -19.14 -5.69
N GLY B 277 50.52 -19.52 -6.96
CA GLY B 277 50.40 -20.91 -7.35
C GLY B 277 49.10 -21.55 -6.91
N TYR B 278 48.00 -20.81 -6.98
CA TYR B 278 46.74 -21.38 -6.55
C TYR B 278 46.09 -22.08 -7.74
N ASN B 279 45.74 -23.34 -7.57
CA ASN B 279 45.34 -24.17 -8.69
C ASN B 279 44.06 -24.97 -8.47
N PRO B 280 42.95 -24.27 -8.17
CA PRO B 280 41.78 -25.06 -7.77
C PRO B 280 41.07 -25.78 -8.93
N HIS B 281 40.39 -26.87 -8.60
CA HIS B 281 39.39 -27.51 -9.46
C HIS B 281 38.22 -26.52 -9.71
N PRO B 282 37.42 -26.76 -10.71
CA PRO B 282 36.34 -25.82 -10.97
C PRO B 282 35.31 -25.67 -9.88
N THR B 283 34.86 -24.44 -9.73
CA THR B 283 33.84 -24.08 -8.75
C THR B 283 32.64 -25.00 -8.74
N ILE B 284 31.94 -25.03 -7.62
CA ILE B 284 30.75 -25.85 -7.46
C ILE B 284 29.52 -25.03 -7.05
N LYS B 285 28.45 -25.11 -7.82
CA LYS B 285 27.21 -24.37 -7.52
C LYS B 285 26.50 -24.99 -6.29
N MET B 286 26.44 -24.23 -5.20
CA MET B 286 25.65 -24.58 -3.98
C MET B 286 24.73 -23.43 -3.44
N GLU B 287 23.40 -23.63 -3.42
CA GLU B 287 22.43 -22.60 -2.97
C GLU B 287 22.42 -22.34 -1.43
N MET B 288 22.16 -21.09 -1.05
CA MET B 288 22.20 -20.66 0.38
C MET B 288 20.85 -20.85 1.13
N ALA B 289 20.94 -20.86 2.47
CA ALA B 289 19.82 -20.97 3.44
C ALA B 289 18.51 -20.23 3.08
N PRO C 3 -13.79 2.77 -29.07
CA PRO C 3 -14.25 4.21 -29.08
C PRO C 3 -13.54 5.02 -27.99
N PRO C 4 -12.49 5.79 -28.32
CA PRO C 4 -11.55 6.21 -27.26
C PRO C 4 -12.13 7.17 -26.17
N HIS C 5 -11.54 7.11 -24.96
CA HIS C 5 -11.81 8.02 -23.86
C HIS C 5 -11.59 9.50 -24.26
N GLY C 6 -12.66 10.28 -24.17
CA GLY C 6 -12.65 11.75 -24.22
C GLY C 6 -11.44 12.45 -23.59
N GLU C 7 -10.96 11.96 -22.45
CA GLU C 7 -9.87 12.61 -21.77
C GLU C 7 -8.56 12.56 -22.60
N LEU C 8 -8.47 11.61 -23.54
CA LEU C 8 -7.30 11.52 -24.39
C LEU C 8 -7.06 12.77 -25.25
N GLN C 9 -8.12 13.48 -25.63
CA GLN C 9 -7.92 14.77 -26.33
C GLN C 9 -7.15 15.77 -25.48
N TYR C 10 -7.58 15.88 -24.22
CA TYR C 10 -6.93 16.80 -23.30
C TYR C 10 -5.47 16.39 -23.18
N LEU C 11 -5.26 15.09 -22.94
CA LEU C 11 -3.89 14.60 -22.84
C LEU C 11 -3.09 14.76 -24.16
N GLY C 12 -3.75 14.55 -25.29
CA GLY C 12 -3.14 14.79 -26.62
C GLY C 12 -2.69 16.25 -26.76
N GLN C 13 -3.55 17.19 -26.36
CA GLN C 13 -3.20 18.62 -26.41
C GLN C 13 -1.96 18.95 -25.56
N ILE C 14 -1.89 18.36 -24.37
CA ILE C 14 -0.71 18.52 -23.49
C ILE C 14 0.54 17.99 -24.23
N GLN C 15 0.42 16.80 -24.81
CA GLN C 15 1.50 16.15 -25.59
C GLN C 15 1.94 17.07 -26.71
N HIS C 16 1.00 17.59 -27.51
CA HIS C 16 1.32 18.50 -28.63
C HIS C 16 2.06 19.77 -28.18
N ILE C 17 1.69 20.33 -27.02
CA ILE C 17 2.37 21.55 -26.54
C ILE C 17 3.79 21.24 -26.09
N LEU C 18 3.96 20.06 -25.48
CA LEU C 18 5.27 19.64 -25.00
C LEU C 18 6.25 19.44 -26.15
N ARG C 19 5.78 18.77 -27.20
CA ARG C 19 6.61 18.54 -28.39
C ARG C 19 6.77 19.79 -29.25
N CYS C 20 5.67 20.51 -29.54
CA CYS C 20 5.68 21.56 -30.58
C CYS C 20 5.54 23.01 -30.09
N GLY C 21 5.14 23.19 -28.83
CA GLY C 21 4.97 24.55 -28.29
C GLY C 21 6.27 25.32 -28.32
N VAL C 22 6.18 26.63 -28.31
CA VAL C 22 7.35 27.49 -28.38
C VAL C 22 7.47 28.21 -27.04
N ARG C 23 8.70 28.54 -26.63
CA ARG C 23 8.93 29.40 -25.46
C ARG C 23 8.35 30.81 -25.66
N LYS C 24 7.56 31.26 -24.69
CA LYS C 24 6.82 32.54 -24.73
C LYS C 24 6.62 32.98 -23.30
N ASP C 25 6.96 34.24 -23.00
CA ASP C 25 6.78 34.80 -21.65
C ASP C 25 5.36 35.33 -21.46
N ASP C 26 4.90 35.44 -20.21
CA ASP C 26 3.57 36.01 -19.91
C ASP C 26 3.64 37.36 -19.16
N ARG C 27 2.50 37.87 -18.68
CA ARG C 27 2.45 39.12 -17.88
C ARG C 27 3.43 39.09 -16.68
N THR C 28 3.56 37.92 -16.04
CA THR C 28 4.47 37.74 -14.92
C THR C 28 5.95 37.58 -15.40
N GLY C 29 6.13 37.16 -16.65
CA GLY C 29 7.47 36.83 -17.20
C GLY C 29 8.01 35.43 -16.88
N THR C 30 7.19 34.58 -16.26
CA THR C 30 7.56 33.20 -15.83
C THR C 30 7.71 32.20 -16.96
N GLY C 31 7.04 32.41 -18.08
CA GLY C 31 7.38 31.62 -19.26
C GLY C 31 6.60 30.36 -19.40
N THR C 32 6.33 30.02 -20.66
CA THR C 32 5.39 28.97 -20.98
C THR C 32 5.91 28.30 -22.23
N LEU C 33 5.43 27.08 -22.46
CA LEU C 33 5.38 26.51 -23.79
C LEU C 33 3.97 26.79 -24.33
N SER C 34 3.88 27.14 -25.61
CA SER C 34 2.67 27.77 -26.14
C SER C 34 2.34 27.41 -27.59
N VAL C 35 1.08 27.02 -27.84
CA VAL C 35 0.54 26.85 -29.19
C VAL C 35 -0.69 27.77 -29.32
N PHE C 36 -0.86 28.38 -30.48
CA PHE C 36 -2.01 29.21 -30.73
C PHE C 36 -3.00 28.50 -31.63
N GLY C 37 -4.24 28.36 -31.15
CA GLY C 37 -5.32 27.69 -31.90
C GLY C 37 -5.35 26.20 -31.64
N MET C 38 -6.27 25.73 -30.80
CA MET C 38 -6.53 24.29 -30.66
C MET C 38 -8.02 24.08 -30.47
N GLN C 39 -8.48 22.84 -30.72
CA GLN C 39 -9.87 22.49 -30.58
C GLN C 39 -10.00 21.03 -30.11
N ALA C 40 -10.76 20.79 -29.06
CA ALA C 40 -11.12 19.43 -28.66
C ALA C 40 -12.65 19.28 -28.59
N ARG C 41 -13.14 18.06 -28.76
CA ARG C 41 -14.59 17.80 -28.69
C ARG C 41 -14.87 16.82 -27.55
N TYR C 42 -15.66 17.21 -26.57
CA TYR C 42 -16.00 16.28 -25.47
C TYR C 42 -17.47 15.96 -25.54
N SER C 43 -17.77 14.68 -25.78
CA SER C 43 -19.17 14.20 -25.75
C SER C 43 -19.78 14.39 -24.37
N LEU C 44 -21.06 14.76 -24.36
CA LEU C 44 -21.81 14.93 -23.11
C LEU C 44 -22.94 13.88 -22.97
N ARG C 45 -23.02 12.95 -23.93
CA ARG C 45 -24.13 11.96 -24.02
C ARG C 45 -23.87 10.86 -23.00
N ASP C 46 -24.64 10.82 -21.89
CA ASP C 46 -24.51 9.83 -20.78
C ASP C 46 -23.13 9.74 -20.13
N GLU C 47 -22.42 10.85 -20.11
CA GLU C 47 -21.09 10.93 -19.54
C GLU C 47 -20.90 12.43 -19.25
N PHE C 48 -20.08 12.74 -18.25
CA PHE C 48 -19.71 14.11 -17.93
C PHE C 48 -18.17 14.25 -17.89
N PRO C 49 -17.57 15.18 -18.67
CA PRO C 49 -16.11 15.23 -18.81
C PRO C 49 -15.36 15.91 -17.64
N LEU C 50 -15.48 15.31 -16.47
CA LEU C 50 -14.69 15.68 -15.32
C LEU C 50 -13.40 14.88 -15.32
N LEU C 51 -12.27 15.55 -15.54
CA LEU C 51 -11.02 14.84 -15.84
C LEU C 51 -10.59 13.92 -14.72
N THR C 52 -10.10 12.73 -15.09
CA THR C 52 -9.78 11.69 -14.10
C THR C 52 -8.28 11.54 -13.82
N THR C 53 -7.40 11.97 -14.74
CA THR C 53 -5.97 11.78 -14.48
C THR C 53 -5.41 12.72 -13.42
N LYS C 54 -6.20 13.72 -13.03
CA LYS C 54 -5.93 14.58 -11.87
C LYS C 54 -7.28 15.10 -11.39
N ARG C 55 -7.51 15.07 -10.07
CA ARG C 55 -8.82 15.48 -9.54
C ARG C 55 -9.08 16.97 -9.84
N VAL C 56 -10.27 17.26 -10.36
CA VAL C 56 -10.74 18.59 -10.64
C VAL C 56 -11.58 19.11 -9.45
N PHE C 57 -11.43 20.41 -9.15
CA PHE C 57 -12.12 21.06 -8.05
C PHE C 57 -13.59 21.28 -8.38
N TRP C 58 -14.36 20.19 -8.32
CA TRP C 58 -15.78 20.14 -8.73
C TRP C 58 -16.63 21.14 -7.97
N LYS C 59 -16.45 21.21 -6.66
CA LYS C 59 -17.19 22.15 -5.81
C LYS C 59 -17.00 23.60 -6.34
N GLY C 60 -15.73 23.98 -6.54
CA GLY C 60 -15.35 25.22 -7.21
C GLY C 60 -16.10 25.44 -8.52
N VAL C 61 -16.09 24.44 -9.41
CA VAL C 61 -16.75 24.54 -10.70
C VAL C 61 -18.21 24.93 -10.51
N LEU C 62 -18.93 24.19 -9.66
CA LEU C 62 -20.37 24.36 -9.49
C LEU C 62 -20.74 25.66 -8.77
N GLU C 63 -20.05 25.96 -7.68
CA GLU C 63 -20.35 27.21 -6.97
C GLU C 63 -20.06 28.44 -7.85
N GLU C 64 -18.92 28.42 -8.56
CA GLU C 64 -18.56 29.52 -9.46
C GLU C 64 -19.65 29.75 -10.49
N LEU C 65 -20.14 28.67 -11.08
CA LEU C 65 -21.16 28.82 -12.08
C LEU C 65 -22.46 29.39 -11.47
N LEU C 66 -22.87 28.92 -10.29
CA LEU C 66 -24.10 29.45 -9.68
C LEU C 66 -23.94 30.94 -9.34
N TRP C 67 -22.72 31.29 -8.96
CA TRP C 67 -22.34 32.64 -8.65
C TRP C 67 -22.49 33.51 -9.91
N PHE C 68 -21.98 33.05 -11.05
CA PHE C 68 -22.17 33.72 -12.36
C PHE C 68 -23.63 33.97 -12.67
N ILE C 69 -24.43 32.90 -12.56
CA ILE C 69 -25.87 32.93 -12.87
C ILE C 69 -26.63 33.97 -12.02
N LYS C 70 -26.30 34.09 -10.73
CA LYS C 70 -26.91 35.13 -9.86
C LYS C 70 -26.52 36.55 -10.33
N GLY C 71 -25.52 36.66 -11.22
CA GLY C 71 -25.06 37.98 -11.70
C GLY C 71 -24.10 38.66 -10.77
N SER C 72 -23.63 37.94 -9.73
CA SER C 72 -22.78 38.53 -8.72
C SER C 72 -21.41 38.86 -9.33
N THR C 73 -20.79 39.92 -8.83
CA THR C 73 -19.46 40.31 -9.21
C THR C 73 -18.70 40.55 -7.93
N ASN C 74 -19.12 39.87 -6.89
CA ASN C 74 -18.61 40.01 -5.54
C ASN C 74 -17.86 38.76 -5.08
N ALA C 75 -16.54 38.83 -5.08
CA ALA C 75 -15.70 37.69 -4.72
C ALA C 75 -16.06 37.10 -3.36
N LYS C 76 -16.44 37.98 -2.42
CA LYS C 76 -16.85 37.59 -1.08
C LYS C 76 -18.06 36.64 -1.05
N GLU C 77 -18.97 36.85 -1.98
CA GLU C 77 -20.19 36.05 -2.13
C GLU C 77 -19.86 34.60 -2.55
N LEU C 78 -18.82 34.44 -3.39
CA LEU C 78 -18.34 33.09 -3.74
C LEU C 78 -17.45 32.48 -2.63
N SER C 79 -16.68 33.34 -1.97
CA SER C 79 -15.80 32.92 -0.88
C SER C 79 -16.59 32.34 0.29
N SER C 80 -17.78 32.85 0.49
CA SER C 80 -18.65 32.40 1.56
C SER C 80 -19.09 30.96 1.32
N LYS C 81 -19.11 30.55 0.06
CA LYS C 81 -19.47 29.17 -0.29
C LYS C 81 -18.30 28.19 -0.21
N GLY C 82 -17.16 28.64 0.31
CA GLY C 82 -15.95 27.80 0.45
C GLY C 82 -14.96 27.81 -0.72
N VAL C 83 -15.21 28.69 -1.70
CA VAL C 83 -14.49 28.70 -2.97
C VAL C 83 -13.71 30.04 -3.07
N LYS C 84 -12.40 29.91 -2.94
CA LYS C 84 -11.54 31.06 -2.75
C LYS C 84 -10.90 31.55 -4.06
N ILE C 85 -11.28 30.93 -5.19
CA ILE C 85 -10.51 31.10 -6.46
C ILE C 85 -10.47 32.55 -7.00
N TRP C 86 -11.45 33.38 -6.68
CA TRP C 86 -11.47 34.74 -7.12
C TRP C 86 -11.12 35.73 -5.99
N ASP C 87 -10.67 35.26 -4.85
CA ASP C 87 -10.45 36.18 -3.70
C ASP C 87 -9.29 37.18 -3.90
N ALA C 88 -8.16 36.67 -4.41
CA ALA C 88 -6.95 37.44 -4.57
C ALA C 88 -7.15 38.65 -5.51
N ASN C 89 -8.04 38.45 -6.51
CA ASN C 89 -8.37 39.50 -7.45
C ASN C 89 -9.35 40.53 -6.89
N GLY C 90 -9.89 40.25 -5.70
CA GLY C 90 -10.82 41.15 -5.03
C GLY C 90 -10.27 41.80 -3.78
N SER C 91 -9.03 41.44 -3.41
CA SER C 91 -8.40 41.92 -2.17
C SER C 91 -8.07 43.39 -2.21
N ARG C 92 -8.11 44.04 -1.04
CA ARG C 92 -7.78 45.47 -0.93
C ARG C 92 -6.49 45.79 -1.65
N ASP C 93 -5.46 45.00 -1.39
CA ASP C 93 -4.17 45.22 -2.04
C ASP C 93 -4.21 45.08 -3.56
N PHE C 94 -4.87 44.04 -4.07
CA PHE C 94 -4.93 43.87 -5.53
C PHE C 94 -5.75 44.97 -6.20
N LEU C 95 -6.89 45.31 -5.62
CA LEU C 95 -7.72 46.38 -6.13
C LEU C 95 -6.98 47.73 -6.14
N ASP C 96 -6.20 48.00 -5.08
CA ASP C 96 -5.41 49.25 -4.97
C ASP C 96 -4.37 49.29 -6.08
N SER C 97 -3.70 48.16 -6.33
CA SER C 97 -2.68 48.11 -7.40
C SER C 97 -3.25 48.43 -8.79
N LEU C 98 -4.56 48.26 -8.96
CA LEU C 98 -5.22 48.61 -10.21
C LEU C 98 -5.78 50.06 -10.23
N GLY C 99 -5.60 50.78 -9.13
CA GLY C 99 -5.99 52.18 -9.00
C GLY C 99 -7.43 52.32 -8.53
N PHE C 100 -8.03 51.22 -8.06
CA PHE C 100 -9.43 51.18 -7.59
C PHE C 100 -9.50 51.36 -6.07
N SER C 101 -8.95 52.46 -5.55
CA SER C 101 -8.89 52.67 -4.10
C SER C 101 -10.24 52.87 -3.43
N THR C 102 -11.22 53.38 -4.16
CA THR C 102 -12.53 53.66 -3.52
C THR C 102 -13.42 52.43 -3.53
N ARG C 103 -13.00 51.37 -4.23
CA ARG C 103 -13.81 50.16 -4.41
C ARG C 103 -13.81 49.27 -3.17
N GLU C 104 -14.97 48.71 -2.80
CA GLU C 104 -15.05 47.81 -1.63
C GLU C 104 -14.26 46.53 -1.92
N GLU C 105 -13.67 45.92 -0.88
CA GLU C 105 -12.99 44.62 -0.99
C GLU C 105 -13.98 43.52 -1.51
N GLY C 106 -13.54 42.74 -2.49
CA GLY C 106 -14.43 41.78 -3.18
C GLY C 106 -15.05 42.22 -4.51
N ASP C 107 -15.02 43.51 -4.79
CA ASP C 107 -15.66 44.06 -6.00
C ASP C 107 -14.75 43.92 -7.22
N LEU C 108 -15.08 42.97 -8.06
CA LEU C 108 -14.30 42.61 -9.22
C LEU C 108 -14.56 43.41 -10.45
N GLY C 109 -15.46 44.35 -10.36
CA GLY C 109 -15.86 45.11 -11.49
C GLY C 109 -16.85 44.37 -12.33
N PRO C 110 -17.06 44.84 -13.54
CA PRO C 110 -18.01 44.19 -14.43
C PRO C 110 -17.54 42.88 -15.10
N VAL C 111 -17.42 41.83 -14.32
CA VAL C 111 -17.01 40.52 -14.77
C VAL C 111 -18.17 39.63 -15.22
N TYR C 112 -17.91 38.35 -15.49
CA TYR C 112 -18.89 37.37 -16.00
C TYR C 112 -20.33 37.55 -15.59
N GLY C 113 -20.59 37.56 -14.31
CA GLY C 113 -21.91 37.73 -13.80
C GLY C 113 -22.67 38.90 -14.33
N PHE C 114 -22.01 40.04 -14.37
CA PHE C 114 -22.55 41.27 -14.87
C PHE C 114 -22.74 41.28 -16.38
N GLN C 115 -21.78 40.75 -17.13
CA GLN C 115 -21.85 40.67 -18.57
C GLN C 115 -22.91 39.71 -19.06
N TRP C 116 -23.03 38.57 -18.43
CA TRP C 116 -24.06 37.57 -18.79
C TRP C 116 -25.47 38.07 -18.55
N ARG C 117 -25.66 38.80 -17.44
CA ARG C 117 -27.01 39.31 -17.06
C ARG C 117 -27.34 40.74 -17.42
N HIS C 118 -26.33 41.58 -17.63
CA HIS C 118 -26.49 43.03 -17.81
C HIS C 118 -25.52 43.65 -18.83
N PHE C 119 -25.19 42.90 -19.89
CA PHE C 119 -24.25 43.40 -20.88
C PHE C 119 -24.65 44.79 -21.36
N GLY C 120 -23.72 45.74 -21.22
CA GLY C 120 -23.92 47.05 -21.79
C GLY C 120 -24.50 48.06 -20.82
N ALA C 121 -24.99 47.61 -19.66
CA ALA C 121 -25.40 48.52 -18.59
C ALA C 121 -24.21 49.25 -18.01
N GLU C 122 -24.47 50.36 -17.35
CA GLU C 122 -23.42 51.17 -16.74
C GLU C 122 -23.01 50.54 -15.41
N TYR C 123 -21.78 50.08 -15.26
CA TYR C 123 -21.37 49.48 -13.98
C TYR C 123 -21.08 50.52 -12.91
N ARG C 124 -21.67 50.33 -11.73
CA ARG C 124 -21.37 51.25 -10.64
C ARG C 124 -20.55 50.51 -9.59
N ASP C 125 -21.21 49.69 -8.77
CA ASP C 125 -20.45 48.79 -7.92
C ASP C 125 -21.15 47.42 -7.82
N MET C 126 -20.57 46.52 -7.02
CA MET C 126 -21.05 45.16 -6.92
C MET C 126 -22.41 45.09 -6.22
N GLU C 127 -22.74 46.10 -5.44
CA GLU C 127 -23.97 46.04 -4.65
C GLU C 127 -25.14 46.71 -5.35
N SER C 128 -24.86 47.50 -6.40
CA SER C 128 -25.91 48.23 -7.14
C SER C 128 -26.97 47.29 -7.75
N ASP C 129 -28.18 47.80 -7.88
CA ASP C 129 -29.28 47.06 -8.48
C ASP C 129 -29.21 47.32 -9.99
N TYR C 130 -29.14 46.25 -10.77
CA TYR C 130 -29.05 46.37 -12.23
C TYR C 130 -30.29 45.81 -12.92
N SER C 131 -31.35 45.58 -12.15
CA SER C 131 -32.63 45.03 -12.66
C SER C 131 -33.13 45.73 -13.91
N GLY C 132 -33.35 44.94 -14.94
CA GLY C 132 -33.84 45.42 -16.22
C GLY C 132 -32.86 46.31 -16.97
N GLN C 133 -31.62 46.42 -16.50
CA GLN C 133 -30.58 47.17 -17.26
C GLN C 133 -29.64 46.24 -18.06
N GLY C 134 -29.29 46.65 -19.28
CA GLY C 134 -28.40 45.91 -20.17
C GLY C 134 -29.08 44.66 -20.73
N VAL C 135 -28.30 43.83 -21.42
CA VAL C 135 -28.83 42.63 -22.07
C VAL C 135 -28.65 41.41 -21.19
N ASP C 136 -29.77 40.74 -20.90
CA ASP C 136 -29.71 39.51 -20.17
C ASP C 136 -29.39 38.38 -21.16
N GLN C 137 -28.11 38.21 -21.48
CA GLN C 137 -27.72 37.22 -22.49
C GLN C 137 -28.10 35.81 -22.09
N LEU C 138 -27.96 35.49 -20.80
CA LEU C 138 -28.26 34.14 -20.33
C LEU C 138 -29.71 33.77 -20.60
N GLN C 139 -30.66 34.63 -20.27
CA GLN C 139 -32.08 34.32 -20.47
C GLN C 139 -32.44 34.37 -21.97
N ARG C 140 -31.90 35.34 -22.74
CA ARG C 140 -32.15 35.37 -24.19
C ARG C 140 -31.70 34.09 -24.87
N VAL C 141 -30.58 33.51 -24.39
CA VAL C 141 -30.08 32.23 -24.90
C VAL C 141 -31.08 31.10 -24.60
N ILE C 142 -31.51 31.01 -23.36
CA ILE C 142 -32.54 30.04 -22.98
C ILE C 142 -33.81 30.22 -23.85
N ASP C 143 -34.25 31.45 -24.00
CA ASP C 143 -35.45 31.75 -24.77
C ASP C 143 -35.34 31.37 -26.25
N THR C 144 -34.21 31.70 -26.87
CA THR C 144 -33.96 31.38 -28.26
C THR C 144 -33.90 29.86 -28.44
N ILE C 145 -33.27 29.16 -27.51
CA ILE C 145 -33.20 27.70 -27.59
C ILE C 145 -34.60 27.08 -27.62
N LYS C 146 -35.48 27.56 -26.74
CA LYS C 146 -36.86 27.12 -26.67
C LYS C 146 -37.66 27.44 -27.93
N THR C 147 -37.67 28.69 -28.38
CA THR C 147 -38.53 29.13 -29.49
C THR C 147 -37.98 28.96 -30.91
N ASN C 148 -36.65 28.99 -31.06
CA ASN C 148 -36.07 28.87 -32.38
C ASN C 148 -34.74 28.10 -32.31
N PRO C 149 -34.79 26.78 -32.03
CA PRO C 149 -33.56 25.98 -31.92
C PRO C 149 -32.58 26.03 -33.12
N ASP C 150 -33.08 26.28 -34.33
CA ASP C 150 -32.21 26.34 -35.53
C ASP C 150 -31.29 27.57 -35.64
N ASP C 151 -31.57 28.57 -34.79
CA ASP C 151 -30.85 29.83 -34.78
C ASP C 151 -29.34 29.71 -34.65
N ARG C 152 -28.64 30.41 -35.52
CA ARG C 152 -27.18 30.38 -35.50
C ARG C 152 -26.49 31.53 -34.76
N ARG C 153 -27.26 32.19 -33.89
CA ARG C 153 -26.82 33.41 -33.18
C ARG C 153 -26.96 33.20 -31.66
N ILE C 154 -27.01 31.95 -31.17
CA ILE C 154 -27.19 31.72 -29.74
C ILE C 154 -25.85 31.89 -29.02
N ILE C 155 -25.54 33.14 -28.68
CA ILE C 155 -24.21 33.50 -28.22
C ILE C 155 -24.35 34.25 -26.91
N MET C 156 -23.47 33.93 -25.96
CA MET C 156 -23.37 34.67 -24.70
C MET C 156 -21.92 35.14 -24.65
N CYS C 157 -21.75 36.47 -24.60
CA CYS C 157 -20.43 37.10 -24.77
C CYS C 157 -19.99 37.84 -23.51
N ALA C 158 -18.82 37.49 -22.99
CA ALA C 158 -18.30 38.07 -21.75
C ALA C 158 -17.29 39.17 -22.06
N TRP C 159 -16.78 39.18 -23.29
CA TRP C 159 -15.79 40.13 -23.74
C TRP C 159 -16.47 41.45 -24.09
N ASN C 160 -16.22 42.45 -23.25
CA ASN C 160 -16.83 43.78 -23.40
C ASN C 160 -15.69 44.79 -23.43
N PRO C 161 -15.25 45.18 -24.64
CA PRO C 161 -14.13 46.14 -24.74
C PRO C 161 -14.33 47.43 -23.92
N ARG C 162 -15.55 47.98 -23.86
CA ARG C 162 -15.74 49.20 -23.05
C ARG C 162 -15.49 48.98 -21.55
N ASP C 163 -15.86 47.80 -21.03
CA ASP C 163 -15.73 47.48 -19.62
C ASP C 163 -14.38 46.90 -19.18
N LEU C 164 -13.56 46.41 -20.12
CA LEU C 164 -12.25 45.83 -19.76
C LEU C 164 -11.41 46.59 -18.69
N PRO C 165 -11.25 47.95 -18.84
CA PRO C 165 -10.41 48.63 -17.83
C PRO C 165 -11.00 48.65 -16.40
N LEU C 166 -12.31 48.38 -16.25
CA LEU C 166 -12.91 48.31 -14.91
C LEU C 166 -12.87 46.92 -14.26
N MET C 167 -12.46 45.92 -14.99
CA MET C 167 -12.43 44.58 -14.44
C MET C 167 -11.19 44.30 -13.68
N ALA C 168 -11.29 43.47 -12.63
CA ALA C 168 -10.12 43.01 -11.91
C ALA C 168 -9.20 42.18 -12.81
N LEU C 169 -9.75 41.45 -13.77
CA LEU C 169 -9.02 40.76 -14.82
C LEU C 169 -9.93 40.56 -16.01
N PRO C 170 -9.39 40.60 -17.21
CA PRO C 170 -10.22 40.34 -18.39
C PRO C 170 -10.54 38.83 -18.50
N PRO C 171 -11.78 38.49 -18.93
CA PRO C 171 -12.21 37.08 -18.97
C PRO C 171 -11.34 36.21 -19.89
N CYS C 172 -11.03 34.99 -19.42
CA CYS C 172 -10.39 33.95 -20.22
C CYS C 172 -11.43 33.44 -21.25
N HIS C 173 -12.72 33.48 -20.85
CA HIS C 173 -13.78 32.89 -21.68
C HIS C 173 -14.54 33.97 -22.36
N ALA C 174 -14.05 34.31 -23.54
CA ALA C 174 -14.52 35.45 -24.32
C ALA C 174 -16.00 35.30 -24.67
N LEU C 175 -16.38 34.13 -25.12
CA LEU C 175 -17.76 33.87 -25.48
C LEU C 175 -18.03 32.39 -25.59
N CYS C 176 -19.29 32.03 -25.55
CA CYS C 176 -19.71 30.70 -25.92
C CYS C 176 -20.91 30.76 -26.85
N GLN C 177 -21.05 29.73 -27.68
CA GLN C 177 -22.14 29.60 -28.63
C GLN C 177 -22.83 28.27 -28.40
N PHE C 178 -24.16 28.29 -28.47
CA PHE C 178 -24.97 27.09 -28.37
C PHE C 178 -25.57 26.68 -29.71
N TYR C 179 -25.89 25.37 -29.81
CA TYR C 179 -26.36 24.77 -31.03
C TYR C 179 -27.34 23.62 -30.77
N VAL C 180 -28.42 23.58 -31.54
CA VAL C 180 -29.39 22.53 -31.38
C VAL C 180 -29.64 21.77 -32.68
N VAL C 181 -29.53 20.44 -32.60
CA VAL C 181 -30.03 19.55 -33.67
C VAL C 181 -30.41 18.21 -33.03
N ASN C 182 -31.49 17.59 -33.52
CA ASN C 182 -31.92 16.23 -33.09
C ASN C 182 -32.14 16.15 -31.57
N SER C 183 -32.79 17.20 -31.03
CA SER C 183 -33.00 17.34 -29.57
C SER C 183 -31.72 17.34 -28.71
N GLU C 184 -30.57 17.63 -29.32
CA GLU C 184 -29.31 17.72 -28.60
C GLU C 184 -28.79 19.15 -28.54
N LEU C 185 -28.38 19.58 -27.34
CA LEU C 185 -27.78 20.90 -27.15
C LEU C 185 -26.28 20.77 -27.07
N SER C 186 -25.60 21.47 -27.98
CA SER C 186 -24.16 21.54 -27.94
C SER C 186 -23.71 22.98 -27.58
N CYS C 187 -22.48 23.07 -27.10
CA CYS C 187 -21.90 24.33 -26.72
C CYS C 187 -20.45 24.39 -27.18
N GLN C 188 -20.03 25.54 -27.69
CA GLN C 188 -18.64 25.75 -28.05
C GLN C 188 -18.14 26.95 -27.28
N LEU C 189 -17.00 26.81 -26.62
CA LEU C 189 -16.40 27.90 -25.89
C LEU C 189 -15.19 28.47 -26.66
N TYR C 190 -15.15 29.80 -26.80
CA TYR C 190 -13.94 30.47 -27.25
C TYR C 190 -13.16 30.97 -26.05
N GLN C 191 -12.09 30.27 -25.71
CA GLN C 191 -11.22 30.59 -24.57
C GLN C 191 -9.89 31.14 -25.09
N ARG C 192 -9.64 32.42 -24.82
CA ARG C 192 -8.53 33.16 -25.41
C ARG C 192 -7.17 32.73 -24.88
N SER C 193 -7.18 32.20 -23.66
CA SER C 193 -5.96 31.89 -22.94
C SER C 193 -6.24 30.69 -22.05
N GLY C 194 -5.40 29.67 -22.21
CA GLY C 194 -5.57 28.45 -21.45
C GLY C 194 -4.34 28.05 -20.65
N ASP C 195 -4.46 28.06 -19.34
CA ASP C 195 -3.45 27.40 -18.52
C ASP C 195 -3.81 25.90 -18.56
N MET C 196 -3.04 25.13 -19.31
CA MET C 196 -3.40 23.74 -19.57
C MET C 196 -3.33 22.87 -18.33
N GLY C 197 -2.34 23.13 -17.48
CA GLY C 197 -2.12 22.40 -16.22
C GLY C 197 -3.19 22.64 -15.14
N LEU C 198 -3.41 23.91 -14.79
CA LEU C 198 -4.33 24.30 -13.69
C LEU C 198 -5.75 24.76 -14.12
N GLY C 199 -5.86 25.57 -15.17
CA GLY C 199 -7.15 26.12 -15.59
C GLY C 199 -8.02 25.14 -16.38
N VAL C 200 -7.48 24.65 -17.49
CA VAL C 200 -8.28 23.99 -18.53
C VAL C 200 -9.24 22.88 -18.03
N PRO C 201 -8.79 21.96 -17.14
CA PRO C 201 -9.75 20.91 -16.70
C PRO C 201 -10.99 21.49 -16.03
N PHE C 202 -10.74 22.50 -15.19
CA PHE C 202 -11.78 23.25 -14.49
C PHE C 202 -12.65 23.96 -15.54
N ASN C 203 -11.98 24.61 -16.50
CA ASN C 203 -12.70 25.33 -17.56
C ASN C 203 -13.61 24.37 -18.36
N ILE C 204 -13.10 23.21 -18.77
CA ILE C 204 -13.92 22.21 -19.49
C ILE C 204 -15.17 21.84 -18.67
N ALA C 205 -14.96 21.57 -17.38
CA ALA C 205 -16.05 21.19 -16.51
C ALA C 205 -17.12 22.29 -16.38
N SER C 206 -16.74 23.57 -16.32
CA SER C 206 -17.71 24.70 -16.18
C SER C 206 -18.72 24.71 -17.29
N TYR C 207 -18.20 24.71 -18.53
CA TYR C 207 -19.07 24.88 -19.68
C TYR C 207 -19.82 23.59 -20.00
N ALA C 208 -19.23 22.44 -19.67
CA ALA C 208 -20.00 21.20 -19.72
C ALA C 208 -21.18 21.32 -18.76
N LEU C 209 -20.92 21.81 -17.53
CA LEU C 209 -21.97 21.97 -16.53
C LEU C 209 -23.03 22.96 -17.00
N LEU C 210 -22.58 24.07 -17.58
CA LEU C 210 -23.52 25.08 -18.09
C LEU C 210 -24.45 24.43 -19.12
N THR C 211 -23.88 23.60 -19.98
CA THR C 211 -24.65 22.97 -21.04
C THR C 211 -25.71 21.98 -20.48
N TYR C 212 -25.31 21.20 -19.50
CA TYR C 212 -26.23 20.35 -18.74
C TYR C 212 -27.37 21.16 -18.12
N MET C 213 -27.04 22.33 -17.53
CA MET C 213 -28.09 23.19 -16.94
C MET C 213 -29.09 23.66 -18.00
N ILE C 214 -28.59 24.20 -19.10
CA ILE C 214 -29.48 24.75 -20.12
C ILE C 214 -30.32 23.66 -20.80
N ALA C 215 -29.67 22.53 -21.10
CA ALA C 215 -30.36 21.32 -21.60
C ALA C 215 -31.53 20.89 -20.70
N HIS C 216 -31.30 20.90 -19.39
CA HIS C 216 -32.34 20.54 -18.44
C HIS C 216 -33.51 21.56 -18.49
N ILE C 217 -33.20 22.85 -18.47
CA ILE C 217 -34.20 23.93 -18.55
C ILE C 217 -35.03 23.87 -19.84
N THR C 218 -34.42 23.41 -20.92
CA THR C 218 -35.03 23.54 -22.24
C THR C 218 -35.62 22.22 -22.75
N GLY C 219 -35.50 21.17 -21.95
CA GLY C 219 -35.98 19.82 -22.29
C GLY C 219 -35.19 19.15 -23.40
N LEU C 220 -33.90 19.42 -23.47
CA LEU C 220 -33.06 18.84 -24.48
C LEU C 220 -32.04 17.94 -23.81
N LYS C 221 -31.37 17.10 -24.61
CA LYS C 221 -30.30 16.23 -24.13
C LYS C 221 -28.95 16.88 -24.43
N PRO C 222 -28.00 16.80 -23.47
CA PRO C 222 -26.63 17.25 -23.74
C PRO C 222 -26.02 16.59 -25.00
N GLY C 223 -25.33 17.37 -25.83
CA GLY C 223 -24.71 16.88 -27.06
C GLY C 223 -23.20 16.86 -26.95
N ASP C 224 -22.57 17.85 -27.56
CA ASP C 224 -21.12 18.02 -27.41
C ASP C 224 -20.74 19.31 -26.71
N PHE C 225 -19.63 19.26 -26.01
CA PHE C 225 -18.93 20.46 -25.65
C PHE C 225 -17.68 20.61 -26.51
N ILE C 226 -17.60 21.73 -27.23
CA ILE C 226 -16.44 21.99 -28.10
C ILE C 226 -15.59 23.07 -27.47
N HIS C 227 -14.36 22.69 -27.15
CA HIS C 227 -13.43 23.54 -26.48
C HIS C 227 -12.39 24.08 -27.48
N THR C 228 -12.49 25.38 -27.73
CA THR C 228 -11.56 26.08 -28.61
C THR C 228 -10.66 26.98 -27.80
N LEU C 229 -9.35 26.88 -28.06
CA LEU C 229 -8.37 27.71 -27.41
C LEU C 229 -7.62 28.70 -28.32
N GLY C 230 -7.27 29.85 -27.74
CA GLY C 230 -6.36 30.80 -28.32
C GLY C 230 -4.94 30.42 -27.95
N ASP C 231 -4.39 31.18 -27.00
CA ASP C 231 -3.03 30.92 -26.51
C ASP C 231 -3.10 29.78 -25.52
N ALA C 232 -2.88 28.56 -26.02
CA ALA C 232 -2.87 27.35 -25.18
C ALA C 232 -1.46 27.13 -24.64
N HIS C 233 -1.29 27.23 -23.34
CA HIS C 233 0.05 27.19 -22.79
C HIS C 233 0.19 26.30 -21.58
N ILE C 234 1.43 25.85 -21.38
CA ILE C 234 1.85 25.11 -20.17
C ILE C 234 2.94 25.95 -19.52
N TYR C 235 2.80 26.22 -18.23
CA TYR C 235 3.84 26.95 -17.48
C TYR C 235 5.06 26.04 -17.26
N LEU C 236 6.26 26.59 -17.34
CA LEU C 236 7.47 25.78 -17.27
C LEU C 236 7.58 24.94 -15.96
N ASN C 237 7.20 25.53 -14.83
CA ASN C 237 7.19 24.80 -13.55
C ASN C 237 6.09 23.71 -13.48
N HIS C 238 5.28 23.59 -14.55
CA HIS C 238 4.28 22.53 -14.62
C HIS C 238 4.68 21.38 -15.53
N ILE C 239 5.84 21.48 -16.19
CA ILE C 239 6.21 20.44 -17.15
C ILE C 239 6.40 19.11 -16.42
N GLU C 240 7.20 19.12 -15.35
CA GLU C 240 7.50 17.90 -14.60
C GLU C 240 6.26 17.23 -14.00
N PRO C 241 5.41 18.01 -13.26
CA PRO C 241 4.15 17.39 -12.81
C PRO C 241 3.28 16.79 -13.94
N LEU C 242 3.17 17.50 -15.07
CA LEU C 242 2.32 17.05 -16.20
C LEU C 242 2.89 15.81 -16.88
N LYS C 243 4.22 15.70 -16.88
CA LYS C 243 4.90 14.50 -17.35
C LYS C 243 4.43 13.27 -16.51
N ILE C 244 4.30 13.45 -15.19
CA ILE C 244 3.78 12.41 -14.30
C ILE C 244 2.33 12.12 -14.68
N GLN C 245 1.53 13.18 -14.90
CA GLN C 245 0.11 13.01 -15.21
C GLN C 245 -0.12 12.25 -16.52
N LEU C 246 0.71 12.52 -17.53
CA LEU C 246 0.55 11.87 -18.84
C LEU C 246 0.69 10.35 -18.80
N GLN C 247 1.39 9.87 -17.77
CA GLN C 247 1.58 8.44 -17.51
C GLN C 247 0.33 7.70 -17.01
N ARG C 248 -0.68 8.43 -16.55
CA ARG C 248 -1.82 7.79 -15.95
C ARG C 248 -2.86 7.50 -16.99
N GLU C 249 -3.53 6.37 -16.81
CA GLU C 249 -4.59 5.96 -17.71
C GLU C 249 -5.92 6.50 -17.18
N PRO C 250 -6.71 7.18 -18.06
CA PRO C 250 -8.00 7.72 -17.60
C PRO C 250 -8.93 6.62 -17.15
N ARG C 251 -9.69 6.90 -16.10
CA ARG C 251 -10.81 6.05 -15.71
C ARG C 251 -12.01 6.56 -16.46
N PRO C 252 -13.06 5.71 -16.63
CA PRO C 252 -14.28 6.19 -17.28
C PRO C 252 -14.81 7.47 -16.63
N PHE C 253 -15.40 8.32 -17.47
CA PHE C 253 -15.92 9.60 -17.02
C PHE C 253 -17.11 9.32 -16.11
N PRO C 254 -17.28 10.15 -15.05
CA PRO C 254 -18.47 10.09 -14.20
C PRO C 254 -19.73 10.43 -14.97
N LYS C 255 -20.89 10.27 -14.34
CA LYS C 255 -22.13 10.82 -14.83
C LYS C 255 -22.54 12.02 -13.96
N LEU C 256 -23.31 12.93 -14.55
CA LEU C 256 -23.86 14.02 -13.77
C LEU C 256 -25.38 13.83 -13.65
N ARG C 257 -25.91 13.70 -12.42
CA ARG C 257 -27.36 13.58 -12.20
C ARG C 257 -27.90 14.90 -11.73
N ILE C 258 -29.05 15.29 -12.29
CA ILE C 258 -29.78 16.46 -11.86
C ILE C 258 -31.00 15.96 -11.08
N LEU C 259 -31.01 16.25 -9.78
CA LEU C 259 -31.81 15.50 -8.81
C LEU C 259 -33.30 15.85 -8.74
N ARG C 260 -33.73 16.97 -9.31
CA ARG C 260 -35.15 17.35 -9.36
C ARG C 260 -35.44 18.11 -10.67
N LYS C 261 -36.72 18.25 -11.03
CA LYS C 261 -37.12 19.05 -12.17
C LYS C 261 -36.97 20.53 -11.83
N VAL C 262 -36.22 21.27 -12.63
CA VAL C 262 -35.98 22.72 -12.39
C VAL C 262 -36.47 23.58 -13.54
N GLU C 263 -37.21 24.65 -13.23
CA GLU C 263 -37.99 25.43 -14.22
C GLU C 263 -37.20 26.60 -14.84
N LYS C 264 -36.48 27.34 -13.99
CA LYS C 264 -35.73 28.53 -14.41
C LYS C 264 -34.29 28.36 -13.95
N ILE C 265 -33.36 28.78 -14.80
CA ILE C 265 -31.92 28.69 -14.52
C ILE C 265 -31.51 29.29 -13.15
N ASP C 266 -32.25 30.32 -12.70
CA ASP C 266 -31.96 30.96 -11.41
C ASP C 266 -32.26 30.06 -10.22
N ASP C 267 -33.18 29.08 -10.40
CA ASP C 267 -33.58 28.14 -9.33
C ASP C 267 -32.60 27.02 -8.98
N PHE C 268 -31.57 26.78 -9.80
CA PHE C 268 -30.62 25.71 -9.50
C PHE C 268 -29.88 25.98 -8.21
N LYS C 269 -29.79 24.97 -7.36
CA LYS C 269 -28.98 25.04 -6.13
C LYS C 269 -27.93 23.94 -6.25
N ALA C 270 -26.83 24.08 -5.50
CA ALA C 270 -25.74 23.13 -5.52
C ALA C 270 -26.20 21.68 -5.26
N GLU C 271 -27.20 21.53 -4.38
CA GLU C 271 -27.64 20.21 -3.94
C GLU C 271 -28.47 19.53 -5.00
N ASP C 272 -28.89 20.27 -6.03
CA ASP C 272 -29.55 19.66 -7.17
C ASP C 272 -28.64 18.78 -8.03
N PHE C 273 -27.32 18.87 -7.81
CA PHE C 273 -26.36 18.17 -8.68
C PHE C 273 -25.60 17.05 -7.99
N GLN C 274 -25.46 15.90 -8.67
CA GLN C 274 -24.68 14.81 -8.12
C GLN C 274 -23.76 14.18 -9.15
N ILE C 275 -22.49 14.15 -8.80
CA ILE C 275 -21.47 13.49 -9.57
C ILE C 275 -21.45 12.04 -9.16
N GLU C 276 -21.63 11.16 -10.15
CA GLU C 276 -21.78 9.74 -9.89
C GLU C 276 -20.63 8.98 -10.52
N GLY C 277 -19.91 8.21 -9.72
CA GLY C 277 -18.86 7.33 -10.18
C GLY C 277 -17.60 8.07 -10.56
N TYR C 278 -17.22 9.09 -9.80
CA TYR C 278 -16.05 9.86 -10.16
C TYR C 278 -14.86 9.23 -9.48
N ASN C 279 -13.83 8.88 -10.25
CA ASN C 279 -12.74 8.07 -9.71
C ASN C 279 -11.36 8.59 -10.04
N PRO C 280 -11.04 9.81 -9.60
CA PRO C 280 -9.76 10.36 -10.07
C PRO C 280 -8.52 9.76 -9.42
N HIS C 281 -7.41 9.77 -10.15
CA HIS C 281 -6.06 9.55 -9.62
C HIS C 281 -5.74 10.64 -8.56
N PRO C 282 -4.88 10.35 -7.57
CA PRO C 282 -4.50 11.35 -6.53
C PRO C 282 -3.77 12.59 -7.09
N THR C 283 -4.07 13.84 -6.67
CA THR C 283 -3.65 15.09 -7.42
C THR C 283 -2.21 15.17 -8.03
N HIS D 5 -24.29 -32.52 -6.98
CA HIS D 5 -25.76 -32.27 -6.76
C HIS D 5 -26.03 -31.50 -5.43
N GLY D 6 -26.52 -30.26 -5.62
CA GLY D 6 -26.63 -29.26 -4.57
C GLY D 6 -27.08 -29.71 -3.19
N GLU D 7 -28.09 -30.57 -3.13
CA GLU D 7 -28.60 -30.99 -1.82
C GLU D 7 -27.55 -31.77 -0.99
N LEU D 8 -26.58 -32.36 -1.71
CA LEU D 8 -25.55 -33.13 -1.02
C LEU D 8 -24.67 -32.28 -0.10
N GLN D 9 -24.50 -30.99 -0.39
CA GLN D 9 -23.82 -30.11 0.58
C GLN D 9 -24.52 -30.06 1.92
N TYR D 10 -25.85 -29.86 1.86
CA TYR D 10 -26.65 -29.79 3.07
C TYR D 10 -26.50 -31.09 3.79
N LEU D 11 -26.67 -32.20 3.07
CA LEU D 11 -26.52 -33.52 3.69
C LEU D 11 -25.08 -33.75 4.22
N GLY D 12 -24.07 -33.29 3.47
CA GLY D 12 -22.67 -33.35 3.92
C GLY D 12 -22.46 -32.60 5.24
N GLN D 13 -23.04 -31.40 5.35
CA GLN D 13 -22.96 -30.64 6.60
C GLN D 13 -23.58 -31.35 7.79
N ILE D 14 -24.73 -31.98 7.56
CA ILE D 14 -25.39 -32.79 8.61
C ILE D 14 -24.43 -33.93 9.04
N GLN D 15 -23.87 -34.63 8.05
CA GLN D 15 -22.90 -35.73 8.26
C GLN D 15 -21.72 -35.22 9.11
N HIS D 16 -21.12 -34.08 8.70
CA HIS D 16 -19.98 -33.50 9.44
C HIS D 16 -20.30 -33.16 10.91
N ILE D 17 -21.52 -32.67 11.17
CA ILE D 17 -21.88 -32.32 12.54
C ILE D 17 -22.09 -33.56 13.39
N LEU D 18 -22.64 -34.60 12.76
CA LEU D 18 -22.89 -35.87 13.45
C LEU D 18 -21.56 -36.52 13.89
N ARG D 19 -20.60 -36.55 12.97
CA ARG D 19 -19.29 -37.11 13.27
C ARG D 19 -18.42 -36.20 14.16
N CYS D 20 -18.36 -34.89 13.85
CA CYS D 20 -17.36 -34.00 14.46
C CYS D 20 -17.91 -32.95 15.44
N GLY D 21 -19.22 -32.73 15.44
CA GLY D 21 -19.81 -31.74 16.34
C GLY D 21 -19.58 -32.08 17.78
N VAL D 22 -19.63 -31.08 18.65
CA VAL D 22 -19.39 -31.27 20.08
C VAL D 22 -20.71 -31.03 20.80
N ARG D 23 -20.92 -31.69 21.94
CA ARG D 23 -22.05 -31.42 22.82
C ARG D 23 -21.99 -30.00 23.41
N LYS D 24 -23.10 -29.26 23.27
CA LYS D 24 -23.19 -27.83 23.66
C LYS D 24 -24.64 -27.53 23.96
N ASP D 25 -24.91 -26.93 25.12
CA ASP D 25 -26.27 -26.58 25.55
C ASP D 25 -26.68 -25.22 24.91
N ASP D 26 -27.99 -24.96 24.81
CA ASP D 26 -28.48 -23.67 24.28
C ASP D 26 -29.24 -22.83 25.33
N ARG D 27 -29.87 -21.72 24.90
CA ARG D 27 -30.70 -20.87 25.79
C ARG D 27 -31.75 -21.69 26.57
N THR D 28 -32.36 -22.67 25.90
CA THR D 28 -33.35 -23.55 26.50
C THR D 28 -32.68 -24.64 27.40
N GLY D 29 -31.42 -24.94 27.14
CA GLY D 29 -30.69 -26.06 27.81
C GLY D 29 -30.91 -27.46 27.23
N THR D 30 -31.61 -27.55 26.11
CA THR D 30 -31.94 -28.85 25.44
C THR D 30 -30.77 -29.54 24.74
N GLY D 31 -29.77 -28.80 24.31
CA GLY D 31 -28.53 -29.47 23.92
C GLY D 31 -28.44 -29.89 22.48
N THR D 32 -27.24 -29.79 21.93
CA THR D 32 -27.03 -29.84 20.50
C THR D 32 -25.70 -30.51 20.25
N LEU D 33 -25.52 -31.02 19.04
CA LEU D 33 -24.22 -31.21 18.47
C LEU D 33 -23.92 -29.95 17.63
N SER D 34 -22.68 -29.48 17.68
CA SER D 34 -22.37 -28.14 17.20
C SER D 34 -20.98 -27.99 16.56
N VAL D 35 -20.95 -27.37 15.39
CA VAL D 35 -19.71 -26.95 14.72
C VAL D 35 -19.78 -25.43 14.50
N PHE D 36 -18.66 -24.74 14.67
CA PHE D 36 -18.61 -23.31 14.43
C PHE D 36 -17.87 -23.03 13.14
N GLY D 37 -18.54 -22.33 12.23
CA GLY D 37 -17.98 -22.01 10.91
C GLY D 37 -18.20 -23.10 9.87
N MET D 38 -19.18 -22.92 8.99
CA MET D 38 -19.37 -23.80 7.83
C MET D 38 -19.80 -22.97 6.63
N GLN D 39 -19.62 -23.53 5.44
CA GLN D 39 -19.96 -22.87 4.21
C GLN D 39 -20.42 -23.88 3.16
N ALA D 40 -21.59 -23.66 2.56
CA ALA D 40 -22.03 -24.44 1.43
C ALA D 40 -22.32 -23.52 0.22
N ARG D 41 -22.23 -24.06 -0.99
CA ARG D 41 -22.52 -23.27 -2.19
C ARG D 41 -23.67 -23.94 -2.96
N TYR D 42 -24.77 -23.23 -3.15
CA TYR D 42 -25.91 -23.80 -3.90
C TYR D 42 -26.08 -23.04 -5.18
N SER D 43 -25.90 -23.73 -6.30
CA SER D 43 -26.13 -23.13 -7.62
C SER D 43 -27.62 -22.74 -7.78
N LEU D 44 -27.85 -21.60 -8.42
CA LEU D 44 -29.19 -21.13 -8.71
C LEU D 44 -29.49 -21.10 -10.22
N ARG D 45 -28.56 -21.62 -11.04
CA ARG D 45 -28.63 -21.57 -12.52
C ARG D 45 -29.58 -22.67 -12.97
N ASP D 46 -30.80 -22.28 -13.43
CA ASP D 46 -31.85 -23.21 -13.97
C ASP D 46 -32.33 -24.27 -12.93
N GLU D 47 -32.25 -23.95 -11.65
CA GLU D 47 -32.63 -24.84 -10.60
C GLU D 47 -32.89 -23.93 -9.39
N PHE D 48 -33.77 -24.36 -8.48
CA PHE D 48 -34.02 -23.65 -7.23
C PHE D 48 -33.85 -24.63 -6.03
N PRO D 49 -32.99 -24.26 -5.04
CA PRO D 49 -32.64 -25.21 -3.98
C PRO D 49 -33.66 -25.39 -2.86
N LEU D 50 -34.82 -25.87 -3.25
CA LEU D 50 -35.84 -26.31 -2.30
C LEU D 50 -35.59 -27.76 -1.96
N LEU D 51 -35.19 -28.05 -0.73
CA LEU D 51 -34.66 -29.38 -0.38
C LEU D 51 -35.68 -30.47 -0.63
N THR D 52 -35.22 -31.60 -1.16
CA THR D 52 -36.11 -32.70 -1.54
C THR D 52 -36.14 -33.86 -0.56
N THR D 53 -35.10 -34.05 0.26
CA THR D 53 -35.12 -35.19 1.18
C THR D 53 -36.08 -35.03 2.35
N LYS D 54 -36.63 -33.83 2.53
CA LYS D 54 -37.71 -33.55 3.46
C LYS D 54 -38.43 -32.29 2.95
N ARG D 55 -39.76 -32.31 2.91
N ARG D 55 -39.76 -32.31 2.92
CA ARG D 55 -40.50 -31.18 2.36
CA ARG D 55 -40.51 -31.17 2.38
C ARG D 55 -40.28 -29.88 3.18
C ARG D 55 -40.27 -29.88 3.19
N VAL D 56 -39.98 -28.80 2.47
CA VAL D 56 -39.79 -27.48 3.05
C VAL D 56 -41.12 -26.67 2.95
N PHE D 57 -41.41 -25.87 3.98
CA PHE D 57 -42.62 -25.07 4.06
C PHE D 57 -42.51 -23.83 3.15
N TRP D 58 -42.68 -24.10 1.84
CA TRP D 58 -42.51 -23.11 0.76
C TRP D 58 -43.39 -21.87 0.96
N LYS D 59 -44.67 -22.10 1.29
CA LYS D 59 -45.61 -21.00 1.51
C LYS D 59 -45.05 -20.04 2.58
N GLY D 60 -44.65 -20.60 3.73
CA GLY D 60 -43.94 -19.89 4.77
C GLY D 60 -42.77 -19.07 4.26
N VAL D 61 -41.89 -19.70 3.46
CA VAL D 61 -40.73 -19.02 2.91
C VAL D 61 -41.15 -17.76 2.16
N LEU D 62 -42.10 -17.90 1.24
CA LEU D 62 -42.51 -16.82 0.35
C LEU D 62 -43.28 -15.71 1.06
N GLU D 63 -44.25 -16.09 1.88
CA GLU D 63 -44.98 -15.06 2.62
C GLU D 63 -44.06 -14.27 3.59
N GLU D 64 -43.18 -14.97 4.30
CA GLU D 64 -42.25 -14.33 5.21
C GLU D 64 -41.39 -13.29 4.48
N LEU D 65 -40.90 -13.68 3.31
CA LEU D 65 -40.07 -12.76 2.57
C LEU D 65 -40.87 -11.54 2.10
N LEU D 66 -42.10 -11.73 1.61
CA LEU D 66 -42.90 -10.56 1.17
C LEU D 66 -43.22 -9.65 2.35
N TRP D 67 -43.39 -10.27 3.51
CA TRP D 67 -43.65 -9.59 4.76
C TRP D 67 -42.45 -8.70 5.09
N PHE D 68 -41.22 -9.25 5.00
CA PHE D 68 -39.97 -8.49 5.19
C PHE D 68 -39.93 -7.27 4.26
N ILE D 69 -40.14 -7.52 2.96
CA ILE D 69 -40.07 -6.49 1.92
C ILE D 69 -41.04 -5.32 2.18
N LYS D 70 -42.27 -5.60 2.64
CA LYS D 70 -43.22 -4.52 3.00
C LYS D 70 -42.70 -3.72 4.21
N GLY D 71 -41.69 -4.21 4.91
CA GLY D 71 -41.15 -3.52 6.09
C GLY D 71 -41.93 -3.80 7.35
N SER D 72 -42.87 -4.74 7.31
CA SER D 72 -43.72 -5.01 8.45
C SER D 72 -42.92 -5.63 9.60
N THR D 73 -43.31 -5.35 10.82
CA THR D 73 -42.72 -5.92 12.00
C THR D 73 -43.83 -6.39 12.87
N ASN D 74 -44.92 -6.74 12.23
CA ASN D 74 -46.15 -7.14 12.88
C ASN D 74 -46.49 -8.61 12.61
N ALA D 75 -46.25 -9.45 13.61
CA ALA D 75 -46.45 -10.89 13.46
C ALA D 75 -47.86 -11.23 12.96
N LYS D 76 -48.85 -10.46 13.40
CA LYS D 76 -50.24 -10.63 13.01
C LYS D 76 -50.47 -10.49 11.50
N GLU D 77 -49.72 -9.61 10.87
CA GLU D 77 -49.77 -9.37 9.44
C GLU D 77 -49.29 -10.58 8.63
N LEU D 78 -48.27 -11.30 9.16
CA LEU D 78 -47.83 -12.56 8.54
C LEU D 78 -48.77 -13.74 8.89
N SER D 79 -49.30 -13.72 10.12
CA SER D 79 -50.20 -14.75 10.60
C SER D 79 -51.50 -14.79 9.78
N SER D 80 -51.91 -13.63 9.30
CA SER D 80 -53.11 -13.52 8.50
C SER D 80 -52.95 -14.24 7.17
N LYS D 81 -51.71 -14.38 6.70
CA LYS D 81 -51.42 -15.10 5.46
C LYS D 81 -51.30 -16.61 5.63
N GLY D 82 -51.61 -17.10 6.84
CA GLY D 82 -51.52 -18.56 7.13
C GLY D 82 -50.18 -19.06 7.69
N VAL D 83 -49.27 -18.13 8.00
CA VAL D 83 -47.89 -18.44 8.38
C VAL D 83 -47.65 -17.98 9.83
N LYS D 84 -47.57 -18.95 10.72
CA LYS D 84 -47.66 -18.72 12.15
C LYS D 84 -46.26 -18.64 12.80
N ILE D 85 -45.19 -18.73 11.98
CA ILE D 85 -43.82 -18.96 12.50
C ILE D 85 -43.30 -17.87 13.46
N TRP D 86 -43.76 -16.65 13.34
CA TRP D 86 -43.35 -15.61 14.26
C TRP D 86 -44.40 -15.28 15.34
N ASP D 87 -45.47 -16.06 15.48
CA ASP D 87 -46.58 -15.69 16.40
C ASP D 87 -46.19 -15.70 17.90
N ALA D 88 -45.49 -16.75 18.30
CA ALA D 88 -45.12 -16.99 19.70
C ALA D 88 -44.22 -15.87 20.24
N ASN D 89 -43.40 -15.31 19.36
CA ASN D 89 -42.51 -14.21 19.69
C ASN D 89 -43.23 -12.86 19.78
N GLY D 90 -44.49 -12.83 19.35
CA GLY D 90 -45.31 -11.62 19.42
C GLY D 90 -46.45 -11.68 20.39
N SER D 91 -46.60 -12.81 21.08
CA SER D 91 -47.71 -13.04 22.03
C SER D 91 -47.59 -12.16 23.28
N ARG D 92 -48.75 -11.80 23.85
CA ARG D 92 -48.80 -10.99 25.07
C ARG D 92 -47.86 -11.53 26.13
N ASP D 93 -47.91 -12.85 26.36
CA ASP D 93 -47.06 -13.45 27.34
C ASP D 93 -45.55 -13.33 27.02
N PHE D 94 -45.16 -13.58 25.77
CA PHE D 94 -43.75 -13.49 25.41
C PHE D 94 -43.24 -12.05 25.48
N LEU D 95 -44.02 -11.11 24.96
CA LEU D 95 -43.66 -9.70 25.03
C LEU D 95 -43.52 -9.21 26.47
N ASP D 96 -44.43 -9.66 27.36
CA ASP D 96 -44.38 -9.28 28.79
C ASP D 96 -43.10 -9.81 29.42
N SER D 97 -42.73 -11.06 29.11
CA SER D 97 -41.50 -11.64 29.67
C SER D 97 -40.23 -10.84 29.31
N LEU D 98 -40.30 -10.08 28.21
CA LEU D 98 -39.20 -9.22 27.82
C LEU D 98 -39.28 -7.79 28.39
N GLY D 99 -40.34 -7.52 29.15
CA GLY D 99 -40.55 -6.23 29.83
C GLY D 99 -41.26 -5.22 28.95
N PHE D 100 -41.85 -5.71 27.84
CA PHE D 100 -42.58 -4.87 26.86
C PHE D 100 -44.08 -4.91 27.16
N SER D 101 -44.48 -4.54 28.37
CA SER D 101 -45.91 -4.59 28.74
C SER D 101 -46.81 -3.60 27.97
N THR D 102 -46.24 -2.51 27.49
CA THR D 102 -47.01 -1.48 26.83
C THR D 102 -47.22 -1.80 25.34
N ARG D 103 -46.54 -2.83 24.84
CA ARG D 103 -46.50 -3.14 23.42
C ARG D 103 -47.74 -3.92 22.98
N GLU D 104 -48.32 -3.58 21.82
CA GLU D 104 -49.45 -4.36 21.27
C GLU D 104 -48.98 -5.78 20.93
N GLU D 105 -49.88 -6.76 21.05
CA GLU D 105 -49.66 -8.15 20.65
C GLU D 105 -49.32 -8.23 19.13
N GLY D 106 -48.27 -8.97 18.77
CA GLY D 106 -47.74 -9.00 17.41
C GLY D 106 -46.56 -8.09 17.08
N ASP D 107 -46.28 -7.11 17.96
CA ASP D 107 -45.21 -6.15 17.71
C ASP D 107 -43.84 -6.71 18.11
N LEU D 108 -43.09 -7.17 17.14
CA LEU D 108 -41.82 -7.81 17.36
C LEU D 108 -40.66 -6.89 17.55
N GLY D 109 -40.90 -5.61 17.48
CA GLY D 109 -39.85 -4.64 17.58
C GLY D 109 -39.21 -4.43 16.23
N PRO D 110 -38.08 -3.77 16.24
CA PRO D 110 -37.37 -3.47 15.03
C PRO D 110 -36.60 -4.64 14.43
N VAL D 111 -37.30 -5.59 13.88
CA VAL D 111 -36.70 -6.76 13.26
C VAL D 111 -36.42 -6.58 11.78
N TYR D 112 -36.25 -7.66 11.04
CA TYR D 112 -35.91 -7.64 9.62
C TYR D 112 -36.53 -6.55 8.75
N GLY D 113 -37.85 -6.49 8.73
CA GLY D 113 -38.57 -5.54 7.95
C GLY D 113 -38.17 -4.11 8.11
N PHE D 114 -37.99 -3.72 9.34
CA PHE D 114 -37.60 -2.39 9.71
C PHE D 114 -36.15 -2.12 9.38
N GLN D 115 -35.26 -3.05 9.67
CA GLN D 115 -33.86 -2.92 9.41
C GLN D 115 -33.55 -2.83 7.95
N TRP D 116 -34.18 -3.67 7.15
CA TRP D 116 -33.97 -3.65 5.70
C TRP D 116 -34.44 -2.35 5.05
N ARG D 117 -35.56 -1.82 5.53
CA ARG D 117 -36.15 -0.59 4.95
C ARG D 117 -35.87 0.72 5.66
N HIS D 118 -35.51 0.67 6.93
CA HIS D 118 -35.37 1.86 7.80
C HIS D 118 -34.22 1.77 8.81
N PHE D 119 -33.11 1.13 8.41
CA PHE D 119 -31.97 0.97 9.31
C PHE D 119 -31.58 2.33 9.92
N GLY D 120 -31.58 2.38 11.25
CA GLY D 120 -31.08 3.52 11.95
C GLY D 120 -32.14 4.55 12.32
N ALA D 121 -33.35 4.42 11.78
CA ALA D 121 -34.47 5.23 12.21
C ALA D 121 -34.87 4.90 13.64
N GLU D 122 -35.61 5.81 14.27
CA GLU D 122 -36.05 5.60 15.63
C GLU D 122 -37.27 4.71 15.68
N TYR D 123 -37.20 3.53 16.27
CA TYR D 123 -38.38 2.64 16.31
C TYR D 123 -39.40 3.08 17.35
N ARG D 124 -40.66 3.20 16.94
CA ARG D 124 -41.70 3.52 17.91
C ARG D 124 -42.58 2.31 18.13
N ASP D 125 -43.48 2.05 17.20
CA ASP D 125 -44.20 0.76 17.24
C ASP D 125 -44.41 0.22 15.82
N MET D 126 -45.07 -0.93 15.73
CA MET D 126 -45.25 -1.62 14.47
C MET D 126 -46.17 -0.86 13.52
N GLU D 127 -47.01 0.02 14.07
CA GLU D 127 -48.00 0.69 13.23
C GLU D 127 -47.51 2.05 12.75
N SER D 128 -46.43 2.58 13.35
CA SER D 128 -45.88 3.91 12.99
C SER D 128 -45.47 4.00 11.53
N ASP D 129 -45.55 5.22 10.98
CA ASP D 129 -45.14 5.47 9.61
C ASP D 129 -43.65 5.81 9.65
N TYR D 130 -42.84 5.07 8.89
CA TYR D 130 -41.39 5.26 8.87
C TYR D 130 -40.90 5.80 7.53
N SER D 131 -41.83 6.25 6.69
CA SER D 131 -41.53 6.76 5.34
C SER D 131 -40.40 7.75 5.32
N GLY D 132 -39.40 7.45 4.48
CA GLY D 132 -38.25 8.30 4.31
C GLY D 132 -37.35 8.40 5.53
N GLN D 133 -37.59 7.60 6.59
CA GLN D 133 -36.68 7.56 7.73
C GLN D 133 -35.71 6.35 7.68
N GLY D 134 -34.45 6.56 8.08
CA GLY D 134 -33.42 5.54 8.10
C GLY D 134 -32.96 5.13 6.72
N VAL D 135 -32.13 4.10 6.64
CA VAL D 135 -31.55 3.67 5.35
C VAL D 135 -32.35 2.53 4.76
N ASP D 136 -32.80 2.75 3.53
CA ASP D 136 -33.50 1.73 2.80
C ASP D 136 -32.46 0.80 2.16
N GLN D 137 -31.94 -0.14 2.94
CA GLN D 137 -30.88 -1.01 2.44
C GLN D 137 -31.30 -1.84 1.25
N LEU D 138 -32.56 -2.32 1.26
CA LEU D 138 -33.05 -3.15 0.16
C LEU D 138 -33.00 -2.40 -1.17
N GLN D 139 -33.47 -1.18 -1.23
CA GLN D 139 -33.46 -0.40 -2.45
C GLN D 139 -32.05 0.04 -2.83
N ARG D 140 -31.26 0.47 -1.88
CA ARG D 140 -29.85 0.82 -2.20
C ARG D 140 -29.10 -0.34 -2.83
N VAL D 141 -29.41 -1.55 -2.36
CA VAL D 141 -28.83 -2.78 -2.95
C VAL D 141 -29.26 -2.94 -4.41
N ILE D 142 -30.57 -2.86 -4.64
CA ILE D 142 -31.09 -2.91 -6.02
C ILE D 142 -30.43 -1.82 -6.90
N ASP D 143 -30.35 -0.60 -6.37
CA ASP D 143 -29.78 0.51 -7.11
C ASP D 143 -28.31 0.34 -7.46
N THR D 144 -27.53 -0.12 -6.49
CA THR D 144 -26.11 -0.36 -6.67
C THR D 144 -25.91 -1.48 -7.70
N ILE D 145 -26.73 -2.53 -7.64
CA ILE D 145 -26.62 -3.61 -8.60
C ILE D 145 -26.82 -3.11 -10.04
N LYS D 146 -27.81 -2.26 -10.24
CA LYS D 146 -28.11 -1.66 -11.53
C LYS D 146 -26.99 -0.72 -12.01
N THR D 147 -26.55 0.23 -11.19
CA THR D 147 -25.60 1.27 -11.65
C THR D 147 -24.11 0.93 -11.50
N ASN D 148 -23.75 0.07 -10.55
CA ASN D 148 -22.35 -0.27 -10.36
C ASN D 148 -22.21 -1.72 -9.93
N PRO D 149 -22.48 -2.69 -10.84
CA PRO D 149 -22.40 -4.12 -10.49
C PRO D 149 -21.06 -4.60 -9.88
N ASP D 150 -19.94 -3.94 -10.20
CA ASP D 150 -18.63 -4.35 -9.68
C ASP D 150 -18.39 -4.06 -8.18
N ASP D 151 -19.27 -3.27 -7.59
CA ASP D 151 -19.18 -2.84 -6.20
C ASP D 151 -19.07 -3.97 -5.19
N ARG D 152 -18.11 -3.85 -4.30
CA ARG D 152 -17.90 -4.88 -3.28
C ARG D 152 -18.52 -4.60 -1.92
N ARG D 153 -19.51 -3.70 -1.90
CA ARG D 153 -20.14 -3.21 -0.67
C ARG D 153 -21.67 -3.42 -0.76
N ILE D 154 -22.14 -4.35 -1.60
CA ILE D 154 -23.58 -4.55 -1.75
C ILE D 154 -24.09 -5.42 -0.59
N ILE D 155 -24.39 -4.77 0.53
CA ILE D 155 -24.69 -5.44 1.76
C ILE D 155 -25.97 -4.96 2.33
N MET D 156 -26.77 -5.89 2.84
CA MET D 156 -28.01 -5.56 3.57
C MET D 156 -27.83 -6.21 4.92
N CYS D 157 -27.87 -5.37 5.96
CA CYS D 157 -27.47 -5.78 7.32
C CYS D 157 -28.64 -5.68 8.29
N ALA D 158 -28.98 -6.78 8.94
CA ALA D 158 -30.13 -6.85 9.85
C ALA D 158 -29.67 -6.70 11.31
N TRP D 159 -28.35 -6.90 11.52
CA TRP D 159 -27.75 -6.80 12.83
C TRP D 159 -27.53 -5.34 13.18
N ASN D 160 -28.32 -4.85 14.13
CA ASN D 160 -28.27 -3.47 14.58
C ASN D 160 -28.06 -3.51 16.09
N PRO D 161 -26.78 -3.40 16.53
CA PRO D 161 -26.51 -3.42 17.98
C PRO D 161 -27.35 -2.44 18.81
N ARG D 162 -27.60 -1.23 18.32
CA ARG D 162 -28.45 -0.27 19.09
C ARG D 162 -29.89 -0.77 19.31
N ASP D 163 -30.45 -1.45 18.32
CA ASP D 163 -31.83 -1.93 18.36
C ASP D 163 -32.03 -3.30 18.97
N LEU D 164 -30.97 -4.11 19.13
CA LEU D 164 -31.11 -5.46 19.73
C LEU D 164 -32.01 -5.57 20.98
N PRO D 165 -31.85 -4.67 21.98
CA PRO D 165 -32.72 -4.82 23.19
C PRO D 165 -34.22 -4.61 22.92
N LEU D 166 -34.60 -3.96 21.81
CA LEU D 166 -36.00 -3.75 21.48
C LEU D 166 -36.63 -4.90 20.64
N MET D 167 -35.83 -5.83 20.19
CA MET D 167 -36.36 -6.88 19.38
C MET D 167 -36.88 -8.05 20.14
N ALA D 168 -37.93 -8.67 19.63
CA ALA D 168 -38.45 -9.89 20.25
C ALA D 168 -37.41 -11.01 20.22
N LEU D 169 -36.60 -11.09 19.15
CA LEU D 169 -35.48 -12.00 18.97
C LEU D 169 -34.42 -11.34 18.17
N PRO D 170 -33.16 -11.58 18.48
CA PRO D 170 -32.10 -11.04 17.59
C PRO D 170 -32.04 -11.90 16.31
N PRO D 171 -31.81 -11.26 15.13
CA PRO D 171 -31.86 -11.98 13.85
C PRO D 171 -30.82 -13.11 13.77
N CYS D 172 -31.22 -14.26 13.22
CA CYS D 172 -30.34 -15.37 12.87
C CYS D 172 -29.50 -14.93 11.65
N HIS D 173 -30.09 -14.09 10.81
CA HIS D 173 -29.45 -13.71 9.54
C HIS D 173 -28.91 -12.31 9.66
N ALA D 174 -27.66 -12.26 10.12
CA ALA D 174 -26.99 -11.02 10.49
C ALA D 174 -26.87 -10.11 9.29
N LEU D 175 -26.46 -10.66 8.15
CA LEU D 175 -26.32 -9.86 6.95
C LEU D 175 -26.25 -10.75 5.73
N CYS D 176 -26.50 -10.14 4.58
CA CYS D 176 -26.20 -10.79 3.33
C CYS D 176 -25.47 -9.83 2.39
N GLN D 177 -24.67 -10.40 1.50
CA GLN D 177 -23.88 -9.65 0.53
C GLN D 177 -24.20 -10.18 -0.84
N PHE D 178 -24.33 -9.25 -1.80
CA PHE D 178 -24.54 -9.58 -3.20
C PHE D 178 -23.31 -9.33 -4.06
N TYR D 179 -23.28 -10.03 -5.21
CA TYR D 179 -22.13 -10.00 -6.10
C TYR D 179 -22.53 -10.20 -7.56
N VAL D 180 -21.92 -9.41 -8.43
CA VAL D 180 -22.24 -9.53 -9.85
C VAL D 180 -21.01 -9.76 -10.71
N VAL D 181 -21.06 -10.79 -11.54
CA VAL D 181 -20.09 -10.98 -12.64
C VAL D 181 -20.77 -11.79 -13.74
N ASN D 182 -20.46 -11.45 -15.01
CA ASN D 182 -20.95 -12.20 -16.20
C ASN D 182 -22.47 -12.28 -16.22
N SER D 183 -23.11 -11.14 -15.92
CA SER D 183 -24.57 -11.03 -15.80
C SER D 183 -25.24 -12.02 -14.80
N GLU D 184 -24.46 -12.52 -13.84
CA GLU D 184 -24.98 -13.38 -12.80
C GLU D 184 -24.96 -12.69 -11.44
N LEU D 185 -26.09 -12.80 -10.70
CA LEU D 185 -26.17 -12.27 -9.35
C LEU D 185 -26.03 -13.39 -8.36
N SER D 186 -25.03 -13.25 -7.49
CA SER D 186 -24.84 -14.18 -6.39
C SER D 186 -25.12 -13.49 -5.05
N CYS D 187 -25.42 -14.31 -4.04
CA CYS D 187 -25.68 -13.83 -2.72
C CYS D 187 -25.00 -14.71 -1.67
N GLN D 188 -24.41 -14.10 -0.68
CA GLN D 188 -23.87 -14.83 0.46
C GLN D 188 -24.54 -14.39 1.74
N LEU D 189 -25.01 -15.36 2.53
CA LEU D 189 -25.64 -15.07 3.80
C LEU D 189 -24.70 -15.38 4.96
N TYR D 190 -24.58 -14.43 5.91
CA TYR D 190 -23.96 -14.71 7.20
C TYR D 190 -25.02 -15.01 8.21
N GLN D 191 -25.19 -16.29 8.53
CA GLN D 191 -26.17 -16.78 9.50
C GLN D 191 -25.46 -17.22 10.76
N ARG D 192 -25.69 -16.51 11.85
CA ARG D 192 -24.94 -16.66 13.11
C ARG D 192 -25.25 -17.96 13.83
N SER D 193 -26.45 -18.48 13.58
CA SER D 193 -26.99 -19.64 14.30
C SER D 193 -27.88 -20.41 13.37
N GLY D 194 -27.62 -21.70 13.25
CA GLY D 194 -28.39 -22.55 12.36
C GLY D 194 -28.95 -23.81 13.01
N ASP D 195 -30.26 -23.89 13.08
CA ASP D 195 -30.88 -25.17 13.42
C ASP D 195 -30.88 -26.00 12.13
N MET D 196 -30.00 -26.98 12.05
CA MET D 196 -29.79 -27.71 10.81
C MET D 196 -31.00 -28.53 10.38
N GLY D 197 -31.66 -29.13 11.36
CA GLY D 197 -32.87 -29.97 11.15
C GLY D 197 -34.12 -29.20 10.68
N LEU D 198 -34.51 -28.17 11.44
CA LEU D 198 -35.74 -27.40 11.18
C LEU D 198 -35.56 -26.05 10.44
N GLY D 199 -34.56 -25.25 10.82
CA GLY D 199 -34.38 -23.90 10.25
C GLY D 199 -33.72 -23.90 8.88
N VAL D 200 -32.53 -24.51 8.78
CA VAL D 200 -31.64 -24.31 7.65
C VAL D 200 -32.29 -24.51 6.27
N PRO D 201 -33.09 -25.58 6.04
CA PRO D 201 -33.69 -25.73 4.68
C PRO D 201 -34.55 -24.53 4.30
N PHE D 202 -35.34 -24.09 5.26
CA PHE D 202 -36.19 -22.90 5.12
C PHE D 202 -35.27 -21.68 4.89
N ASN D 203 -34.23 -21.54 5.70
CA ASN D 203 -33.29 -20.43 5.56
C ASN D 203 -32.65 -20.42 4.16
N ILE D 204 -32.17 -21.56 3.66
CA ILE D 204 -31.58 -21.63 2.32
C ILE D 204 -32.59 -21.14 1.27
N ALA D 205 -33.84 -21.62 1.38
CA ALA D 205 -34.86 -21.23 0.46
C ALA D 205 -35.15 -19.72 0.47
N SER D 206 -35.14 -19.07 1.62
CA SER D 206 -35.44 -17.61 1.74
C SER D 206 -34.51 -16.79 0.90
N TYR D 207 -33.21 -17.00 1.10
CA TYR D 207 -32.21 -16.15 0.47
C TYR D 207 -32.03 -16.53 -0.98
N ALA D 208 -32.26 -17.79 -1.33
CA ALA D 208 -32.31 -18.17 -2.74
C ALA D 208 -33.47 -17.38 -3.37
N LEU D 209 -34.63 -17.35 -2.71
CA LEU D 209 -35.78 -16.62 -3.24
C LEU D 209 -35.50 -15.13 -3.37
N LEU D 210 -34.86 -14.58 -2.35
CA LEU D 210 -34.50 -13.14 -2.39
C LEU D 210 -33.62 -12.86 -3.61
N THR D 211 -32.69 -13.77 -3.88
CA THR D 211 -31.75 -13.58 -4.99
C THR D 211 -32.47 -13.63 -6.34
N TYR D 212 -33.37 -14.59 -6.49
CA TYR D 212 -34.25 -14.66 -7.66
C TYR D 212 -35.05 -13.37 -7.85
N MET D 213 -35.59 -12.81 -6.75
CA MET D 213 -36.33 -11.55 -6.83
C MET D 213 -35.46 -10.41 -7.34
N ILE D 214 -34.29 -10.23 -6.74
CA ILE D 214 -33.42 -9.10 -7.11
C ILE D 214 -32.89 -9.27 -8.53
N ALA D 215 -32.47 -10.50 -8.88
CA ALA D 215 -32.08 -10.84 -10.27
C ALA D 215 -33.14 -10.47 -11.31
N HIS D 216 -34.40 -10.77 -11.00
CA HIS D 216 -35.52 -10.43 -11.89
C HIS D 216 -35.64 -8.90 -12.03
N ILE D 217 -35.61 -8.17 -10.91
CA ILE D 217 -35.70 -6.70 -10.90
C ILE D 217 -34.56 -6.04 -11.68
N THR D 218 -33.39 -6.67 -11.67
CA THR D 218 -32.18 -6.01 -12.17
C THR D 218 -31.76 -6.51 -13.55
N GLY D 219 -32.53 -7.46 -14.10
CA GLY D 219 -32.27 -8.07 -15.41
C GLY D 219 -31.03 -8.96 -15.43
N LEU D 220 -30.75 -9.62 -14.31
CA LEU D 220 -29.62 -10.49 -14.22
C LEU D 220 -30.14 -11.93 -14.06
N LYS D 221 -29.24 -12.89 -14.27
CA LYS D 221 -29.53 -14.30 -14.03
C LYS D 221 -29.02 -14.72 -12.65
N PRO D 222 -29.82 -15.51 -11.93
CA PRO D 222 -29.35 -16.07 -10.63
C PRO D 222 -28.02 -16.84 -10.78
N GLY D 223 -27.10 -16.63 -9.84
CA GLY D 223 -25.77 -17.28 -9.89
C GLY D 223 -25.63 -18.33 -8.81
N ASP D 224 -24.95 -17.98 -7.73
CA ASP D 224 -24.85 -18.85 -6.57
C ASP D 224 -25.49 -18.26 -5.34
N PHE D 225 -26.00 -19.13 -4.49
CA PHE D 225 -26.24 -18.77 -3.12
C PHE D 225 -25.21 -19.41 -2.21
N ILE D 226 -24.49 -18.58 -1.47
CA ILE D 226 -23.44 -19.07 -0.56
C ILE D 226 -23.91 -18.93 0.86
N HIS D 227 -24.03 -20.08 1.52
CA HIS D 227 -24.55 -20.18 2.85
C HIS D 227 -23.43 -20.37 3.85
N THR D 228 -23.20 -19.34 4.66
CA THR D 228 -22.20 -19.35 5.71
C THR D 228 -22.87 -19.39 7.06
N LEU D 229 -22.41 -20.32 7.88
CA LEU D 229 -22.90 -20.48 9.24
C LEU D 229 -21.89 -20.16 10.35
N GLY D 230 -22.41 -19.63 11.45
CA GLY D 230 -21.69 -19.50 12.71
C GLY D 230 -21.85 -20.79 13.49
N ASP D 231 -22.73 -20.76 14.49
CA ASP D 231 -23.01 -21.91 15.31
C ASP D 231 -23.95 -22.82 14.57
N ALA D 232 -23.40 -23.79 13.84
CA ALA D 232 -24.21 -24.77 13.09
C ALA D 232 -24.52 -25.95 13.99
N HIS D 233 -25.77 -26.11 14.31
CA HIS D 233 -26.15 -27.14 15.24
C HIS D 233 -27.30 -28.08 14.92
N ILE D 234 -27.23 -29.27 15.47
CA ILE D 234 -28.33 -30.23 15.38
C ILE D 234 -28.81 -30.49 16.80
N TYR D 235 -30.10 -30.38 17.04
CA TYR D 235 -30.69 -30.68 18.34
C TYR D 235 -30.68 -32.19 18.58
N LEU D 236 -30.41 -32.61 19.81
CA LEU D 236 -30.24 -34.05 20.09
C LEU D 236 -31.51 -34.90 19.72
N ASN D 237 -32.70 -34.37 19.98
CA ASN D 237 -33.94 -35.05 19.59
C ASN D 237 -34.17 -35.07 18.05
N HIS D 238 -33.25 -34.47 17.29
CA HIS D 238 -33.32 -34.55 15.83
C HIS D 238 -32.33 -35.54 15.23
N ILE D 239 -31.49 -36.16 16.05
CA ILE D 239 -30.45 -37.02 15.50
C ILE D 239 -31.09 -38.22 14.77
N GLU D 240 -32.00 -38.90 15.46
CA GLU D 240 -32.63 -40.11 14.91
C GLU D 240 -33.44 -39.82 13.63
N PRO D 241 -34.33 -38.80 13.66
CA PRO D 241 -34.99 -38.46 12.38
C PRO D 241 -34.04 -38.12 11.23
N LEU D 242 -32.96 -37.36 11.51
CA LEU D 242 -32.02 -36.93 10.47
C LEU D 242 -31.20 -38.11 9.91
N LYS D 243 -30.94 -39.10 10.78
CA LYS D 243 -30.33 -40.35 10.35
C LYS D 243 -31.22 -41.03 9.27
N ILE D 244 -32.54 -41.01 9.47
CA ILE D 244 -33.50 -41.53 8.47
C ILE D 244 -33.40 -40.67 7.20
N GLN D 245 -33.34 -39.35 7.36
CA GLN D 245 -33.30 -38.44 6.20
C GLN D 245 -32.04 -38.63 5.35
N LEU D 246 -30.90 -38.86 6.01
CA LEU D 246 -29.62 -39.02 5.29
C LEU D 246 -29.63 -40.22 4.31
N GLN D 247 -30.50 -41.19 4.59
CA GLN D 247 -30.71 -42.38 3.77
C GLN D 247 -31.43 -42.12 2.45
N ARG D 248 -32.09 -40.96 2.30
CA ARG D 248 -32.89 -40.74 1.12
C ARG D 248 -32.06 -40.08 0.07
N GLU D 249 -32.33 -40.46 -1.19
CA GLU D 249 -31.62 -39.93 -2.31
C GLU D 249 -32.37 -38.68 -2.83
N PRO D 250 -31.63 -37.55 -3.02
CA PRO D 250 -32.29 -36.34 -3.48
C PRO D 250 -32.89 -36.54 -4.86
N ARG D 251 -34.06 -35.94 -5.08
CA ARG D 251 -34.63 -35.83 -6.41
C ARG D 251 -34.09 -34.53 -6.98
N PRO D 252 -34.10 -34.40 -8.33
CA PRO D 252 -33.65 -33.12 -8.92
C PRO D 252 -34.39 -31.93 -8.32
N PHE D 253 -33.69 -30.81 -8.21
CA PHE D 253 -34.25 -29.60 -7.62
C PHE D 253 -35.35 -29.09 -8.55
N PRO D 254 -36.43 -28.54 -7.97
CA PRO D 254 -37.47 -27.89 -8.75
C PRO D 254 -36.93 -26.66 -9.48
N LYS D 255 -37.75 -26.05 -10.34
CA LYS D 255 -37.47 -24.73 -10.85
C LYS D 255 -38.40 -23.70 -10.20
N LEU D 256 -37.97 -22.46 -10.20
CA LEU D 256 -38.82 -21.37 -9.77
C LEU D 256 -39.15 -20.51 -10.98
N ARG D 257 -40.45 -20.37 -11.31
CA ARG D 257 -40.90 -19.48 -12.41
C ARG D 257 -41.45 -18.22 -11.81
N ILE D 258 -41.07 -17.10 -12.42
CA ILE D 258 -41.64 -15.81 -12.11
C ILE D 258 -42.61 -15.44 -13.25
N LEU D 259 -43.90 -15.38 -12.90
CA LEU D 259 -44.96 -15.46 -13.89
C LEU D 259 -45.28 -14.20 -14.70
N ARG D 260 -44.78 -13.04 -14.29
CA ARG D 260 -44.94 -11.79 -15.07
C ARG D 260 -43.71 -10.92 -14.91
N LYS D 261 -43.53 -9.90 -15.78
CA LYS D 261 -42.43 -8.94 -15.65
C LYS D 261 -42.77 -7.99 -14.47
N VAL D 262 -41.86 -7.90 -13.49
CA VAL D 262 -42.07 -7.05 -12.30
C VAL D 262 -40.99 -5.96 -12.20
N GLU D 263 -41.42 -4.72 -11.98
CA GLU D 263 -40.55 -3.52 -12.07
C GLU D 263 -39.84 -3.13 -10.79
N LYS D 264 -40.58 -3.17 -9.68
CA LYS D 264 -40.06 -2.78 -8.36
C LYS D 264 -40.28 -3.93 -7.39
N ILE D 265 -39.30 -4.16 -6.54
CA ILE D 265 -39.35 -5.22 -5.54
C ILE D 265 -40.64 -5.20 -4.68
N ASP D 266 -41.20 -4.02 -4.45
CA ASP D 266 -42.45 -3.87 -3.67
C ASP D 266 -43.66 -4.46 -4.37
N ASP D 267 -43.62 -4.54 -5.72
CA ASP D 267 -44.74 -5.06 -6.53
C ASP D 267 -44.92 -6.59 -6.55
N PHE D 268 -43.94 -7.37 -6.05
CA PHE D 268 -44.09 -8.82 -6.08
C PHE D 268 -45.25 -9.27 -5.21
N LYS D 269 -46.06 -10.17 -5.74
CA LYS D 269 -47.13 -10.80 -4.97
C LYS D 269 -46.86 -12.30 -5.00
N ALA D 270 -47.42 -13.02 -4.03
CA ALA D 270 -47.26 -14.44 -3.92
C ALA D 270 -47.60 -15.20 -5.22
N GLU D 271 -48.61 -14.70 -5.93
CA GLU D 271 -49.14 -15.38 -7.12
C GLU D 271 -48.21 -15.21 -8.29
N ASP D 272 -47.26 -14.30 -8.20
CA ASP D 272 -46.22 -14.17 -9.23
C ASP D 272 -45.25 -15.35 -9.27
N PHE D 273 -45.26 -16.21 -8.24
CA PHE D 273 -44.23 -17.25 -8.12
C PHE D 273 -44.78 -18.67 -8.26
N GLN D 274 -44.10 -19.51 -9.03
CA GLN D 274 -44.50 -20.89 -9.15
C GLN D 274 -43.32 -21.86 -9.07
N ILE D 275 -43.42 -22.78 -8.12
CA ILE D 275 -42.50 -23.83 -7.92
C ILE D 275 -42.91 -24.98 -8.85
N GLU D 276 -41.98 -25.37 -9.72
CA GLU D 276 -42.28 -26.30 -10.78
C GLU D 276 -41.47 -27.57 -10.60
N GLY D 277 -42.16 -28.72 -10.53
CA GLY D 277 -41.53 -30.03 -10.50
C GLY D 277 -40.94 -30.34 -9.13
N TYR D 278 -41.63 -29.95 -8.06
CA TYR D 278 -41.10 -30.16 -6.74
C TYR D 278 -41.57 -31.52 -6.26
N ASN D 279 -40.61 -32.37 -5.86
CA ASN D 279 -40.89 -33.77 -5.63
C ASN D 279 -40.35 -34.30 -4.30
N PRO D 280 -40.77 -33.72 -3.18
CA PRO D 280 -40.09 -34.14 -1.97
C PRO D 280 -40.51 -35.52 -1.44
N HIS D 281 -39.59 -36.18 -0.73
CA HIS D 281 -39.87 -37.33 0.11
C HIS D 281 -40.87 -36.91 1.23
N PRO D 282 -41.69 -37.86 1.74
CA PRO D 282 -42.67 -37.52 2.81
C PRO D 282 -42.05 -37.11 4.14
N THR D 283 -42.72 -36.25 4.93
CA THR D 283 -42.11 -35.52 6.12
C THR D 283 -41.45 -36.34 7.28
N HIS E 5 38.70 -44.66 24.61
CA HIS E 5 37.68 -45.29 25.45
C HIS E 5 37.54 -44.57 26.79
N GLY E 6 36.94 -43.40 26.76
CA GLY E 6 36.77 -42.63 27.96
C GLY E 6 38.02 -42.02 28.46
N GLU E 7 38.52 -42.58 29.52
CA GLU E 7 39.73 -42.08 30.15
C GLU E 7 40.93 -42.12 29.20
N LEU E 8 40.96 -43.10 28.31
CA LEU E 8 42.03 -43.22 27.39
C LEU E 8 42.28 -41.97 26.56
N GLN E 9 41.28 -41.16 26.25
CA GLN E 9 41.54 -39.91 25.56
C GLN E 9 42.38 -39.03 26.41
N TYR E 10 42.05 -38.92 27.69
CA TYR E 10 42.81 -38.08 28.60
C TYR E 10 44.22 -38.59 28.65
N LEU E 11 44.36 -39.90 28.83
CA LEU E 11 45.69 -40.51 28.85
C LEU E 11 46.43 -40.35 27.49
N GLY E 12 45.71 -40.48 26.38
CA GLY E 12 46.26 -40.22 25.04
C GLY E 12 46.82 -38.79 24.92
N GLN E 13 46.05 -37.80 25.40
CA GLN E 13 46.51 -36.42 25.38
C GLN E 13 47.79 -36.20 26.18
N ILE E 14 47.88 -36.83 27.35
CA ILE E 14 49.09 -36.77 28.19
C ILE E 14 50.28 -37.36 27.37
N GLN E 15 50.05 -38.52 26.75
CA GLN E 15 51.04 -39.23 25.91
C GLN E 15 51.50 -38.27 24.78
N HIS E 16 50.56 -37.68 24.05
CA HIS E 16 50.90 -36.74 22.96
C HIS E 16 51.76 -35.54 23.41
N ILE E 17 51.47 -35.01 24.60
CA ILE E 17 52.23 -33.86 25.10
C ILE E 17 53.65 -34.27 25.49
N LEU E 18 53.77 -35.47 26.05
CA LEU E 18 55.07 -36.00 26.46
C LEU E 18 55.98 -36.21 25.27
N ARG E 19 55.44 -36.81 24.21
CA ARG E 19 56.23 -37.03 22.99
C ARG E 19 56.43 -35.76 22.17
N CYS E 20 55.36 -34.97 21.96
CA CYS E 20 55.39 -33.87 20.96
C CYS E 20 55.38 -32.45 21.51
N GLY E 21 55.06 -32.29 22.80
CA GLY E 21 54.99 -30.95 23.40
C GLY E 21 56.34 -30.27 23.34
N VAL E 22 56.34 -28.94 23.39
CA VAL E 22 57.56 -28.16 23.33
C VAL E 22 57.77 -27.50 24.69
N ARG E 23 59.03 -27.28 25.06
CA ARG E 23 59.37 -26.51 26.27
C ARG E 23 58.91 -25.05 26.16
N LYS E 24 58.18 -24.59 27.18
CA LYS E 24 57.54 -23.25 27.21
C LYS E 24 57.38 -22.85 28.66
N ASP E 25 57.81 -21.65 29.02
CA ASP E 25 57.70 -21.17 30.43
C ASP E 25 56.32 -20.49 30.62
N ASP E 26 55.86 -20.35 31.85
CA ASP E 26 54.55 -19.75 32.19
C ASP E 26 54.67 -18.41 32.96
N ARG E 27 53.55 -17.88 33.48
CA ARG E 27 53.55 -16.65 34.31
C ARG E 27 54.58 -16.70 35.46
N THR E 28 54.71 -17.86 36.09
CA THR E 28 55.69 -18.06 37.17
C THR E 28 57.14 -18.21 36.61
N GLY E 29 57.25 -18.66 35.37
CA GLY E 29 58.56 -19.03 34.78
C GLY E 29 59.06 -20.43 35.06
N THR E 30 58.24 -21.26 35.77
CA THR E 30 58.48 -22.75 35.88
C THR E 30 57.88 -23.36 34.59
N GLY E 31 58.67 -24.15 33.90
CA GLY E 31 58.31 -24.54 32.55
C GLY E 31 57.33 -25.67 32.42
N THR E 32 56.99 -25.93 31.19
CA THR E 32 55.96 -26.88 30.83
C THR E 32 56.38 -27.53 29.55
N LEU E 33 55.82 -28.71 29.29
CA LEU E 33 55.68 -29.21 27.94
C LEU E 33 54.28 -28.81 27.47
N SER E 34 54.17 -28.39 26.20
CA SER E 34 52.99 -27.65 25.75
C SER E 34 52.59 -27.98 24.30
N VAL E 35 51.32 -28.27 24.08
CA VAL E 35 50.71 -28.38 22.75
C VAL E 35 49.56 -27.36 22.68
N PHE E 36 49.39 -26.72 21.53
CA PHE E 36 48.30 -25.81 21.32
C PHE E 36 47.24 -26.43 20.45
N GLY E 37 46.01 -26.49 20.96
CA GLY E 37 44.90 -27.10 20.25
C GLY E 37 44.79 -28.60 20.49
N MET E 38 43.87 -29.03 21.38
CA MET E 38 43.51 -30.43 21.49
C MET E 38 42.02 -30.58 21.68
N GLN E 39 41.50 -31.78 21.42
CA GLN E 39 40.08 -32.07 21.58
C GLN E 39 39.88 -33.52 22.02
N ALA E 40 39.12 -33.73 23.10
CA ALA E 40 38.69 -35.06 23.49
C ALA E 40 37.16 -35.13 23.59
N ARG E 41 36.59 -36.31 23.45
CA ARG E 41 35.13 -36.48 23.54
C ARG E 41 34.81 -37.49 24.66
N TYR E 42 34.07 -37.05 25.68
CA TYR E 42 33.71 -37.96 26.77
C TYR E 42 32.23 -38.20 26.75
N SER E 43 31.84 -39.46 26.53
CA SER E 43 30.43 -39.85 26.59
C SER E 43 29.86 -39.64 28.00
N LEU E 44 28.61 -39.18 28.05
CA LEU E 44 27.89 -38.99 29.31
C LEU E 44 26.70 -39.96 29.46
N ARG E 45 26.54 -40.89 28.50
CA ARG E 45 25.37 -41.81 28.44
C ARG E 45 25.62 -42.93 29.44
N ASP E 46 24.86 -42.93 30.55
CA ASP E 46 24.95 -43.96 31.65
C ASP E 46 26.30 -44.11 32.30
N GLU E 47 27.07 -43.04 32.33
CA GLU E 47 28.46 -43.05 32.80
C GLU E 47 28.71 -41.56 33.12
N PHE E 48 29.59 -41.30 34.10
CA PHE E 48 30.05 -39.96 34.41
C PHE E 48 31.60 -39.92 34.41
N PRO E 49 32.22 -39.01 33.62
CA PRO E 49 33.67 -39.05 33.41
C PRO E 49 34.52 -38.45 34.54
N LEU E 50 34.39 -39.06 35.72
CA LEU E 50 35.26 -38.75 36.84
C LEU E 50 36.47 -39.65 36.75
N LEU E 51 37.63 -39.07 36.49
CA LEU E 51 38.83 -39.85 36.14
C LEU E 51 39.23 -40.83 37.22
N THR E 52 39.63 -42.04 36.80
CA THR E 52 39.90 -43.12 37.74
C THR E 52 41.39 -43.39 37.96
N THR E 53 42.27 -43.00 37.04
CA THR E 53 43.69 -43.28 37.26
C THR E 53 44.33 -42.41 38.33
N LYS E 54 43.62 -41.36 38.77
CA LYS E 54 43.99 -40.54 39.91
C LYS E 54 42.72 -39.87 40.46
N ARG E 55 42.54 -39.87 41.78
CA ARG E 55 41.30 -39.38 42.37
C ARG E 55 41.10 -37.86 42.08
N VAL E 56 39.89 -37.53 41.61
CA VAL E 56 39.47 -36.17 41.39
C VAL E 56 38.70 -35.63 42.63
N PHE E 57 38.92 -34.37 42.98
CA PHE E 57 38.34 -33.72 44.15
C PHE E 57 36.86 -33.35 43.85
N TRP E 58 36.02 -34.40 43.93
CA TRP E 58 34.61 -34.33 43.59
C TRP E 58 33.84 -33.25 44.36
N LYS E 59 34.07 -33.20 45.68
CA LYS E 59 33.40 -32.22 46.53
C LYS E 59 33.69 -30.80 45.99
N GLY E 60 34.96 -30.49 45.76
CA GLY E 60 35.41 -29.27 45.09
C GLY E 60 34.64 -29.00 43.80
N VAL E 61 34.56 -29.99 42.91
CA VAL E 61 33.86 -29.83 41.64
C VAL E 61 32.42 -29.35 41.88
N LEU E 62 31.70 -30.03 42.76
CA LEU E 62 30.28 -29.79 42.97
C LEU E 62 30.01 -28.49 43.72
N GLU E 63 30.75 -28.24 44.79
CA GLU E 63 30.56 -26.97 45.51
C GLU E 63 30.90 -25.75 44.62
N GLU E 64 32.01 -25.85 43.87
CA GLU E 64 32.41 -24.76 42.98
C GLU E 64 31.31 -24.46 41.98
N LEU E 65 30.72 -25.50 41.40
CA LEU E 65 29.68 -25.28 40.44
C LEU E 65 28.44 -24.64 41.08
N LEU E 66 28.04 -25.10 42.27
CA LEU E 66 26.85 -24.48 42.94
C LEU E 66 27.12 -23.02 43.28
N TRP E 67 28.38 -22.75 43.61
CA TRP E 67 28.85 -21.42 43.92
C TRP E 67 28.71 -20.54 42.68
N PHE E 68 29.14 -21.03 41.51
CA PHE E 68 28.96 -20.32 40.21
C PHE E 68 27.49 -20.00 39.96
N ILE E 69 26.64 -21.02 40.08
CA ILE E 69 25.21 -20.91 39.83
C ILE E 69 24.52 -19.82 40.70
N LYS E 70 24.89 -19.73 41.98
CA LYS E 70 24.38 -18.66 42.88
C LYS E 70 24.85 -17.27 42.40
N GLY E 71 25.82 -17.21 41.49
CA GLY E 71 26.35 -15.92 40.99
C GLY E 71 27.39 -15.33 41.91
N SER E 72 27.85 -16.09 42.91
CA SER E 72 28.79 -15.55 43.89
C SER E 72 30.14 -15.31 43.26
N THR E 73 30.86 -14.31 43.73
CA THR E 73 32.18 -13.98 43.29
C THR E 73 32.98 -13.76 44.53
N ASN E 74 32.56 -14.42 45.59
CA ASN E 74 33.15 -14.29 46.93
C ASN E 74 33.83 -15.59 47.36
N ALA E 75 35.16 -15.58 47.31
CA ALA E 75 35.95 -16.78 47.63
C ALA E 75 35.61 -17.35 49.00
N LYS E 76 35.32 -16.44 49.95
CA LYS E 76 34.95 -16.82 51.31
C LYS E 76 33.69 -17.70 51.38
N GLU E 77 32.74 -17.44 50.49
CA GLU E 77 31.49 -18.19 50.39
C GLU E 77 31.72 -19.64 49.95
N LEU E 78 32.71 -19.85 49.07
CA LEU E 78 33.10 -21.21 48.68
C LEU E 78 34.01 -21.88 49.75
N SER E 79 34.85 -21.08 50.39
CA SER E 79 35.76 -21.55 51.42
C SER E 79 34.99 -22.09 52.64
N SER E 80 33.83 -21.50 52.90
CA SER E 80 33.02 -21.92 54.01
C SER E 80 32.46 -23.31 53.77
N LYS E 81 32.35 -23.73 52.52
CA LYS E 81 31.90 -25.08 52.16
C LYS E 81 33.01 -26.14 52.21
N GLY E 82 34.20 -25.74 52.68
CA GLY E 82 35.36 -26.66 52.74
C GLY E 82 36.28 -26.73 51.51
N VAL E 83 36.05 -25.82 50.56
CA VAL E 83 36.72 -25.84 49.25
C VAL E 83 37.56 -24.55 49.12
N LYS E 84 38.85 -24.72 49.20
CA LYS E 84 39.79 -23.62 49.40
C LYS E 84 40.42 -23.14 48.07
N ILE E 85 39.98 -23.75 46.95
CA ILE E 85 40.69 -23.61 45.65
C ILE E 85 40.78 -22.15 45.13
N TRP E 86 39.84 -21.29 45.49
CA TRP E 86 39.91 -19.89 45.08
C TRP E 86 40.52 -18.93 46.11
N ASP E 87 40.91 -19.43 47.30
CA ASP E 87 41.21 -18.55 48.45
C ASP E 87 42.38 -17.58 48.21
N ALA E 88 43.47 -18.11 47.68
CA ALA E 88 44.73 -17.38 47.48
C ALA E 88 44.54 -16.19 46.52
N ASN E 89 43.62 -16.35 45.57
CA ASN E 89 43.29 -15.29 44.62
C ASN E 89 42.39 -14.22 45.21
N GLY E 90 41.89 -14.46 46.42
CA GLY E 90 41.05 -13.50 47.12
C GLY E 90 41.68 -12.88 48.35
N SER E 91 42.91 -13.30 48.67
CA SER E 91 43.64 -12.85 49.87
C SER E 91 44.02 -11.37 49.80
N ARG E 92 44.07 -10.72 50.97
CA ARG E 92 44.47 -9.32 51.06
C ARG E 92 45.73 -9.04 50.27
N ASP E 93 46.74 -9.89 50.47
CA ASP E 93 47.99 -9.71 49.77
C ASP E 93 47.87 -9.82 48.24
N PHE E 94 47.15 -10.85 47.76
CA PHE E 94 46.99 -11.01 46.31
C PHE E 94 46.18 -9.87 45.68
N LEU E 95 45.09 -9.50 46.32
CA LEU E 95 44.28 -8.39 45.84
C LEU E 95 45.07 -7.08 45.81
N ASP E 96 45.90 -6.84 46.82
CA ASP E 96 46.74 -5.61 46.89
C ASP E 96 47.72 -5.61 45.72
N SER E 97 48.35 -6.76 45.44
CA SER E 97 49.31 -6.85 44.33
C SER E 97 48.69 -6.48 42.97
N LEU E 98 47.36 -6.61 42.85
CA LEU E 98 46.66 -6.21 41.65
C LEU E 98 46.16 -4.75 41.66
N GLY E 99 46.42 -4.05 42.77
CA GLY E 99 46.06 -2.63 42.92
C GLY E 99 44.67 -2.44 43.46
N PHE E 100 44.06 -3.52 43.96
CA PHE E 100 42.69 -3.51 44.53
C PHE E 100 42.73 -3.35 46.04
N SER E 101 43.36 -2.28 46.52
CA SER E 101 43.48 -2.07 47.98
C SER E 101 42.17 -1.82 48.71
N THR E 102 41.18 -1.28 48.02
CA THR E 102 39.92 -0.93 48.65
C THR E 102 38.97 -2.13 48.72
N ARG E 103 39.33 -3.22 48.06
CA ARG E 103 38.46 -4.39 47.91
C ARG E 103 38.48 -5.27 49.17
N GLU E 104 37.31 -5.77 49.60
CA GLU E 104 37.24 -6.68 50.75
C GLU E 104 37.97 -8.00 50.38
N GLU E 105 38.57 -8.66 51.37
CA GLU E 105 39.19 -9.98 51.21
C GLU E 105 38.15 -11.01 50.75
N GLY E 106 38.49 -11.82 49.75
CA GLY E 106 37.53 -12.76 49.12
C GLY E 106 36.86 -12.29 47.83
N ASP E 107 36.93 -10.99 47.55
CA ASP E 107 36.27 -10.42 46.38
C ASP E 107 37.12 -10.59 45.11
N LEU E 108 36.77 -11.58 44.32
CA LEU E 108 37.50 -11.94 43.16
C LEU E 108 37.20 -11.12 41.95
N GLY E 109 36.31 -10.17 42.07
CA GLY E 109 35.95 -9.36 40.94
C GLY E 109 34.89 -10.03 40.10
N PRO E 110 34.66 -9.51 38.90
CA PRO E 110 33.63 -10.10 38.05
C PRO E 110 34.00 -11.42 37.37
N VAL E 111 34.11 -12.49 38.13
CA VAL E 111 34.45 -13.79 37.61
C VAL E 111 33.24 -14.62 37.16
N TYR E 112 33.39 -15.93 37.05
CA TYR E 112 32.38 -16.84 36.59
C TYR E 112 30.92 -16.60 36.96
N GLY E 113 30.62 -16.53 38.24
CA GLY E 113 29.29 -16.32 38.70
C GLY E 113 28.60 -15.10 38.17
N PHE E 114 29.33 -14.00 38.15
CA PHE E 114 28.85 -12.74 37.69
C PHE E 114 28.62 -12.75 36.19
N GLN E 115 29.54 -13.29 35.42
CA GLN E 115 29.42 -13.37 33.99
C GLN E 115 28.31 -14.27 33.56
N TRP E 116 28.15 -15.41 34.20
CA TRP E 116 27.07 -16.35 33.85
C TRP E 116 25.69 -15.77 34.15
N ARG E 117 25.56 -15.04 35.26
CA ARG E 117 24.25 -14.48 35.68
C ARG E 117 23.99 -13.02 35.35
N HIS E 118 25.04 -12.24 35.12
CA HIS E 118 24.94 -10.76 34.97
C HIS E 118 25.91 -10.19 33.94
N PHE E 119 26.17 -10.95 32.86
CA PHE E 119 27.11 -10.49 31.84
C PHE E 119 26.75 -9.07 31.39
N GLY E 120 27.73 -8.17 31.51
CA GLY E 120 27.57 -6.84 30.96
C GLY E 120 27.08 -5.82 31.96
N ALA E 121 26.59 -6.25 33.12
CA ALA E 121 26.23 -5.33 34.20
C ALA E 121 27.49 -4.67 34.76
N GLU E 122 27.29 -3.55 35.46
CA GLU E 122 28.40 -2.83 36.04
C GLU E 122 28.81 -3.49 37.36
N TYR E 123 30.04 -4.01 37.46
CA TYR E 123 30.48 -4.65 38.69
C TYR E 123 30.86 -3.65 39.77
N ARG E 124 30.31 -3.82 40.96
CA ARG E 124 30.69 -2.94 42.05
C ARG E 124 31.53 -3.72 43.05
N ASP E 125 30.88 -4.53 43.88
CA ASP E 125 31.63 -5.47 44.71
C ASP E 125 30.87 -6.80 44.83
N MET E 126 31.44 -7.73 45.58
CA MET E 126 30.90 -9.08 45.70
C MET E 126 29.57 -9.09 46.45
N GLU E 127 29.32 -8.07 47.25
CA GLU E 127 28.12 -8.09 48.08
C GLU E 127 26.95 -7.37 47.42
N SER E 128 27.21 -6.58 46.36
CA SER E 128 26.18 -5.78 45.68
C SER E 128 25.05 -6.65 45.10
N ASP E 129 23.86 -6.06 45.01
CA ASP E 129 22.72 -6.71 44.45
C ASP E 129 22.74 -6.45 42.95
N TYR E 130 22.72 -7.51 42.15
CA TYR E 130 22.77 -7.39 40.69
C TYR E 130 21.48 -7.88 40.03
N SER E 131 20.43 -8.05 40.84
CA SER E 131 19.13 -8.55 40.38
C SER E 131 18.62 -7.84 39.14
N GLY E 132 18.33 -8.63 38.10
CA GLY E 132 17.81 -8.12 36.87
C GLY E 132 18.77 -7.26 36.07
N GLN E 133 20.05 -7.17 36.49
CA GLN E 133 21.06 -6.45 35.71
C GLN E 133 21.94 -7.42 34.85
N GLY E 134 22.27 -7.00 33.62
CA GLY E 134 23.09 -7.77 32.70
C GLY E 134 22.35 -8.98 32.15
N VAL E 135 23.07 -9.83 31.43
CA VAL E 135 22.45 -10.99 30.77
C VAL E 135 22.61 -12.23 31.63
N ASP E 136 21.48 -12.86 31.92
CA ASP E 136 21.49 -14.11 32.63
C ASP E 136 21.73 -15.24 31.62
N GLN E 137 23.00 -15.46 31.28
CA GLN E 137 23.32 -16.46 30.25
C GLN E 137 22.89 -17.86 30.64
N LEU E 138 23.02 -18.20 31.92
CA LEU E 138 22.67 -19.53 32.39
C LEU E 138 21.18 -19.83 32.14
N GLN E 139 20.30 -18.95 32.53
CA GLN E 139 18.88 -19.14 32.31
C GLN E 139 18.49 -19.04 30.83
N ARG E 140 19.05 -18.10 30.09
CA ARG E 140 18.77 -18.03 28.63
C ARG E 140 19.13 -19.33 27.93
N VAL E 141 20.22 -19.96 28.38
CA VAL E 141 20.64 -21.27 27.85
C VAL E 141 19.58 -22.34 28.15
N ILE E 142 19.17 -22.42 29.41
CA ILE E 142 18.08 -23.34 29.80
C ILE E 142 16.82 -23.08 28.96
N ASP E 143 16.45 -21.81 28.83
CA ASP E 143 15.24 -21.43 28.09
C ASP E 143 15.30 -21.79 26.61
N THR E 144 16.44 -21.52 25.97
CA THR E 144 16.64 -21.82 24.58
C THR E 144 16.61 -23.34 24.37
N ILE E 145 17.21 -24.11 25.27
CA ILE E 145 17.18 -25.56 25.17
C ILE E 145 15.75 -26.08 25.18
N LYS E 146 14.92 -25.56 26.07
CA LYS E 146 13.52 -25.93 26.19
C LYS E 146 12.70 -25.53 24.94
N THR E 147 12.77 -24.27 24.51
CA THR E 147 11.90 -23.77 23.43
C THR E 147 12.41 -23.95 21.99
N ASN E 148 13.74 -24.00 21.81
CA ASN E 148 14.27 -24.15 20.46
C ASN E 148 15.54 -24.99 20.51
N PRO E 149 15.43 -26.31 20.77
CA PRO E 149 16.62 -27.17 20.86
C PRO E 149 17.58 -27.17 19.66
N ASP E 150 17.08 -26.88 18.46
CA ASP E 150 17.91 -26.87 17.22
C ASP E 150 18.89 -25.71 17.11
N ASP E 151 18.71 -24.70 17.96
CA ASP E 151 19.49 -23.47 17.96
C ASP E 151 20.99 -23.68 18.04
N ARG E 152 21.71 -23.02 17.15
CA ARG E 152 23.17 -23.15 17.13
C ARG E 152 23.95 -22.05 17.86
N ARG E 153 23.26 -21.35 18.77
CA ARG E 153 23.80 -20.19 19.48
C ARG E 153 23.68 -20.40 21.01
N ILE E 154 23.58 -21.66 21.47
CA ILE E 154 23.38 -21.87 22.91
C ILE E 154 24.74 -21.79 23.62
N ILE E 155 25.13 -20.56 23.96
CA ILE E 155 26.47 -20.29 24.42
C ILE E 155 26.42 -19.54 25.73
N MET E 156 27.28 -19.93 26.67
CA MET E 156 27.47 -19.22 27.94
C MET E 156 28.94 -18.83 27.95
N CYS E 157 29.18 -17.52 28.00
CA CYS E 157 30.52 -16.96 27.79
C CYS E 157 31.03 -16.25 29.03
N ALA E 158 32.20 -16.66 29.52
CA ALA E 158 32.77 -16.12 30.76
C ALA E 158 33.83 -15.07 30.43
N TRP E 159 34.30 -15.10 29.17
CA TRP E 159 35.31 -14.17 28.69
C TRP E 159 34.67 -12.83 28.38
N ASN E 160 34.97 -11.84 29.19
CA ASN E 160 34.42 -10.49 29.06
C ASN E 160 35.60 -9.54 29.00
N PRO E 161 36.04 -9.17 27.77
CA PRO E 161 37.17 -8.26 27.63
C PRO E 161 37.06 -6.96 28.46
N ARG E 162 35.89 -6.35 28.56
CA ARG E 162 35.76 -5.13 29.38
C ARG E 162 36.04 -5.35 30.87
N ASP E 163 35.65 -6.50 31.39
CA ASP E 163 35.82 -6.83 32.81
C ASP E 163 37.14 -7.49 33.19
N LEU E 164 37.90 -8.01 32.22
CA LEU E 164 39.21 -8.65 32.54
C LEU E 164 40.11 -7.90 33.56
N PRO E 165 40.31 -6.57 33.41
CA PRO E 165 41.20 -5.88 34.40
C PRO E 165 40.66 -5.88 35.85
N LEU E 166 39.36 -6.11 36.04
CA LEU E 166 38.78 -6.18 37.39
C LEU E 166 38.81 -7.58 38.03
N MET E 167 39.15 -8.59 37.27
CA MET E 167 39.15 -9.93 37.80
C MET E 167 40.42 -10.30 38.53
N ALA E 168 40.31 -11.10 39.56
CA ALA E 168 41.48 -11.63 40.25
C ALA E 168 42.32 -12.50 39.32
N LEU E 169 41.69 -13.26 38.44
CA LEU E 169 42.31 -14.05 37.38
C LEU E 169 41.39 -14.11 36.20
N PRO E 170 41.92 -14.09 34.99
CA PRO E 170 41.04 -14.30 33.82
C PRO E 170 40.63 -15.79 33.72
N PRO E 171 39.37 -16.06 33.33
CA PRO E 171 38.85 -17.45 33.32
C PRO E 171 39.65 -18.39 32.40
N CYS E 172 39.92 -19.60 32.85
CA CYS E 172 40.48 -20.69 32.06
C CYS E 172 39.39 -21.16 31.07
N HIS E 173 38.12 -21.06 31.49
CA HIS E 173 37.01 -21.58 30.71
C HIS E 173 36.28 -20.44 30.06
N ALA E 174 36.77 -20.11 28.86
CA ALA E 174 36.35 -18.93 28.13
C ALA E 174 34.87 -19.02 27.80
N LEU E 175 34.40 -20.18 27.33
CA LEU E 175 33.01 -20.34 27.01
C LEU E 175 32.65 -21.80 26.88
N CYS E 176 31.36 -22.07 26.96
CA CYS E 176 30.87 -23.37 26.59
C CYS E 176 29.63 -23.24 25.68
N GLN E 177 29.43 -24.26 24.86
CA GLN E 177 28.31 -24.32 23.94
C GLN E 177 27.55 -25.60 24.17
N PHE E 178 26.23 -25.50 24.12
CA PHE E 178 25.33 -26.64 24.22
C PHE E 178 24.70 -27.01 22.89
N TYR E 179 24.28 -28.28 22.79
CA TYR E 179 23.74 -28.84 21.58
C TYR E 179 22.72 -29.95 21.84
N VAL E 180 21.62 -29.92 21.08
CA VAL E 180 20.58 -30.92 21.28
C VAL E 180 20.25 -31.67 19.99
N VAL E 181 20.27 -32.99 20.06
CA VAL E 181 19.70 -33.86 19.02
C VAL E 181 19.27 -35.18 19.65
N ASN E 182 18.15 -35.75 19.19
CA ASN E 182 17.67 -37.08 19.63
C ASN E 182 17.47 -37.15 21.13
N SER E 183 16.89 -36.07 21.70
CA SER E 183 16.72 -35.92 23.14
C SER E 183 18.02 -36.01 23.99
N GLU E 184 19.17 -35.78 23.35
CA GLU E 184 20.45 -35.76 24.04
C GLU E 184 21.03 -34.34 24.10
N LEU E 185 21.50 -33.94 25.28
CA LEU E 185 22.18 -32.67 25.45
C LEU E 185 23.69 -32.89 25.50
N SER E 186 24.37 -32.23 24.60
CA SER E 186 25.82 -32.21 24.60
C SER E 186 26.37 -30.83 24.95
N CYS E 187 27.61 -30.79 25.39
CA CYS E 187 28.28 -29.58 25.77
C CYS E 187 29.72 -29.60 25.25
N GLN E 188 30.17 -28.49 24.69
CA GLN E 188 31.56 -28.33 24.35
C GLN E 188 32.18 -27.17 25.13
N LEU E 189 33.34 -27.40 25.74
CA LEU E 189 34.02 -26.35 26.49
C LEU E 189 35.24 -25.85 25.70
N TYR E 190 35.36 -24.53 25.58
CA TYR E 190 36.59 -23.92 25.11
C TYR E 190 37.42 -23.47 26.30
N GLN E 191 38.46 -24.25 26.60
CA GLN E 191 39.38 -23.98 27.72
C GLN E 191 40.72 -23.51 27.18
N ARG E 192 41.06 -22.26 27.46
CA ARG E 192 42.20 -21.57 26.86
C ARG E 192 43.53 -22.09 27.36
N SER E 193 43.52 -22.66 28.58
CA SER E 193 44.73 -23.08 29.25
C SER E 193 44.43 -24.25 30.14
N GLY E 194 45.20 -25.32 29.99
CA GLY E 194 44.94 -26.56 30.73
C GLY E 194 46.18 -27.11 31.44
N ASP E 195 46.13 -27.15 32.77
CA ASP E 195 47.11 -27.92 33.52
C ASP E 195 46.66 -29.38 33.45
N MET E 196 47.34 -30.19 32.65
CA MET E 196 46.89 -31.54 32.37
C MET E 196 46.93 -32.46 33.58
N GLY E 197 47.97 -32.28 34.40
CA GLY E 197 48.15 -33.05 35.65
C GLY E 197 47.14 -32.76 36.76
N LEU E 198 47.01 -31.49 37.13
CA LEU E 198 46.17 -31.04 38.27
C LEU E 198 44.78 -30.46 37.89
N GLY E 199 44.71 -29.62 36.88
CA GLY E 199 43.45 -28.94 36.51
C GLY E 199 42.47 -29.80 35.72
N VAL E 200 42.94 -30.32 34.58
CA VAL E 200 42.07 -30.88 33.56
C VAL E 200 41.04 -31.93 34.07
N PRO E 201 41.44 -32.91 34.93
CA PRO E 201 40.43 -33.89 35.39
C PRO E 201 39.26 -33.20 36.12
N PHE E 202 39.60 -32.24 36.96
CA PHE E 202 38.65 -31.41 37.70
C PHE E 202 37.80 -30.63 36.68
N ASN E 203 38.47 -30.02 35.71
CA ASN E 203 37.79 -29.25 34.67
C ASN E 203 36.78 -30.13 33.90
N ILE E 204 37.19 -31.32 33.47
CA ILE E 204 36.28 -32.26 32.76
C ILE E 204 35.05 -32.55 33.61
N ALA E 205 35.27 -32.85 34.89
CA ALA E 205 34.20 -33.16 35.80
C ALA E 205 33.21 -31.99 35.97
N SER E 206 33.67 -30.74 36.01
CA SER E 206 32.78 -29.56 36.18
C SER E 206 31.73 -29.47 35.11
N TYR E 207 32.20 -29.50 33.86
CA TYR E 207 31.32 -29.26 32.73
C TYR E 207 30.48 -30.48 32.43
N ALA E 208 30.99 -31.68 32.74
CA ALA E 208 30.16 -32.86 32.69
C ALA E 208 29.02 -32.68 33.69
N LEU E 209 29.34 -32.22 34.92
CA LEU E 209 28.33 -32.01 35.95
C LEU E 209 27.32 -30.95 35.51
N LEU E 210 27.83 -29.87 34.94
CA LEU E 210 26.92 -28.80 34.45
C LEU E 210 25.93 -29.38 33.44
N THR E 211 26.43 -30.23 32.56
CA THR E 211 25.60 -30.80 31.51
C THR E 211 24.51 -31.72 32.10
N TYR E 212 24.89 -32.54 33.06
CA TYR E 212 23.94 -33.34 33.83
C TYR E 212 22.86 -32.48 34.48
N MET E 213 23.27 -31.34 35.07
CA MET E 213 22.30 -30.43 35.69
C MET E 213 21.30 -29.89 34.66
N ILE E 214 21.80 -29.38 33.55
CA ILE E 214 20.92 -28.77 32.56
C ILE E 214 20.01 -29.80 31.90
N ALA E 215 20.57 -30.97 31.58
CA ALA E 215 19.81 -32.13 31.08
C ALA E 215 18.64 -32.50 32.00
N HIS E 216 18.90 -32.53 33.30
CA HIS E 216 17.87 -32.83 34.28
C HIS E 216 16.76 -31.76 34.26
N ILE E 217 17.14 -30.49 34.27
CA ILE E 217 16.20 -29.34 34.23
C ILE E 217 15.35 -29.34 32.96
N THR E 218 15.91 -29.83 31.86
CA THR E 218 15.28 -29.63 30.56
C THR E 218 14.59 -30.91 30.04
N GLY E 219 14.68 -31.99 30.84
CA GLY E 219 14.11 -33.30 30.49
C GLY E 219 14.83 -34.00 29.37
N LEU E 220 16.14 -33.80 29.27
CA LEU E 220 16.91 -34.44 28.24
C LEU E 220 17.87 -35.43 28.90
N LYS E 221 18.44 -36.31 28.08
CA LYS E 221 19.49 -37.23 28.52
C LYS E 221 20.87 -36.65 28.17
N PRO E 222 21.83 -36.77 29.11
CA PRO E 222 23.22 -36.39 28.81
C PRO E 222 23.76 -37.08 27.53
N GLY E 223 24.47 -36.32 26.69
CA GLY E 223 25.02 -36.86 25.44
C GLY E 223 26.53 -36.96 25.50
N ASP E 224 27.21 -36.00 24.87
CA ASP E 224 28.66 -35.91 24.99
C ASP E 224 29.13 -34.65 25.69
N PHE E 225 30.26 -34.78 26.37
CA PHE E 225 31.04 -33.61 26.69
C PHE E 225 32.27 -33.54 25.80
N ILE E 226 32.40 -32.43 25.09
CA ILE E 226 33.57 -32.21 24.20
C ILE E 226 34.50 -31.20 24.82
N HIS E 227 35.70 -31.66 25.10
CA HIS E 227 36.71 -30.86 25.76
C HIS E 227 37.75 -30.38 24.78
N THR E 228 37.74 -29.08 24.53
CA THR E 228 38.67 -28.42 23.63
C THR E 228 39.64 -27.58 24.45
N LEU E 229 40.93 -27.76 24.16
CA LEU E 229 41.98 -26.99 24.80
C LEU E 229 42.76 -26.01 23.88
N GLY E 230 43.19 -24.92 24.46
CA GLY E 230 44.17 -24.02 23.88
C GLY E 230 45.56 -24.49 24.23
N ASP E 231 46.18 -23.81 25.19
CA ASP E 231 47.50 -24.15 25.66
C ASP E 231 47.39 -25.34 26.60
N ALA E 232 47.53 -26.54 26.07
CA ALA E 232 47.50 -27.78 26.86
C ALA E 232 48.89 -28.11 27.35
N HIS E 233 49.09 -28.08 28.65
CA HIS E 233 50.45 -28.21 29.16
C HIS E 233 50.57 -29.16 30.33
N ILE E 234 51.79 -29.70 30.47
CA ILE E 234 52.18 -30.51 31.63
C ILE E 234 53.37 -29.79 32.27
N TYR E 235 53.32 -29.57 33.58
CA TYR E 235 54.43 -28.96 34.32
C TYR E 235 55.59 -29.95 34.43
N LEU E 236 56.82 -29.46 34.32
CA LEU E 236 57.98 -30.36 34.29
C LEU E 236 58.10 -31.27 35.55
N ASN E 237 57.80 -30.73 36.74
CA ASN E 237 57.77 -31.55 37.96
C ASN E 237 56.61 -32.56 38.01
N HIS E 238 55.77 -32.58 36.97
CA HIS E 238 54.71 -33.60 36.88
C HIS E 238 55.04 -34.72 35.90
N ILE E 239 56.16 -34.63 35.19
CA ILE E 239 56.44 -35.62 34.15
C ILE E 239 56.57 -37.03 34.76
N GLU E 240 57.44 -37.14 35.79
CA GLU E 240 57.71 -38.42 36.41
C GLU E 240 56.48 -39.06 37.06
N PRO E 241 55.74 -38.27 37.91
CA PRO E 241 54.49 -38.85 38.42
C PRO E 241 53.49 -39.30 37.33
N LEU E 242 53.34 -38.51 36.26
CA LEU E 242 52.38 -38.82 35.20
C LEU E 242 52.79 -40.05 34.39
N LYS E 243 54.10 -40.24 34.25
CA LYS E 243 54.63 -41.47 33.67
C LYS E 243 54.14 -42.72 34.44
N ILE E 244 54.15 -42.62 35.78
CA ILE E 244 53.61 -43.69 36.65
C ILE E 244 52.10 -43.81 36.40
N GLN E 245 51.39 -42.69 36.33
CA GLN E 245 49.92 -42.71 36.16
C GLN E 245 49.50 -43.32 34.84
N LEU E 246 50.25 -43.07 33.77
CA LEU E 246 49.90 -43.62 32.45
C LEU E 246 49.86 -45.16 32.41
N GLN E 247 50.62 -45.76 33.33
CA GLN E 247 50.67 -47.21 33.49
C GLN E 247 49.50 -47.83 34.19
N ARG E 248 48.59 -47.05 34.74
CA ARG E 248 47.45 -47.62 35.48
C ARG E 248 46.32 -47.80 34.48
N GLU E 249 45.59 -48.90 34.66
CA GLU E 249 44.47 -49.21 33.83
C GLU E 249 43.19 -48.60 34.37
N PRO E 250 42.44 -47.82 33.54
CA PRO E 250 41.24 -47.16 34.05
C PRO E 250 40.23 -48.19 34.52
N ARG E 251 39.54 -47.86 35.62
CA ARG E 251 38.39 -48.64 36.04
C ARG E 251 37.20 -48.03 35.34
N PRO E 252 36.10 -48.80 35.21
CA PRO E 252 34.87 -48.23 34.65
C PRO E 252 34.48 -46.94 35.35
N PHE E 253 33.90 -46.01 34.57
CA PHE E 253 33.52 -44.70 35.08
C PHE E 253 32.36 -44.91 36.05
N PRO E 254 32.32 -44.12 37.14
CA PRO E 254 31.18 -44.15 38.07
C PRO E 254 29.90 -43.67 37.36
N LYS E 255 28.76 -43.76 38.04
CA LYS E 255 27.55 -43.10 37.59
C LYS E 255 27.23 -41.90 38.49
N LEU E 256 26.51 -40.94 37.93
CA LEU E 256 26.03 -39.83 38.71
C LEU E 256 24.52 -39.95 38.87
N ARG E 257 24.02 -40.04 40.11
CA ARG E 257 22.57 -40.08 40.38
C ARG E 257 22.13 -38.72 40.86
N ILE E 258 21.00 -38.27 40.33
CA ILE E 258 20.33 -37.08 40.80
C ILE E 258 19.10 -37.54 41.61
N LEU E 259 19.14 -37.25 42.91
CA LEU E 259 18.30 -37.95 43.89
C LEU E 259 16.84 -37.51 44.00
N ARG E 260 16.47 -36.36 43.42
CA ARG E 260 15.07 -35.91 43.41
C ARG E 260 14.78 -35.14 42.12
N LYS E 261 13.50 -34.94 41.80
CA LYS E 261 13.12 -34.13 40.63
C LYS E 261 13.36 -32.65 40.96
N VAL E 262 14.16 -31.94 40.15
CA VAL E 262 14.50 -30.52 40.41
C VAL E 262 14.02 -29.61 39.26
N GLU E 263 13.36 -28.51 39.60
CA GLU E 263 12.62 -27.68 38.63
C GLU E 263 13.45 -26.56 37.99
N LYS E 264 14.22 -25.86 38.83
CA LYS E 264 15.03 -24.73 38.42
C LYS E 264 16.47 -24.97 38.84
N ILE E 265 17.41 -24.60 37.97
CA ILE E 265 18.84 -24.77 38.23
C ILE E 265 19.30 -24.19 39.60
N ASP E 266 18.64 -23.13 40.06
CA ASP E 266 18.97 -22.51 41.35
C ASP E 266 18.63 -23.40 42.54
N ASP E 267 17.67 -24.33 42.37
CA ASP E 267 17.25 -25.27 43.43
C ASP E 267 18.18 -26.44 43.75
N PHE E 268 19.18 -26.71 42.91
CA PHE E 268 20.09 -27.84 43.20
C PHE E 268 20.86 -27.61 44.47
N LYS E 269 20.91 -28.63 45.32
CA LYS E 269 21.75 -28.63 46.48
C LYS E 269 22.74 -29.78 46.36
N ALA E 270 23.85 -29.70 47.09
CA ALA E 270 24.88 -30.73 47.05
C ALA E 270 24.34 -32.13 47.33
N GLU E 271 23.35 -32.21 48.20
CA GLU E 271 22.80 -33.48 48.68
C GLU E 271 21.92 -34.11 47.63
N ASP E 272 21.55 -33.36 46.61
CA ASP E 272 20.83 -33.93 45.46
C ASP E 272 21.68 -34.86 44.62
N PHE E 273 22.99 -34.87 44.81
CA PHE E 273 23.91 -35.60 43.91
C PHE E 273 24.64 -36.76 44.57
N GLN E 274 24.72 -37.88 43.85
CA GLN E 274 25.46 -39.02 44.36
C GLN E 274 26.30 -39.69 43.30
N ILE E 275 27.60 -39.78 43.59
CA ILE E 275 28.54 -40.49 42.78
C ILE E 275 28.52 -41.96 43.20
N GLU E 276 28.25 -42.82 42.24
CA GLU E 276 28.02 -44.22 42.51
C GLU E 276 29.08 -45.07 41.84
N GLY E 277 29.78 -45.89 42.63
CA GLY E 277 30.73 -46.86 42.11
C GLY E 277 32.04 -46.22 41.69
N TYR E 278 32.51 -45.21 42.43
CA TYR E 278 33.72 -44.55 42.01
C TYR E 278 34.91 -45.27 42.64
N ASN E 279 35.86 -45.67 41.83
CA ASN E 279 36.92 -46.55 42.27
C ASN E 279 38.30 -46.08 41.80
N PRO E 280 38.74 -44.92 42.29
CA PRO E 280 40.05 -44.48 41.80
C PRO E 280 41.24 -45.23 42.36
N HIS E 281 42.32 -45.30 41.55
CA HIS E 281 43.63 -45.71 41.98
C HIS E 281 44.13 -44.85 43.12
N PRO E 282 45.02 -45.41 44.00
CA PRO E 282 45.84 -44.57 44.93
C PRO E 282 46.79 -43.60 44.16
N THR E 283 47.15 -42.47 44.77
CA THR E 283 47.92 -41.42 44.08
C THR E 283 49.32 -41.41 44.64
N HIS F 5 -0.80 20.39 -47.89
CA HIS F 5 -1.22 21.57 -48.71
C HIS F 5 -2.56 22.23 -48.19
N GLY F 6 -2.41 23.46 -47.73
CA GLY F 6 -3.43 24.29 -47.13
C GLY F 6 -4.87 24.12 -47.59
N GLU F 7 -5.10 24.11 -48.90
CA GLU F 7 -6.48 24.04 -49.39
C GLU F 7 -7.16 22.68 -49.02
N LEU F 8 -6.34 21.67 -48.76
CA LEU F 8 -6.88 20.36 -48.40
C LEU F 8 -7.65 20.38 -47.10
N GLN F 9 -7.31 21.26 -46.16
CA GLN F 9 -8.15 21.40 -44.94
C GLN F 9 -9.58 21.81 -45.28
N TYR F 10 -9.70 22.83 -46.15
CA TYR F 10 -10.99 23.32 -46.56
C TYR F 10 -11.74 22.19 -47.21
N LEU F 11 -11.07 21.51 -48.16
CA LEU F 11 -11.70 20.37 -48.81
C LEU F 11 -12.03 19.23 -47.84
N GLY F 12 -11.14 18.97 -46.87
CA GLY F 12 -11.39 17.98 -45.80
C GLY F 12 -12.65 18.32 -45.01
N GLN F 13 -12.81 19.60 -44.65
CA GLN F 13 -14.01 20.03 -43.93
C GLN F 13 -15.30 19.80 -44.73
N ILE F 14 -15.25 20.10 -46.04
CA ILE F 14 -16.40 19.84 -46.93
C ILE F 14 -16.72 18.32 -46.90
N GLN F 15 -15.67 17.49 -47.04
CA GLN F 15 -15.78 16.02 -47.03
C GLN F 15 -16.45 15.58 -45.71
N HIS F 16 -15.94 16.07 -44.56
CA HIS F 16 -16.51 15.71 -43.25
C HIS F 16 -18.00 16.07 -43.09
N ILE F 17 -18.39 17.22 -43.64
CA ILE F 17 -19.80 17.65 -43.53
C ILE F 17 -20.70 16.77 -44.40
N LEU F 18 -20.18 16.38 -45.57
CA LEU F 18 -20.93 15.54 -46.49
C LEU F 18 -21.21 14.17 -45.88
N ARG F 19 -20.18 13.58 -45.29
CA ARG F 19 -20.32 12.27 -44.65
C ARG F 19 -21.07 12.35 -43.30
N CYS F 20 -20.70 13.30 -42.43
CA CYS F 20 -21.15 13.28 -41.02
C CYS F 20 -22.15 14.38 -40.62
N GLY F 21 -22.31 15.41 -41.44
CA GLY F 21 -23.23 16.50 -41.12
C GLY F 21 -24.65 16.00 -41.00
N VAL F 22 -25.48 16.74 -40.27
CA VAL F 22 -26.87 16.35 -40.03
C VAL F 22 -27.76 17.35 -40.77
N ARG F 23 -28.93 16.90 -41.20
CA ARG F 23 -29.97 17.79 -41.77
C ARG F 23 -30.47 18.80 -40.72
N LYS F 24 -30.46 20.09 -41.10
CA LYS F 24 -30.80 21.22 -40.20
C LYS F 24 -31.30 22.36 -41.08
N ASP F 25 -32.41 22.98 -40.73
CA ASP F 25 -32.95 24.14 -41.45
C ASP F 25 -32.29 25.45 -40.99
N ASP F 26 -32.36 26.50 -41.82
CA ASP F 26 -31.89 27.85 -41.46
C ASP F 26 -33.05 28.86 -41.35
N ARG F 27 -32.72 30.16 -41.23
CA ARG F 27 -33.72 31.25 -41.21
C ARG F 27 -34.70 31.19 -42.39
N THR F 28 -34.20 30.85 -43.56
CA THR F 28 -35.02 30.71 -44.77
C THR F 28 -35.81 29.36 -44.76
N GLY F 29 -35.31 28.37 -44.03
CA GLY F 29 -35.85 26.99 -44.06
C GLY F 29 -35.36 26.10 -45.22
N THR F 30 -34.40 26.60 -46.02
CA THR F 30 -33.85 25.90 -47.21
C THR F 30 -32.97 24.71 -46.90
N GLY F 31 -32.33 24.67 -45.74
CA GLY F 31 -31.89 23.35 -45.25
C GLY F 31 -30.46 23.05 -45.65
N THR F 32 -29.73 22.39 -44.75
CA THR F 32 -28.29 22.32 -44.81
C THR F 32 -27.88 20.98 -44.27
N LEU F 33 -26.68 20.55 -44.63
CA LEU F 33 -25.95 19.61 -43.83
C LEU F 33 -25.02 20.42 -42.91
N SER F 34 -24.88 19.98 -41.66
CA SER F 34 -24.33 20.84 -40.62
C SER F 34 -23.50 20.10 -39.56
N VAL F 35 -22.31 20.63 -39.28
CA VAL F 35 -21.48 20.20 -38.14
C VAL F 35 -21.23 21.42 -37.25
N PHE F 36 -21.26 21.23 -35.93
CA PHE F 36 -20.97 22.29 -35.02
C PHE F 36 -19.58 22.12 -34.43
N GLY F 37 -18.74 23.16 -34.59
CA GLY F 37 -17.35 23.11 -34.12
C GLY F 37 -16.41 22.52 -35.13
N MET F 38 -15.67 23.34 -35.88
CA MET F 38 -14.56 22.88 -36.71
C MET F 38 -13.41 23.88 -36.63
N GLN F 39 -12.22 23.43 -36.98
CA GLN F 39 -11.03 24.26 -36.94
C GLN F 39 -10.06 23.84 -38.06
N ALA F 40 -9.64 24.81 -38.86
CA ALA F 40 -8.58 24.58 -39.84
C ALA F 40 -7.44 25.57 -39.62
N ARG F 41 -6.23 25.20 -40.06
CA ARG F 41 -5.06 26.07 -39.90
C ARG F 41 -4.49 26.36 -41.29
N TYR F 42 -4.44 27.64 -41.69
CA TYR F 42 -3.86 27.99 -42.99
C TYR F 42 -2.59 28.76 -42.75
N SER F 43 -1.47 28.20 -43.21
CA SER F 43 -0.19 28.90 -43.17
C SER F 43 -0.22 30.18 -44.02
N LEU F 44 0.42 31.23 -43.52
CA LEU F 44 0.53 32.49 -44.26
C LEU F 44 1.99 32.81 -44.66
N ARG F 45 2.91 31.87 -44.39
CA ARG F 45 4.37 32.07 -44.59
C ARG F 45 4.67 31.90 -46.07
N ASP F 46 4.92 33.01 -46.79
CA ASP F 46 5.25 33.04 -48.26
C ASP F 46 4.21 32.42 -49.18
N GLU F 47 2.95 32.51 -48.77
CA GLU F 47 1.82 31.92 -49.47
C GLU F 47 0.63 32.74 -48.94
N PHE F 48 -0.40 32.90 -49.78
CA PHE F 48 -1.66 33.53 -49.36
C PHE F 48 -2.85 32.60 -49.69
N PRO F 49 -3.69 32.25 -48.70
CA PRO F 49 -4.72 31.23 -48.90
C PRO F 49 -5.99 31.67 -49.64
N LEU F 50 -5.77 32.07 -50.88
CA LEU F 50 -6.88 32.33 -51.80
C LEU F 50 -7.22 31.04 -52.53
N LEU F 51 -8.38 30.49 -52.26
CA LEU F 51 -8.70 29.11 -52.68
C LEU F 51 -8.65 28.94 -54.19
N THR F 52 -8.07 27.81 -54.64
CA THR F 52 -7.84 27.60 -56.08
C THR F 52 -8.86 26.65 -56.73
N THR F 53 -9.52 25.78 -55.97
CA THR F 53 -10.47 24.86 -56.61
C THR F 53 -11.75 25.53 -57.09
N LYS F 54 -11.98 26.77 -56.69
CA LYS F 54 -13.04 27.62 -57.21
C LYS F 54 -12.61 29.08 -56.98
N ARG F 55 -12.77 29.93 -58.01
CA ARG F 55 -12.29 31.31 -57.92
C ARG F 55 -13.02 32.09 -56.81
N VAL F 56 -12.24 32.77 -55.99
CA VAL F 56 -12.73 33.64 -54.92
C VAL F 56 -12.82 35.11 -55.39
N PHE F 57 -13.85 35.83 -54.97
CA PHE F 57 -14.08 37.23 -55.36
C PHE F 57 -13.12 38.16 -54.59
N TRP F 58 -11.85 38.14 -55.05
CA TRP F 58 -10.73 38.86 -54.42
C TRP F 58 -11.01 40.37 -54.24
N LYS F 59 -11.52 40.99 -55.30
CA LYS F 59 -11.82 42.43 -55.27
C LYS F 59 -12.79 42.73 -54.10
N GLY F 60 -13.88 41.96 -54.03
CA GLY F 60 -14.81 41.96 -52.90
C GLY F 60 -14.12 41.87 -51.56
N VAL F 61 -13.23 40.89 -51.40
CA VAL F 61 -12.51 40.69 -50.15
C VAL F 61 -11.80 41.96 -49.74
N LEU F 62 -11.02 42.53 -50.66
CA LEU F 62 -10.16 43.67 -50.37
C LEU F 62 -10.93 44.96 -50.13
N GLU F 63 -11.90 45.24 -51.01
CA GLU F 63 -12.71 46.46 -50.80
C GLU F 63 -13.50 46.40 -49.49
N GLU F 64 -14.11 45.25 -49.20
CA GLU F 64 -14.87 45.08 -47.96
C GLU F 64 -14.00 45.36 -46.75
N LEU F 65 -12.78 44.81 -46.76
CA LEU F 65 -11.91 45.03 -45.63
C LEU F 65 -11.54 46.51 -45.50
N LEU F 66 -11.21 47.19 -46.61
CA LEU F 66 -10.84 48.63 -46.51
C LEU F 66 -12.03 49.45 -45.99
N TRP F 67 -13.22 49.02 -46.40
CA TRP F 67 -14.46 49.63 -45.99
C TRP F 67 -14.62 49.49 -44.46
N PHE F 68 -14.38 48.29 -43.92
CA PHE F 68 -14.38 48.05 -42.46
C PHE F 68 -13.41 49.00 -41.75
N ILE F 69 -12.17 49.02 -42.22
CA ILE F 69 -11.10 49.82 -41.63
C ILE F 69 -11.43 51.33 -41.55
N LYS F 70 -12.07 51.88 -42.60
CA LYS F 70 -12.53 53.30 -42.59
C LYS F 70 -13.63 53.50 -41.53
N GLY F 71 -14.20 52.42 -40.99
CA GLY F 71 -15.27 52.53 -39.99
C GLY F 71 -16.63 52.73 -40.61
N SER F 72 -16.74 52.61 -41.94
CA SER F 72 -18.00 52.88 -42.63
C SER F 72 -19.04 51.82 -42.29
N THR F 73 -20.29 52.22 -42.21
CA THR F 73 -21.41 51.33 -42.02
C THR F 73 -22.42 51.62 -43.10
N ASN F 74 -21.94 52.13 -44.21
CA ASN F 74 -22.73 52.59 -45.32
C ASN F 74 -22.56 51.70 -46.56
N ALA F 75 -23.55 50.86 -46.82
CA ALA F 75 -23.50 49.91 -47.92
C ALA F 75 -23.18 50.59 -49.26
N LYS F 76 -23.72 51.79 -49.43
CA LYS F 76 -23.52 52.59 -50.65
C LYS F 76 -22.05 52.92 -50.92
N GLU F 77 -21.30 53.14 -49.84
CA GLU F 77 -19.88 53.42 -49.92
C GLU F 77 -19.05 52.25 -50.42
N LEU F 78 -19.47 51.03 -50.07
CA LEU F 78 -18.84 49.81 -50.62
C LEU F 78 -19.35 49.52 -52.06
N SER F 79 -20.63 49.79 -52.30
CA SER F 79 -21.24 49.57 -53.59
C SER F 79 -20.59 50.43 -54.69
N SER F 80 -20.14 51.61 -54.30
CA SER F 80 -19.51 52.52 -55.23
C SER F 80 -18.18 51.96 -55.72
N LYS F 81 -17.56 51.07 -54.93
CA LYS F 81 -16.31 50.43 -55.32
C LYS F 81 -16.51 49.20 -56.20
N GLY F 82 -17.75 48.94 -56.62
CA GLY F 82 -18.08 47.77 -57.47
C GLY F 82 -18.46 46.48 -56.73
N VAL F 83 -18.63 46.57 -55.41
CA VAL F 83 -18.83 45.41 -54.54
C VAL F 83 -20.22 45.50 -53.90
N LYS F 84 -21.10 44.65 -54.37
CA LYS F 84 -22.54 44.79 -54.09
C LYS F 84 -22.99 43.90 -52.91
N ILE F 85 -22.04 43.21 -52.26
CA ILE F 85 -22.37 42.11 -51.32
C ILE F 85 -23.22 42.54 -50.10
N TRP F 86 -23.12 43.78 -49.68
CA TRP F 86 -23.92 44.25 -48.59
C TRP F 86 -25.10 45.11 -49.03
N ASP F 87 -25.43 45.20 -50.32
CA ASP F 87 -26.49 46.14 -50.80
C ASP F 87 -27.90 45.80 -50.33
N ALA F 88 -28.24 44.52 -50.43
CA ALA F 88 -29.60 44.03 -50.15
C ALA F 88 -29.97 44.28 -48.67
N ASN F 89 -28.97 44.23 -47.80
CA ASN F 89 -29.15 44.49 -46.39
C ASN F 89 -29.29 45.97 -46.05
N GLY F 90 -29.02 46.83 -47.04
CA GLY F 90 -29.14 48.27 -46.86
C GLY F 90 -30.28 48.91 -47.63
N SER F 91 -31.00 48.10 -48.41
CA SER F 91 -32.09 48.60 -49.28
C SER F 91 -33.29 49.10 -48.46
N ARG F 92 -34.00 50.08 -49.02
CA ARG F 92 -35.19 50.65 -48.37
C ARG F 92 -36.13 49.54 -47.90
N ASP F 93 -36.40 48.58 -48.78
CA ASP F 93 -37.25 47.47 -48.42
C ASP F 93 -36.76 46.62 -47.25
N PHE F 94 -35.47 46.27 -47.27
CA PHE F 94 -34.92 45.43 -46.20
C PHE F 94 -34.89 46.18 -44.87
N LEU F 95 -34.45 47.43 -44.91
CA LEU F 95 -34.44 48.26 -43.71
C LEU F 95 -35.84 48.43 -43.10
N ASP F 96 -36.85 48.64 -43.98
CA ASP F 96 -38.26 48.78 -43.53
C ASP F 96 -38.72 47.51 -42.84
N SER F 97 -38.40 46.35 -43.43
CA SER F 97 -38.82 45.07 -42.83
C SER F 97 -38.27 44.86 -41.41
N LEU F 98 -37.18 45.56 -41.08
CA LEU F 98 -36.62 45.51 -39.74
C LEU F 98 -37.16 46.59 -38.78
N GLY F 99 -38.05 47.45 -39.30
CA GLY F 99 -38.71 48.49 -38.54
C GLY F 99 -37.91 49.78 -38.51
N PHE F 100 -36.89 49.87 -39.38
CA PHE F 100 -36.01 51.05 -39.49
C PHE F 100 -36.49 51.99 -40.59
N SER F 101 -37.73 52.45 -40.50
CA SER F 101 -38.30 53.32 -41.57
C SER F 101 -37.65 54.69 -41.69
N THR F 102 -37.09 55.19 -40.59
CA THR F 102 -36.51 56.53 -40.59
C THR F 102 -35.06 56.52 -41.10
N ARG F 103 -34.50 55.34 -41.30
CA ARG F 103 -33.09 55.19 -41.64
C ARG F 103 -32.84 55.44 -43.13
N GLU F 104 -31.75 56.14 -43.46
CA GLU F 104 -31.38 56.35 -44.87
C GLU F 104 -31.04 55.02 -45.54
N GLU F 105 -31.31 54.87 -46.84
CA GLU F 105 -30.92 53.70 -47.63
C GLU F 105 -29.37 53.51 -47.60
N GLY F 106 -28.90 52.28 -47.36
CA GLY F 106 -27.47 52.00 -47.16
C GLY F 106 -26.98 51.91 -45.72
N ASP F 107 -27.77 52.41 -44.77
CA ASP F 107 -27.35 52.47 -43.35
C ASP F 107 -27.59 51.11 -42.66
N LEU F 108 -26.55 50.34 -42.50
CA LEU F 108 -26.62 49.05 -41.94
C LEU F 108 -26.60 49.00 -40.45
N GLY F 109 -26.52 50.15 -39.81
CA GLY F 109 -26.44 50.19 -38.38
C GLY F 109 -25.03 49.97 -37.88
N PRO F 110 -24.90 49.65 -36.61
CA PRO F 110 -23.58 49.47 -36.03
C PRO F 110 -22.92 48.12 -36.28
N VAL F 111 -22.57 47.88 -37.52
CA VAL F 111 -21.88 46.68 -37.95
C VAL F 111 -20.36 46.79 -37.80
N TYR F 112 -19.63 45.86 -38.41
CA TYR F 112 -18.18 45.74 -38.36
C TYR F 112 -17.35 47.00 -38.22
N GLY F 113 -17.54 47.94 -39.13
CA GLY F 113 -16.85 49.20 -39.10
C GLY F 113 -16.98 49.98 -37.82
N PHE F 114 -18.19 50.12 -37.33
CA PHE F 114 -18.44 50.81 -36.14
C PHE F 114 -17.90 50.10 -34.90
N GLN F 115 -18.05 48.80 -34.85
CA GLN F 115 -17.58 48.00 -33.73
C GLN F 115 -16.07 47.96 -33.63
N TRP F 116 -15.40 47.82 -34.76
CA TRP F 116 -13.94 47.79 -34.78
C TRP F 116 -13.32 49.13 -34.34
N ARG F 117 -13.93 50.22 -34.78
CA ARG F 117 -13.40 51.59 -34.49
C ARG F 117 -14.03 52.35 -33.33
N HIS F 118 -15.25 51.98 -32.94
CA HIS F 118 -16.04 52.75 -31.94
C HIS F 118 -16.88 51.86 -31.03
N PHE F 119 -16.36 50.66 -30.66
CA PHE F 119 -17.11 49.76 -29.82
C PHE F 119 -17.61 50.46 -28.58
N GLY F 120 -18.93 50.41 -28.38
CA GLY F 120 -19.53 50.88 -27.15
C GLY F 120 -20.01 52.32 -27.23
N ALA F 121 -19.64 53.06 -28.27
CA ALA F 121 -20.20 54.40 -28.51
C ALA F 121 -21.69 54.27 -28.87
N GLU F 122 -22.39 55.38 -28.72
CA GLU F 122 -23.83 55.39 -29.01
C GLU F 122 -24.02 55.57 -30.52
N TYR F 123 -24.61 54.59 -31.21
CA TYR F 123 -24.82 54.74 -32.65
C TYR F 123 -25.96 55.66 -33.01
N ARG F 124 -25.71 56.60 -33.91
CA ARG F 124 -26.80 57.47 -34.35
C ARG F 124 -27.17 57.11 -35.79
N ASP F 125 -26.38 57.56 -36.76
CA ASP F 125 -26.55 57.05 -38.12
C ASP F 125 -25.20 56.87 -38.80
N MET F 126 -25.23 56.45 -40.07
CA MET F 126 -24.02 56.13 -40.79
C MET F 126 -23.17 57.35 -41.09
N GLU F 127 -23.79 58.53 -41.08
CA GLU F 127 -23.07 59.73 -41.48
C GLU F 127 -22.49 60.48 -40.28
N SER F 128 -22.92 60.12 -39.06
CA SER F 128 -22.47 60.79 -37.82
C SER F 128 -20.95 60.70 -37.62
N ASP F 129 -20.40 61.70 -36.95
CA ASP F 129 -18.99 61.73 -36.63
C ASP F 129 -18.85 61.01 -35.27
N TYR F 130 -17.99 59.99 -35.24
CA TYR F 130 -17.77 59.21 -34.03
C TYR F 130 -16.36 59.36 -33.48
N SER F 131 -15.65 60.39 -33.96
CA SER F 131 -14.27 60.68 -33.55
C SER F 131 -14.08 60.69 -32.04
N GLY F 132 -13.13 59.88 -31.58
CA GLY F 132 -12.81 59.76 -30.18
C GLY F 132 -13.90 59.14 -29.32
N GLN F 133 -14.97 58.61 -29.93
CA GLN F 133 -16.00 57.89 -29.16
C GLN F 133 -15.84 56.35 -29.24
N GLY F 134 -16.06 55.67 -28.10
CA GLY F 134 -15.98 54.21 -28.03
C GLY F 134 -14.56 53.71 -28.12
N VAL F 135 -14.40 52.38 -28.19
CA VAL F 135 -13.06 51.76 -28.20
C VAL F 135 -12.62 51.51 -29.62
N ASP F 136 -11.45 52.04 -29.96
CA ASP F 136 -10.85 51.77 -31.24
C ASP F 136 -10.11 50.44 -31.15
N GLN F 137 -10.85 49.33 -31.29
CA GLN F 137 -10.23 48.01 -31.11
C GLN F 137 -9.11 47.75 -32.12
N LEU F 138 -9.31 48.20 -33.37
CA LEU F 138 -8.34 47.97 -34.41
C LEU F 138 -6.98 48.60 -34.06
N GLN F 139 -6.97 49.86 -33.62
CA GLN F 139 -5.71 50.55 -33.29
C GLN F 139 -5.13 50.01 -31.97
N ARG F 140 -5.96 49.69 -30.95
CA ARG F 140 -5.43 49.08 -29.72
C ARG F 140 -4.76 47.76 -30.00
N VAL F 141 -5.29 46.99 -30.96
CA VAL F 141 -4.65 45.73 -31.39
C VAL F 141 -3.29 46.00 -32.01
N ILE F 142 -3.22 46.92 -32.95
CA ILE F 142 -1.94 47.33 -33.54
C ILE F 142 -0.96 47.77 -32.44
N ASP F 143 -1.43 48.62 -31.53
CA ASP F 143 -0.58 49.14 -30.46
C ASP F 143 -0.06 48.09 -29.51
N THR F 144 -0.93 47.16 -29.10
CA THR F 144 -0.56 46.06 -28.21
C THR F 144 0.46 45.16 -28.91
N ILE F 145 0.26 44.88 -30.21
CA ILE F 145 1.20 44.06 -30.94
C ILE F 145 2.61 44.66 -30.92
N LYS F 146 2.70 45.97 -31.16
CA LYS F 146 3.95 46.70 -31.13
C LYS F 146 4.60 46.72 -29.75
N THR F 147 3.87 47.12 -28.70
CA THR F 147 4.47 47.33 -27.38
C THR F 147 4.52 46.10 -26.44
N ASN F 148 3.60 45.16 -26.62
CA ASN F 148 3.58 44.00 -25.74
C ASN F 148 3.12 42.76 -26.52
N PRO F 149 3.96 42.25 -27.46
CA PRO F 149 3.58 41.10 -28.28
C PRO F 149 3.13 39.83 -27.52
N ASP F 150 3.60 39.63 -26.29
CA ASP F 150 3.27 38.44 -25.50
C ASP F 150 1.83 38.39 -24.97
N ASP F 151 1.14 39.53 -25.05
CA ASP F 151 -0.19 39.71 -24.52
C ASP F 151 -1.22 38.70 -25.06
N ARG F 152 -1.98 38.13 -24.14
CA ARG F 152 -3.00 37.15 -24.53
C ARG F 152 -4.41 37.69 -24.67
N ARG F 153 -4.54 38.99 -24.76
CA ARG F 153 -5.80 39.69 -24.87
C ARG F 153 -5.90 40.54 -26.15
N ILE F 154 -5.17 40.19 -27.20
CA ILE F 154 -5.22 40.96 -28.45
C ILE F 154 -6.44 40.52 -29.27
N ILE F 155 -7.57 41.13 -28.95
CA ILE F 155 -8.86 40.69 -29.43
C ILE F 155 -9.58 41.88 -30.02
N MET F 156 -10.22 41.65 -31.18
CA MET F 156 -11.09 42.64 -31.80
C MET F 156 -12.43 41.93 -31.92
N CYS F 157 -13.44 42.50 -31.28
CA CYS F 157 -14.75 41.85 -31.11
C CYS F 157 -15.86 42.62 -31.81
N ALA F 158 -16.58 41.93 -32.70
CA ALA F 158 -17.63 42.56 -33.49
C ALA F 158 -19.00 42.28 -32.90
N TRP F 159 -19.06 41.27 -32.02
CA TRP F 159 -20.29 40.86 -31.37
C TRP F 159 -20.57 41.80 -30.21
N ASN F 160 -21.59 42.62 -30.35
CA ASN F 160 -21.96 43.61 -29.34
C ASN F 160 -23.43 43.35 -29.01
N PRO F 161 -23.69 42.58 -27.94
CA PRO F 161 -25.10 42.30 -27.56
C PRO F 161 -26.00 43.53 -27.45
N ARG F 162 -25.52 44.65 -26.91
CA ARG F 162 -26.36 45.87 -26.84
C ARG F 162 -26.79 46.41 -28.22
N ASP F 163 -25.89 46.33 -29.19
CA ASP F 163 -26.12 46.86 -30.55
C ASP F 163 -26.79 45.89 -31.51
N LEU F 164 -26.81 44.59 -31.22
CA LEU F 164 -27.46 43.59 -32.14
C LEU F 164 -28.82 44.01 -32.74
N PRO F 165 -29.78 44.51 -31.92
CA PRO F 165 -31.09 44.87 -32.55
C PRO F 165 -31.02 46.03 -33.57
N LEU F 166 -29.96 46.83 -33.53
CA LEU F 166 -29.81 47.96 -34.47
C LEU F 166 -29.06 47.57 -35.77
N MET F 167 -28.46 46.40 -35.83
CA MET F 167 -27.74 45.99 -37.01
C MET F 167 -28.66 45.44 -38.07
N ALA F 168 -28.32 45.64 -39.34
CA ALA F 168 -29.06 45.04 -40.45
C ALA F 168 -28.92 43.50 -40.42
N LEU F 169 -27.79 43.00 -39.95
CA LEU F 169 -27.49 41.61 -39.76
C LEU F 169 -26.57 41.45 -38.59
N PRO F 170 -26.71 40.41 -37.80
CA PRO F 170 -25.67 40.15 -36.77
C PRO F 170 -24.41 39.54 -37.43
N PRO F 171 -23.21 39.94 -36.97
CA PRO F 171 -21.96 39.52 -37.66
C PRO F 171 -21.78 37.98 -37.63
N CYS F 172 -21.31 37.42 -38.75
CA CYS F 172 -20.86 36.04 -38.85
C CYS F 172 -19.53 35.91 -38.07
N HIS F 173 -18.76 36.99 -38.07
CA HIS F 173 -17.41 36.97 -37.49
C HIS F 173 -17.40 37.66 -36.16
N ALA F 174 -17.69 36.86 -35.14
CA ALA F 174 -17.94 37.34 -33.79
C ALA F 174 -16.72 38.03 -33.23
N LEU F 175 -15.55 37.42 -33.42
CA LEU F 175 -14.32 38.03 -32.94
C LEU F 175 -13.12 37.41 -33.63
N CYS F 176 -12.00 38.12 -33.55
CA CYS F 176 -10.73 37.51 -33.88
C CYS F 176 -9.70 37.83 -32.81
N GLN F 177 -8.71 36.94 -32.68
CA GLN F 177 -7.62 37.10 -31.72
C GLN F 177 -6.32 37.00 -32.46
N PHE F 178 -5.37 37.85 -32.07
CA PHE F 178 -4.01 37.83 -32.61
C PHE F 178 -3.00 37.28 -31.62
N TYR F 179 -1.88 36.81 -32.17
CA TYR F 179 -0.84 36.16 -31.40
C TYR F 179 0.55 36.34 -32.00
N VAL F 180 1.52 36.63 -31.14
CA VAL F 180 2.86 36.86 -31.62
C VAL F 180 3.87 35.93 -30.95
N VAL F 181 4.64 35.22 -31.78
CA VAL F 181 5.84 34.50 -31.31
C VAL F 181 6.83 34.41 -32.47
N ASN F 182 8.12 34.54 -32.16
CA ASN F 182 9.22 34.38 -33.16
C ASN F 182 9.06 35.34 -34.33
N SER F 183 8.69 36.59 -34.03
CA SER F 183 8.38 37.63 -35.03
C SER F 183 7.29 37.24 -36.07
N GLU F 184 6.44 36.28 -35.70
CA GLU F 184 5.32 35.90 -36.54
C GLU F 184 3.99 36.31 -35.92
N LEU F 185 3.12 36.89 -36.73
CA LEU F 185 1.77 37.27 -36.30
C LEU F 185 0.78 36.25 -36.80
N SER F 186 0.07 35.65 -35.85
CA SER F 186 -1.01 34.74 -36.18
C SER F 186 -2.37 35.36 -35.79
N CYS F 187 -3.41 34.87 -36.43
CA CYS F 187 -4.75 35.32 -36.17
C CYS F 187 -5.70 34.12 -36.10
N GLN F 188 -6.59 34.12 -35.13
CA GLN F 188 -7.67 33.14 -35.08
C GLN F 188 -9.02 33.83 -35.17
N LEU F 189 -9.90 33.33 -36.06
CA LEU F 189 -11.23 33.87 -36.21
C LEU F 189 -12.26 32.95 -35.58
N TYR F 190 -13.15 33.52 -34.75
CA TYR F 190 -14.33 32.81 -34.30
C TYR F 190 -15.50 33.19 -35.18
N GLN F 191 -15.88 32.31 -36.10
CA GLN F 191 -16.98 32.52 -37.04
C GLN F 191 -18.15 31.62 -36.64
N ARG F 192 -19.24 32.23 -36.23
CA ARG F 192 -20.38 31.54 -35.63
C ARG F 192 -21.16 30.69 -36.61
N SER F 193 -21.09 31.07 -37.90
CA SER F 193 -21.88 30.48 -38.95
C SER F 193 -21.13 30.54 -40.24
N GLY F 194 -21.01 29.40 -40.90
CA GLY F 194 -20.24 29.33 -42.13
C GLY F 194 -20.99 28.65 -43.28
N ASP F 195 -21.24 29.41 -44.33
CA ASP F 195 -21.69 28.81 -45.59
C ASP F 195 -20.42 28.28 -46.28
N MET F 196 -20.24 26.98 -46.26
CA MET F 196 -18.99 26.37 -46.71
C MET F 196 -18.76 26.56 -48.21
N GLY F 197 -19.84 26.46 -48.98
CA GLY F 197 -19.79 26.65 -50.44
C GLY F 197 -19.50 28.06 -50.93
N LEU F 198 -20.29 29.04 -50.47
CA LEU F 198 -20.20 30.45 -50.93
C LEU F 198 -19.42 31.41 -49.98
N GLY F 199 -19.64 31.33 -48.67
CA GLY F 199 -19.02 32.28 -47.75
C GLY F 199 -17.57 31.98 -47.40
N VAL F 200 -17.32 30.76 -46.90
CA VAL F 200 -16.08 30.42 -46.23
C VAL F 200 -14.80 30.80 -47.00
N PRO F 201 -14.70 30.52 -48.34
CA PRO F 201 -13.45 30.90 -49.04
C PRO F 201 -13.15 32.38 -48.95
N PHE F 202 -14.21 33.17 -49.13
CA PHE F 202 -14.16 34.63 -49.04
C PHE F 202 -13.77 34.99 -47.58
N ASN F 203 -14.44 34.35 -46.61
CA ASN F 203 -14.15 34.61 -45.22
C ASN F 203 -12.68 34.33 -44.87
N ILE F 204 -12.14 33.18 -45.30
CA ILE F 204 -10.73 32.84 -45.07
C ILE F 204 -9.82 33.95 -45.63
N ALA F 205 -10.11 34.37 -46.86
CA ALA F 205 -9.33 35.39 -47.50
C ALA F 205 -9.33 36.74 -46.74
N SER F 206 -10.47 37.14 -46.17
CA SER F 206 -10.58 38.42 -45.43
C SER F 206 -9.59 38.51 -44.28
N TYR F 207 -9.63 37.50 -43.43
CA TYR F 207 -8.86 37.54 -42.19
C TYR F 207 -7.40 37.23 -42.47
N ALA F 208 -7.11 36.44 -43.51
CA ALA F 208 -5.75 36.29 -43.95
C ALA F 208 -5.23 37.67 -44.39
N LEU F 209 -6.05 38.41 -45.16
CA LEU F 209 -5.66 39.74 -45.62
C LEU F 209 -5.46 40.69 -44.45
N LEU F 210 -6.37 40.64 -43.49
CA LEU F 210 -6.25 41.49 -42.29
C LEU F 210 -4.91 41.23 -41.59
N THR F 211 -4.54 39.94 -41.52
CA THR F 211 -3.32 39.57 -40.82
C THR F 211 -2.07 40.09 -41.56
N TYR F 212 -2.07 39.96 -42.87
CA TYR F 212 -1.03 40.55 -43.72
C TYR F 212 -0.92 42.07 -43.50
N MET F 213 -2.08 42.76 -43.41
CA MET F 213 -2.06 44.20 -43.17
C MET F 213 -1.41 44.55 -41.84
N ILE F 214 -1.85 43.89 -40.77
CA ILE F 214 -1.34 44.22 -39.43
C ILE F 214 0.13 43.85 -39.30
N ALA F 215 0.51 42.67 -39.82
CA ALA F 215 1.93 42.25 -39.91
C ALA F 215 2.82 43.29 -40.58
N HIS F 216 2.34 43.85 -41.69
CA HIS F 216 3.09 44.89 -42.42
C HIS F 216 3.24 46.15 -41.52
N ILE F 217 2.15 46.60 -40.91
CA ILE F 217 2.15 47.78 -40.02
C ILE F 217 3.08 47.60 -38.81
N THR F 218 3.22 46.37 -38.34
CA THR F 218 3.88 46.12 -37.06
C THR F 218 5.31 45.58 -37.23
N GLY F 219 5.73 45.40 -38.48
CA GLY F 219 7.06 44.86 -38.82
C GLY F 219 7.21 43.39 -38.47
N LEU F 220 6.14 42.62 -38.58
CA LEU F 220 6.19 41.21 -38.31
C LEU F 220 5.92 40.45 -39.58
N LYS F 221 6.21 39.14 -39.58
CA LYS F 221 5.90 38.25 -40.69
C LYS F 221 4.58 37.52 -40.42
N PRO F 222 3.74 37.37 -41.45
CA PRO F 222 2.52 36.55 -41.32
C PRO F 222 2.83 35.12 -40.83
N GLY F 223 2.03 34.61 -39.90
CA GLY F 223 2.25 33.25 -39.34
C GLY F 223 1.18 32.29 -39.79
N ASP F 224 0.22 32.03 -38.90
CA ASP F 224 -0.94 31.23 -39.27
C ASP F 224 -2.23 32.00 -39.20
N PHE F 225 -3.16 31.61 -40.06
CA PHE F 225 -4.54 31.95 -39.84
C PHE F 225 -5.31 30.73 -39.38
N ILE F 226 -5.93 30.84 -38.21
CA ILE F 226 -6.71 29.73 -37.64
C ILE F 226 -8.17 30.04 -37.75
N HIS F 227 -8.87 29.20 -38.50
CA HIS F 227 -10.26 29.37 -38.82
C HIS F 227 -11.10 28.41 -37.99
N THR F 228 -11.85 28.98 -37.06
CA THR F 228 -12.74 28.25 -36.18
C THR F 228 -14.16 28.56 -36.57
N LEU F 229 -14.94 27.47 -36.74
CA LEU F 229 -16.36 27.59 -37.04
C LEU F 229 -17.30 27.09 -35.92
N GLY F 230 -18.45 27.76 -35.84
CA GLY F 230 -19.59 27.30 -35.08
C GLY F 230 -20.41 26.36 -35.94
N ASP F 231 -21.52 26.87 -36.47
CA ASP F 231 -22.39 26.11 -37.33
C ASP F 231 -21.79 26.10 -38.72
N ALA F 232 -21.02 25.04 -39.02
CA ALA F 232 -20.42 24.85 -40.35
C ALA F 232 -21.38 24.09 -41.24
N HIS F 233 -21.89 24.73 -42.27
CA HIS F 233 -22.88 24.11 -43.09
C HIS F 233 -22.76 24.19 -44.59
N ILE F 234 -23.35 23.21 -45.24
CA ILE F 234 -23.43 23.18 -46.71
C ILE F 234 -24.91 23.20 -47.06
N TYR F 235 -25.31 24.11 -47.93
CA TYR F 235 -26.69 24.17 -48.42
C TYR F 235 -26.97 22.98 -49.35
N LEU F 236 -28.17 22.41 -49.27
CA LEU F 236 -28.47 21.20 -50.03
C LEU F 236 -28.31 21.37 -51.57
N ASN F 237 -28.71 22.52 -52.10
CA ASN F 237 -28.50 22.82 -53.53
C ASN F 237 -27.01 23.03 -53.90
N HIS F 238 -26.12 22.96 -52.92
CA HIS F 238 -24.69 23.03 -53.19
C HIS F 238 -23.99 21.67 -53.16
N ILE F 239 -24.72 20.61 -52.84
CA ILE F 239 -24.05 19.31 -52.68
C ILE F 239 -23.43 18.85 -54.01
N GLU F 240 -24.26 18.87 -55.06
CA GLU F 240 -23.81 18.41 -56.38
C GLU F 240 -22.65 19.23 -56.95
N PRO F 241 -22.77 20.58 -56.96
CA PRO F 241 -21.58 21.35 -57.38
C PRO F 241 -20.31 21.07 -56.58
N LEU F 242 -20.43 20.94 -55.24
CA LEU F 242 -19.26 20.73 -54.37
C LEU F 242 -18.63 19.36 -54.58
N LYS F 243 -19.48 18.37 -54.92
CA LYS F 243 -18.99 17.06 -55.31
C LYS F 243 -18.04 17.17 -56.53
N ILE F 244 -18.41 18.03 -57.50
CA ILE F 244 -17.55 18.31 -58.66
C ILE F 244 -16.26 19.00 -58.17
N GLN F 245 -16.41 19.97 -57.28
CA GLN F 245 -15.24 20.74 -56.79
C GLN F 245 -14.24 19.87 -56.03
N LEU F 246 -14.72 18.91 -55.26
CA LEU F 246 -13.83 18.03 -54.48
C LEU F 246 -12.86 17.20 -55.35
N GLN F 247 -13.27 16.99 -56.60
CA GLN F 247 -12.51 16.27 -57.61
C GLN F 247 -11.32 17.06 -58.17
N ARG F 248 -11.26 18.37 -57.94
CA ARG F 248 -10.20 19.16 -58.54
C ARG F 248 -9.03 19.21 -57.59
N GLU F 249 -7.84 19.20 -58.20
CA GLU F 249 -6.61 19.23 -57.46
C GLU F 249 -6.18 20.70 -57.28
N PRO F 250 -5.87 21.10 -56.02
CA PRO F 250 -5.48 22.50 -55.78
C PRO F 250 -4.21 22.83 -56.53
N ARG F 251 -4.15 24.06 -57.06
CA ARG F 251 -2.90 24.60 -57.57
C ARG F 251 -2.23 25.28 -56.39
N PRO F 252 -0.89 25.48 -56.46
CA PRO F 252 -0.22 26.21 -55.39
C PRO F 252 -0.88 27.55 -55.11
N PHE F 253 -0.86 27.94 -53.84
CA PHE F 253 -1.48 29.19 -53.41
C PHE F 253 -0.69 30.35 -54.02
N PRO F 254 -1.41 31.43 -54.41
CA PRO F 254 -0.74 32.65 -54.88
C PRO F 254 0.10 33.28 -53.76
N LYS F 255 0.82 34.34 -54.10
CA LYS F 255 1.43 35.19 -53.09
C LYS F 255 0.71 36.53 -53.04
N LEU F 256 0.78 37.19 -51.89
CA LEU F 256 0.27 38.53 -51.76
C LEU F 256 1.44 39.50 -51.62
N ARG F 257 1.58 40.47 -52.55
CA ARG F 257 2.61 41.52 -52.42
C ARG F 257 1.96 42.79 -51.93
N ILE F 258 2.64 43.44 -51.01
CA ILE F 258 2.29 44.77 -50.55
C ILE F 258 3.30 45.74 -51.18
N LEU F 259 2.79 46.60 -52.07
CA LEU F 259 3.62 47.30 -53.04
C LEU F 259 4.42 48.51 -52.55
N ARG F 260 4.12 49.04 -51.37
CA ARG F 260 4.91 50.14 -50.79
C ARG F 260 4.94 50.00 -49.25
N LYS F 261 5.84 50.72 -48.59
CA LYS F 261 5.89 50.74 -47.13
C LYS F 261 4.73 51.58 -46.60
N VAL F 262 3.87 51.02 -45.73
CA VAL F 262 2.68 51.72 -45.22
C VAL F 262 2.76 51.85 -43.68
N GLU F 263 2.47 53.06 -43.17
CA GLU F 263 2.73 53.40 -41.76
C GLU F 263 1.57 53.13 -40.80
N LYS F 264 0.38 53.51 -41.24
CA LYS F 264 -0.86 53.36 -40.44
C LYS F 264 -1.88 52.57 -41.25
N ILE F 265 -2.59 51.69 -40.56
CA ILE F 265 -3.62 50.85 -41.19
C ILE F 265 -4.64 51.64 -42.05
N ASP F 266 -4.92 52.87 -41.67
CA ASP F 266 -5.86 53.73 -42.40
C ASP F 266 -5.34 54.13 -43.78
N ASP F 267 -4.02 54.14 -43.96
CA ASP F 267 -3.36 54.52 -45.23
C ASP F 267 -3.40 53.49 -46.37
N PHE F 268 -3.77 52.25 -46.08
CA PHE F 268 -3.82 51.22 -47.15
C PHE F 268 -4.84 51.58 -48.20
N LYS F 269 -4.43 51.47 -49.47
CA LYS F 269 -5.35 51.62 -50.59
C LYS F 269 -5.35 50.31 -51.35
N ALA F 270 -6.41 50.06 -52.12
CA ALA F 270 -6.53 48.83 -52.90
C ALA F 270 -5.32 48.56 -53.80
N GLU F 271 -4.75 49.62 -54.33
CA GLU F 271 -3.66 49.57 -55.32
C GLU F 271 -2.36 49.20 -54.66
N ASP F 272 -2.30 49.26 -53.32
CA ASP F 272 -1.14 48.75 -52.60
C ASP F 272 -0.99 47.24 -52.65
N PHE F 273 -2.02 46.52 -53.09
CA PHE F 273 -2.04 45.05 -52.99
C PHE F 273 -2.01 44.34 -54.32
N GLN F 274 -1.18 43.30 -54.43
CA GLN F 274 -1.13 42.52 -55.66
C GLN F 274 -1.10 41.02 -55.37
N ILE F 275 -2.07 40.34 -55.97
CA ILE F 275 -2.16 38.92 -55.93
C ILE F 275 -1.32 38.38 -57.08
N GLU F 276 -0.37 37.54 -56.75
CA GLU F 276 0.62 37.10 -57.72
C GLU F 276 0.52 35.61 -57.92
N GLY F 277 0.33 35.19 -59.17
CA GLY F 277 0.36 33.78 -59.55
C GLY F 277 -0.92 33.05 -59.13
N TYR F 278 -2.07 33.72 -59.26
CA TYR F 278 -3.30 33.12 -58.83
C TYR F 278 -3.88 32.32 -60.00
N ASN F 279 -4.15 31.03 -59.78
CA ASN F 279 -4.47 30.11 -60.80
C ASN F 279 -5.73 29.28 -60.57
N PRO F 280 -6.88 29.92 -60.36
CA PRO F 280 -8.02 29.08 -60.04
C PRO F 280 -8.62 28.26 -61.18
N HIS F 281 -9.21 27.10 -60.84
CA HIS F 281 -10.11 26.34 -61.70
C HIS F 281 -11.34 27.22 -62.05
N PRO F 282 -11.97 27.01 -63.22
CA PRO F 282 -13.17 27.82 -63.62
C PRO F 282 -14.39 27.61 -62.73
N THR F 283 -15.27 28.62 -62.61
CA THR F 283 -16.55 28.55 -61.81
C THR F 283 -17.56 27.37 -62.04
P PO4 G . -13.22 -2.07 -1.63
O1 PO4 G . -12.86 -3.50 -1.31
O2 PO4 G . -12.23 -1.53 -2.63
O3 PO4 G . -13.18 -1.24 -0.37
O4 PO4 G . -14.61 -2.03 -2.23
P PO4 H . 47.16 -19.05 33.36
O1 PO4 H . 47.06 -20.41 34.02
O2 PO4 H . 46.88 -19.19 31.89
O3 PO4 H . 48.56 -18.51 33.56
O4 PO4 H . 46.17 -18.11 33.98
P PO4 I . -3.82 36.06 -19.00
O1 PO4 I . -3.96 34.88 -19.92
O2 PO4 I . -2.46 36.03 -18.34
O3 PO4 I . -4.89 36.01 -17.93
O4 PO4 I . -3.96 37.34 -19.78
P PO4 J . -30.61 -18.48 19.11
O1 PO4 J . -30.99 -17.10 18.62
O2 PO4 J . -30.84 -18.58 20.59
O3 PO4 J . -29.16 -18.74 18.80
O4 PO4 J . -31.47 -19.50 18.39
P PO4 K . 23.31 -20.06 12.55
O1 PO4 K . 24.32 -20.35 11.47
O2 PO4 K . 21.94 -20.48 12.08
O3 PO4 K . 23.67 -20.85 13.79
O4 PO4 K . 23.31 -18.58 12.86
P PO4 L . -27.22 33.41 -40.33
O1 PO4 L . -26.75 34.78 -39.87
O2 PO4 L . -28.61 33.54 -40.90
O3 PO4 L . -26.29 32.88 -41.38
O4 PO4 L . -27.25 32.48 -39.14
#